data_7W6S
#
_entry.id   7W6S
#
_cell.length_a   1.00
_cell.length_b   1.00
_cell.length_c   1.00
_cell.angle_alpha   90.00
_cell.angle_beta   90.00
_cell.angle_gamma   90.00
#
_symmetry.space_group_name_H-M   'P 1'
#
loop_
_entity.id
_entity.type
_entity.pdbx_description
1 polymer 'Kv channel-interacting protein 2'
2 polymer 'Isoform 2 of Potassium voltage-gated channel subfamily D member 3'
#
loop_
_entity_poly.entity_id
_entity_poly.type
_entity_poly.pdbx_seq_one_letter_code
_entity_poly.pdbx_strand_id
1 'polypeptide(L)'
;MRGQGRKESLSDSRDLDGSYDQLTGHPPGPTKKALKQRFLKLLPCCGPQALPSVSETLAAPASLRPHRPRLLDPDSVDDE
FELSTVCHRPEGLEQLQEQTKFTRKELQVLYRGFKNECPSGIVNEENFKQIYSQFFPQGDSSTYATFLFNAFDTNHDGSV
SFEDFVAGLSVILRGTVDDRLNWAFNLYDLNKDGCITKEEMLDIMKSIYDMMGKYTYPALREEAPREHVESFFQKMDRNK
DGVVTIEEFIESCQKDENIMRSMQLFDNVILEGGSSGGHHHHHHHH
;
A,C,E,G
2 'polypeptide(L)'
;MAAGVAAWLPFARAAAIGWMPVANCPMPLAPADKNKRQDELIVLNVSGRRFQTWRTTLERYPDTLLGSTEKEFFFNEDTK
EYFFDRDPEVFRCVLNFYRTGKLHYPRYECISAYDDELAFYGILPEIIGDCCYEEYKDRKRENAERLMDDNDSENNQESM
PSLSFRQTMWRAFENPHTSTLALVFYYVTGFFIAVSVITNVVETVPCGTVPGSKELPCGERYSVAFFCLDTACVMIFTVE
YLLRLFAAPSRYRFIRSVMSIIDVVAIMPYYIGLVMTNNEDVSGAFVTLRVFRVFRIFKFSRHSQGLRILGYTLKSCASE
LGFLLFSLTMAIIIFATVMFYAEKGSSASKFTSIPASFWYTIVTMTTLGYGDMVPKTIAGKIFGSICSLSGVLVIALPVP
VIVSNFSRIYHQNQRADKRRAQKKARLARIRVAKTGSSNAYLHSKRNGLLNEALELTGTPEEEHMGKTTSLIESQHHHLL
HCLEKTTNHEFIDEQMFEQNCMESSMQNYPSTRSPSLSSHPGLTTTCCSRRSKKTTHLPNSNLPATRLRSMQELSTIHIQ
GSEQPSLTTSRSSLNLKADDGLRPNCKTSQITTAIISIPTPPALTPEGESRPPPASPGPNTNIPSIASNVVKVSAL
;
B,D,F,H
#
# COMPACT_ATOMS: atom_id res chain seq x y z
N GLY A 92 4.84 29.03 -35.35
CA GLY A 92 6.27 28.89 -35.47
C GLY A 92 7.04 30.09 -34.95
N LEU A 93 8.28 29.87 -34.55
CA LEU A 93 9.09 30.97 -34.01
C LEU A 93 9.53 31.93 -35.10
N GLU A 94 9.71 31.44 -36.33
CA GLU A 94 10.22 32.30 -37.40
C GLU A 94 9.11 33.17 -38.00
N GLN A 95 7.94 32.58 -38.23
CA GLN A 95 6.82 33.39 -38.71
C GLN A 95 6.44 34.45 -37.70
N LEU A 96 6.62 34.18 -36.41
CA LEU A 96 6.39 35.21 -35.40
C LEU A 96 7.56 36.19 -35.34
N GLN A 97 8.77 35.74 -35.67
CA GLN A 97 9.90 36.64 -35.81
C GLN A 97 9.66 37.68 -36.90
N GLU A 98 8.96 37.28 -37.96
CA GLU A 98 8.75 38.21 -39.07
C GLU A 98 7.44 38.99 -38.96
N GLN A 99 6.39 38.40 -38.40
CA GLN A 99 5.12 39.11 -38.28
C GLN A 99 5.16 40.25 -37.28
N THR A 100 5.97 40.14 -36.24
CA THR A 100 5.94 41.09 -35.14
C THR A 100 7.28 41.80 -35.04
N LYS A 101 7.27 42.99 -34.45
CA LYS A 101 8.48 43.79 -34.31
C LYS A 101 9.38 43.30 -33.18
N PHE A 102 9.14 42.11 -32.65
CA PHE A 102 9.92 41.62 -31.53
C PHE A 102 11.15 40.85 -32.01
N THR A 103 12.13 40.75 -31.12
CA THR A 103 13.30 39.94 -31.39
C THR A 103 13.06 38.52 -30.90
N ARG A 104 14.05 37.66 -31.09
CA ARG A 104 13.83 36.24 -30.79
C ARG A 104 13.80 35.98 -29.30
N LYS A 105 14.73 36.58 -28.55
CA LYS A 105 14.76 36.35 -27.11
C LYS A 105 13.55 36.95 -26.42
N GLU A 106 13.08 38.10 -26.91
CA GLU A 106 11.85 38.68 -26.38
C GLU A 106 10.65 37.84 -26.71
N LEU A 107 10.68 37.08 -27.81
CA LEU A 107 9.59 36.15 -28.07
C LEU A 107 9.67 34.94 -27.15
N GLN A 108 10.89 34.45 -26.90
CA GLN A 108 11.04 33.30 -26.03
C GLN A 108 10.59 33.62 -24.61
N VAL A 109 10.97 34.78 -24.09
CA VAL A 109 10.57 35.16 -22.73
C VAL A 109 9.06 35.23 -22.61
N LEU A 110 8.40 35.95 -23.52
CA LEU A 110 6.95 36.04 -23.55
C LEU A 110 6.28 34.69 -23.68
N TYR A 111 6.81 33.79 -24.52
CA TYR A 111 6.16 32.50 -24.65
C TYR A 111 6.32 31.66 -23.39
N ARG A 112 7.50 31.70 -22.77
CA ARG A 112 7.69 30.91 -21.56
C ARG A 112 6.74 31.40 -20.47
N GLY A 113 6.62 32.71 -20.32
CA GLY A 113 5.68 33.24 -19.34
C GLY A 113 4.23 32.91 -19.66
N PHE A 114 3.82 33.13 -20.91
CA PHE A 114 2.45 32.86 -21.33
C PHE A 114 2.08 31.40 -21.07
N LYS A 115 2.91 30.47 -21.56
CA LYS A 115 2.58 29.07 -21.39
C LYS A 115 2.70 28.61 -19.94
N ASN A 116 3.59 29.24 -19.17
CA ASN A 116 3.66 28.94 -17.76
C ASN A 116 2.38 29.34 -17.04
N GLU A 117 1.72 30.41 -17.47
CA GLU A 117 0.48 30.82 -16.84
C GLU A 117 -0.76 30.11 -17.36
N CYS A 118 -0.70 29.54 -18.55
CA CYS A 118 -1.85 28.85 -19.14
C CYS A 118 -1.41 27.88 -20.23
N PRO A 119 -0.98 26.67 -19.88
CA PRO A 119 -0.34 25.78 -20.85
C PRO A 119 -1.34 25.15 -21.81
N SER A 120 -1.39 25.68 -23.03
CA SER A 120 -2.00 25.03 -24.19
C SER A 120 -3.51 24.88 -24.07
N GLY A 121 -4.05 25.15 -22.89
CA GLY A 121 -5.46 25.50 -22.74
C GLY A 121 -5.49 27.00 -22.81
N ILE A 122 -5.27 27.53 -24.02
CA ILE A 122 -4.55 28.78 -24.21
C ILE A 122 -5.08 29.91 -23.32
N VAL A 123 -6.31 30.37 -23.54
CA VAL A 123 -7.09 31.14 -22.57
C VAL A 123 -8.54 31.16 -23.02
N ASN A 124 -9.45 30.99 -22.08
CA ASN A 124 -10.86 31.29 -22.27
C ASN A 124 -11.15 32.61 -21.58
N GLU A 125 -12.29 33.20 -21.93
CA GLU A 125 -12.59 34.55 -21.48
C GLU A 125 -12.67 34.66 -19.97
N GLU A 126 -12.74 33.53 -19.26
CA GLU A 126 -12.81 33.61 -17.81
C GLU A 126 -11.43 33.62 -17.16
N ASN A 127 -10.46 32.90 -17.72
CA ASN A 127 -9.11 32.91 -17.15
C ASN A 127 -8.38 34.21 -17.42
N PHE A 128 -8.71 34.88 -18.53
CA PHE A 128 -8.19 36.22 -18.79
C PHE A 128 -8.47 37.16 -17.62
N LYS A 129 -9.73 37.20 -17.18
CA LYS A 129 -10.11 38.06 -16.09
C LYS A 129 -9.44 37.64 -14.78
N GLN A 130 -9.29 36.34 -14.58
CA GLN A 130 -8.61 35.88 -13.37
C GLN A 130 -7.13 36.25 -13.40
N ILE A 131 -6.57 36.40 -14.59
CA ILE A 131 -5.17 36.84 -14.71
C ILE A 131 -5.05 38.33 -14.40
N TYR A 132 -5.99 39.13 -14.91
CA TYR A 132 -6.01 40.54 -14.53
C TYR A 132 -6.21 40.72 -13.04
N SER A 133 -7.05 39.89 -12.43
CA SER A 133 -7.42 40.08 -11.03
C SER A 133 -6.21 40.14 -10.12
N GLN A 134 -5.05 39.67 -10.58
CA GLN A 134 -3.85 39.72 -9.76
C GLN A 134 -3.25 41.11 -9.70
N PHE A 135 -3.44 41.93 -10.74
CA PHE A 135 -2.79 43.23 -10.81
C PHE A 135 -3.62 44.35 -10.21
N PHE A 136 -4.94 44.17 -10.07
CA PHE A 136 -5.83 45.21 -9.59
C PHE A 136 -6.53 44.74 -8.33
N PRO A 137 -5.85 44.75 -7.18
CA PRO A 137 -6.56 44.64 -5.91
C PRO A 137 -7.40 45.90 -5.69
N GLN A 138 -8.09 45.99 -4.56
CA GLN A 138 -8.89 47.14 -4.13
C GLN A 138 -9.93 47.55 -5.16
N GLY A 139 -10.19 46.72 -6.18
CA GLY A 139 -11.14 47.11 -7.20
C GLY A 139 -11.73 45.91 -7.91
N ASP A 140 -12.51 46.20 -8.96
CA ASP A 140 -13.14 45.19 -9.79
C ASP A 140 -12.78 45.45 -11.25
N SER A 141 -12.13 44.48 -11.87
CA SER A 141 -11.59 44.64 -13.23
C SER A 141 -12.26 43.75 -14.26
N SER A 142 -13.27 42.97 -13.87
CA SER A 142 -13.79 41.92 -14.75
C SER A 142 -14.40 42.49 -16.03
N THR A 143 -15.16 43.58 -15.90
CA THR A 143 -15.85 44.10 -17.07
C THR A 143 -14.88 44.70 -18.09
N TYR A 144 -13.86 45.41 -17.63
CA TYR A 144 -12.89 45.96 -18.57
C TYR A 144 -12.05 44.85 -19.20
N ALA A 145 -11.69 43.85 -18.40
CA ALA A 145 -11.05 42.66 -18.93
C ALA A 145 -11.87 42.06 -20.07
N THR A 146 -13.18 41.91 -19.86
CA THR A 146 -14.04 41.41 -20.92
C THR A 146 -14.06 42.36 -22.11
N PHE A 147 -13.97 43.66 -21.87
CA PHE A 147 -14.03 44.63 -22.96
C PHE A 147 -12.82 44.49 -23.87
N LEU A 148 -11.64 44.28 -23.31
CA LEU A 148 -10.49 44.21 -24.20
C LEU A 148 -10.11 42.77 -24.59
N PHE A 149 -10.70 41.77 -23.94
CA PHE A 149 -10.50 40.39 -24.40
C PHE A 149 -11.00 40.22 -25.82
N ASN A 150 -12.09 40.91 -26.17
CA ASN A 150 -12.58 40.84 -27.54
C ASN A 150 -11.77 41.73 -28.48
N ALA A 151 -11.07 42.73 -27.95
CA ALA A 151 -10.15 43.50 -28.78
C ALA A 151 -8.94 42.65 -29.16
N PHE A 152 -8.45 41.83 -28.22
CA PHE A 152 -7.31 40.99 -28.54
C PHE A 152 -7.69 39.78 -29.38
N ASP A 153 -8.95 39.34 -29.31
CA ASP A 153 -9.43 38.21 -30.10
C ASP A 153 -9.69 38.70 -31.52
N THR A 154 -8.66 38.65 -32.36
CA THR A 154 -8.74 39.14 -33.72
C THR A 154 -9.84 38.41 -34.51
N ASN A 155 -9.68 37.10 -34.70
CA ASN A 155 -10.82 36.30 -35.09
C ASN A 155 -11.77 36.17 -33.90
N HIS A 156 -13.02 35.81 -34.18
CA HIS A 156 -14.00 35.85 -33.10
C HIS A 156 -14.18 34.49 -32.48
N ASP A 157 -13.09 33.72 -32.41
CA ASP A 157 -13.09 32.45 -31.71
C ASP A 157 -13.40 32.66 -30.22
N GLY A 158 -13.59 31.56 -29.52
CA GLY A 158 -13.79 31.66 -28.08
C GLY A 158 -12.52 31.78 -27.26
N SER A 159 -11.35 31.79 -27.89
CA SER A 159 -10.09 31.74 -27.17
C SER A 159 -9.08 32.68 -27.80
N VAL A 160 -8.05 33.01 -27.02
CA VAL A 160 -6.93 33.82 -27.48
C VAL A 160 -5.70 32.93 -27.53
N SER A 161 -5.07 32.85 -28.68
CA SER A 161 -3.88 32.04 -28.84
C SER A 161 -2.63 32.86 -28.54
N PHE A 162 -1.47 32.31 -28.85
CA PHE A 162 -0.24 33.06 -28.60
C PHE A 162 0.01 34.09 -29.68
N GLU A 163 -0.38 33.79 -30.93
CA GLU A 163 -0.24 34.80 -31.97
C GLU A 163 -1.22 35.95 -31.77
N ASP A 164 -2.44 35.65 -31.31
CA ASP A 164 -3.35 36.72 -30.93
C ASP A 164 -2.76 37.60 -29.84
N PHE A 165 -2.16 36.98 -28.84
CA PHE A 165 -1.54 37.70 -27.74
C PHE A 165 -0.40 38.58 -28.21
N VAL A 166 0.51 38.02 -29.01
CA VAL A 166 1.77 38.70 -29.31
C VAL A 166 1.58 39.72 -30.43
N ALA A 167 0.66 39.49 -31.36
CA ALA A 167 0.37 40.51 -32.37
C ALA A 167 -0.22 41.75 -31.73
N GLY A 168 -1.18 41.56 -30.82
CA GLY A 168 -1.72 42.67 -30.05
C GLY A 168 -0.70 43.38 -29.19
N LEU A 169 0.21 42.63 -28.57
CA LEU A 169 1.27 43.30 -27.82
C LEU A 169 2.21 44.09 -28.73
N SER A 170 2.48 43.60 -29.94
CA SER A 170 3.41 44.31 -30.83
C SER A 170 2.76 45.57 -31.41
N VAL A 171 1.47 45.50 -31.72
CA VAL A 171 0.79 46.66 -32.30
C VAL A 171 0.63 47.76 -31.25
N ILE A 172 0.86 47.43 -29.98
CA ILE A 172 0.74 48.43 -28.92
C ILE A 172 2.11 48.92 -28.49
N LEU A 173 3.06 48.01 -28.25
CA LEU A 173 4.35 48.35 -27.69
C LEU A 173 5.39 48.77 -28.72
N ARG A 174 5.22 48.36 -29.97
CA ARG A 174 6.20 48.64 -31.01
C ARG A 174 5.64 49.42 -32.19
N GLY A 175 4.33 49.50 -32.34
CA GLY A 175 3.74 50.21 -33.46
C GLY A 175 3.92 51.71 -33.36
N THR A 176 3.32 52.40 -34.31
CA THR A 176 3.36 53.86 -34.34
C THR A 176 2.26 54.43 -33.44
N VAL A 177 2.27 55.75 -33.27
CA VAL A 177 1.24 56.41 -32.48
C VAL A 177 -0.12 56.26 -33.14
N ASP A 178 -0.16 56.34 -34.47
CA ASP A 178 -1.41 56.12 -35.20
C ASP A 178 -1.95 54.70 -34.98
N ASP A 179 -1.07 53.70 -34.94
CA ASP A 179 -1.52 52.33 -34.72
C ASP A 179 -2.09 52.16 -33.32
N ARG A 180 -1.42 52.73 -32.31
CA ARG A 180 -1.95 52.69 -30.95
C ARG A 180 -3.31 53.38 -30.88
N LEU A 181 -3.45 54.50 -31.58
CA LEU A 181 -4.73 55.22 -31.56
C LEU A 181 -5.82 54.42 -32.25
N ASN A 182 -5.50 53.74 -33.35
CA ASN A 182 -6.48 52.88 -34.00
C ASN A 182 -6.90 51.75 -33.08
N TRP A 183 -5.95 51.14 -32.39
CA TRP A 183 -6.29 50.10 -31.42
C TRP A 183 -7.20 50.64 -30.33
N ALA A 184 -6.89 51.83 -29.81
CA ALA A 184 -7.71 52.43 -28.76
C ALA A 184 -9.13 52.68 -29.26
N PHE A 185 -9.25 53.30 -30.42
CA PHE A 185 -10.57 53.59 -30.99
C PHE A 185 -11.36 52.30 -31.20
N ASN A 186 -10.73 51.28 -31.77
CA ASN A 186 -11.43 50.02 -32.00
C ASN A 186 -11.82 49.35 -30.70
N LEU A 187 -11.08 49.63 -29.62
CA LEU A 187 -11.53 49.18 -28.30
C LEU A 187 -12.76 49.95 -27.85
N TYR A 188 -12.75 51.28 -28.01
CA TYR A 188 -13.87 52.09 -27.55
C TYR A 188 -15.13 51.81 -28.36
N ASP A 189 -15.01 51.77 -29.67
CA ASP A 189 -16.15 51.42 -30.52
C ASP A 189 -16.52 49.96 -30.29
N LEU A 190 -17.77 49.73 -29.85
CA LEU A 190 -18.18 48.38 -29.48
C LEU A 190 -18.65 47.57 -30.68
N ASN A 191 -19.63 48.07 -31.43
CA ASN A 191 -20.16 47.34 -32.57
C ASN A 191 -19.26 47.40 -33.79
N LYS A 192 -18.09 48.04 -33.69
CA LYS A 192 -17.12 48.12 -34.78
C LYS A 192 -17.72 48.73 -36.04
N ASP A 193 -18.60 49.71 -35.87
CA ASP A 193 -19.22 50.37 -37.01
C ASP A 193 -18.39 51.52 -37.56
N GLY A 194 -17.52 52.11 -36.75
CA GLY A 194 -16.74 53.28 -37.14
C GLY A 194 -17.13 54.55 -36.41
N CYS A 195 -18.08 54.50 -35.49
CA CYS A 195 -18.55 55.68 -34.77
C CYS A 195 -18.93 55.28 -33.35
N ILE A 196 -18.62 56.15 -32.40
CA ILE A 196 -18.90 55.90 -30.99
C ILE A 196 -20.06 56.78 -30.56
N THR A 197 -21.12 56.16 -30.04
CA THR A 197 -22.23 56.88 -29.45
C THR A 197 -22.02 57.00 -27.95
N LYS A 198 -22.84 57.82 -27.32
CA LYS A 198 -22.58 58.21 -25.93
C LYS A 198 -22.69 57.02 -24.99
N GLU A 199 -23.62 56.09 -25.26
CA GLU A 199 -23.77 54.93 -24.39
C GLU A 199 -22.61 53.95 -24.57
N GLU A 200 -22.11 53.80 -25.80
CA GLU A 200 -21.02 52.89 -26.06
C GLU A 200 -19.80 53.22 -25.21
N MET A 201 -19.40 54.50 -25.20
CA MET A 201 -18.25 54.88 -24.42
C MET A 201 -18.60 55.09 -22.95
N LEU A 202 -19.86 55.39 -22.65
CA LEU A 202 -20.32 55.39 -21.27
C LEU A 202 -20.06 54.05 -20.61
N ASP A 203 -20.27 52.95 -21.34
CA ASP A 203 -20.04 51.63 -20.77
C ASP A 203 -18.57 51.44 -20.42
N ILE A 204 -17.66 51.87 -21.30
CA ILE A 204 -16.24 51.72 -21.04
C ILE A 204 -15.80 52.61 -19.88
N MET A 205 -16.38 53.81 -19.79
CA MET A 205 -16.05 54.69 -18.66
C MET A 205 -16.51 54.08 -17.34
N LYS A 206 -17.71 53.50 -17.32
CA LYS A 206 -18.14 52.80 -16.11
C LYS A 206 -17.21 51.63 -15.81
N SER A 207 -16.74 50.93 -16.85
CA SER A 207 -15.85 49.80 -16.64
C SER A 207 -14.55 50.23 -15.98
N ILE A 208 -13.93 51.30 -16.49
CA ILE A 208 -12.70 51.78 -15.89
C ILE A 208 -12.94 52.32 -14.49
N TYR A 209 -14.10 52.94 -14.26
CA TYR A 209 -14.38 53.47 -12.92
C TYR A 209 -14.57 52.34 -11.91
N ASP A 210 -15.18 51.23 -12.33
CA ASP A 210 -15.35 50.09 -11.44
C ASP A 210 -14.01 49.58 -10.92
N MET A 211 -12.93 49.83 -11.65
CA MET A 211 -11.64 49.30 -11.26
C MET A 211 -11.05 50.03 -10.06
N MET A 212 -11.53 51.25 -9.77
CA MET A 212 -10.99 51.99 -8.65
C MET A 212 -11.42 51.36 -7.33
N GLY A 213 -12.65 50.84 -7.29
CA GLY A 213 -13.03 49.93 -6.24
C GLY A 213 -14.14 50.49 -5.39
N LYS A 214 -14.10 50.10 -4.11
CA LYS A 214 -15.14 50.48 -3.16
C LYS A 214 -15.06 51.96 -2.81
N TYR A 215 -13.93 52.39 -2.24
CA TYR A 215 -13.80 53.75 -1.75
C TYR A 215 -12.81 54.53 -2.59
N THR A 216 -13.28 55.65 -3.11
CA THR A 216 -12.42 56.66 -3.70
C THR A 216 -12.26 57.77 -2.68
N TYR A 217 -11.08 58.36 -2.62
CA TYR A 217 -10.77 59.32 -1.57
C TYR A 217 -11.65 60.57 -1.71
N PRO A 218 -11.88 61.08 -2.93
CA PRO A 218 -12.99 62.03 -3.11
C PRO A 218 -14.30 61.31 -3.37
N ALA A 219 -15.35 62.07 -3.67
CA ALA A 219 -16.70 61.52 -3.77
C ALA A 219 -16.79 60.56 -4.96
N LEU A 220 -17.90 59.82 -4.99
CA LEU A 220 -18.18 58.85 -6.04
C LEU A 220 -19.60 59.05 -6.54
N ARG A 221 -19.74 59.27 -7.85
CA ARG A 221 -21.03 59.62 -8.44
C ARG A 221 -21.25 58.80 -9.70
N GLU A 222 -22.38 59.06 -10.37
CA GLU A 222 -22.67 58.48 -11.68
C GLU A 222 -22.71 59.55 -12.76
N GLU A 223 -23.37 60.67 -12.46
CA GLU A 223 -23.30 61.80 -13.37
C GLU A 223 -21.90 62.39 -13.44
N ALA A 224 -21.01 61.99 -12.52
CA ALA A 224 -19.61 62.38 -12.68
C ALA A 224 -18.90 61.58 -13.78
N PRO A 225 -19.05 60.25 -13.87
CA PRO A 225 -18.68 59.57 -15.10
C PRO A 225 -19.40 60.10 -16.33
N ARG A 226 -20.65 60.55 -16.19
CA ARG A 226 -21.30 61.20 -17.31
C ARG A 226 -20.55 62.47 -17.72
N GLU A 227 -20.11 63.25 -16.73
CA GLU A 227 -19.32 64.45 -17.00
C GLU A 227 -17.97 64.12 -17.63
N HIS A 228 -17.38 62.97 -17.26
CA HIS A 228 -16.13 62.58 -17.89
C HIS A 228 -16.36 62.23 -19.36
N VAL A 229 -17.41 61.46 -19.65
CA VAL A 229 -17.80 61.22 -21.04
C VAL A 229 -18.05 62.53 -21.77
N GLU A 230 -18.66 63.51 -21.09
CA GLU A 230 -18.96 64.80 -21.71
C GLU A 230 -17.68 65.55 -22.04
N SER A 231 -16.73 65.58 -21.10
CA SER A 231 -15.45 66.24 -21.36
C SER A 231 -14.71 65.56 -22.50
N PHE A 232 -14.80 64.23 -22.59
CA PHE A 232 -14.19 63.52 -23.71
C PHE A 232 -14.80 63.94 -25.03
N PHE A 233 -16.13 63.86 -25.14
CA PHE A 233 -16.80 64.25 -26.38
C PHE A 233 -16.57 65.72 -26.69
N GLN A 234 -16.34 66.54 -25.66
CA GLN A 234 -15.96 67.93 -25.86
C GLN A 234 -14.60 68.04 -26.52
N LYS A 235 -13.60 67.37 -25.96
CA LYS A 235 -12.23 67.52 -26.43
C LYS A 235 -11.98 66.85 -27.77
N MET A 236 -12.72 65.80 -28.10
CA MET A 236 -12.37 64.99 -29.26
C MET A 236 -13.47 64.87 -30.31
N ASP A 237 -14.23 65.94 -30.58
CA ASP A 237 -15.29 65.88 -31.59
C ASP A 237 -15.40 67.23 -32.29
N ARG A 238 -15.38 67.19 -33.63
CA ARG A 238 -15.81 68.33 -34.44
C ARG A 238 -17.15 68.09 -35.11
N ASN A 239 -17.59 66.84 -35.22
CA ASN A 239 -18.90 66.53 -35.77
C ASN A 239 -20.02 67.28 -35.04
N LYS A 240 -19.91 67.43 -33.72
CA LYS A 240 -20.91 68.09 -32.89
C LYS A 240 -22.27 67.42 -32.97
N ASP A 241 -22.33 66.23 -33.59
CA ASP A 241 -23.55 65.43 -33.63
C ASP A 241 -23.57 64.39 -32.52
N GLY A 242 -22.86 64.63 -31.43
CA GLY A 242 -22.76 63.66 -30.36
C GLY A 242 -22.13 62.35 -30.75
N VAL A 243 -21.36 62.33 -31.84
CA VAL A 243 -20.75 61.11 -32.36
C VAL A 243 -19.31 61.41 -32.76
N VAL A 244 -18.39 60.57 -32.32
CA VAL A 244 -16.99 60.63 -32.73
C VAL A 244 -16.70 59.47 -33.65
N THR A 245 -15.89 59.72 -34.67
CA THR A 245 -15.55 58.74 -35.69
C THR A 245 -14.05 58.50 -35.69
N ILE A 246 -13.61 57.65 -36.64
CA ILE A 246 -12.22 57.22 -36.65
C ILE A 246 -11.28 58.38 -36.94
N GLU A 247 -11.54 59.13 -38.02
CA GLU A 247 -10.75 60.33 -38.30
C GLU A 247 -11.02 61.42 -37.27
N GLU A 248 -12.26 61.51 -36.80
CA GLU A 248 -12.59 62.41 -35.71
C GLU A 248 -11.70 62.20 -34.50
N PHE A 249 -11.53 60.96 -34.08
CA PHE A 249 -10.69 60.66 -32.92
C PHE A 249 -9.20 60.78 -33.26
N ILE A 250 -8.82 60.41 -34.48
CA ILE A 250 -7.39 60.40 -34.84
C ILE A 250 -6.85 61.83 -34.88
N GLU A 251 -7.49 62.70 -35.67
CA GLU A 251 -6.98 64.06 -35.81
C GLU A 251 -7.18 64.90 -34.56
N SER A 252 -8.21 64.61 -33.75
CA SER A 252 -8.43 65.37 -32.53
C SER A 252 -7.54 64.91 -31.38
N CYS A 253 -7.20 63.63 -31.36
CA CYS A 253 -6.35 63.08 -30.30
C CYS A 253 -4.87 63.36 -30.53
N GLN A 254 -4.50 63.79 -31.73
CA GLN A 254 -3.10 64.06 -32.03
C GLN A 254 -2.68 65.45 -31.54
N LYS A 255 -3.58 66.43 -31.63
CA LYS A 255 -3.21 67.81 -31.37
C LYS A 255 -2.83 68.04 -29.91
N ASP A 256 -3.31 67.19 -29.01
CA ASP A 256 -3.07 67.39 -27.59
C ASP A 256 -1.57 67.25 -27.28
N GLU A 257 -1.20 67.60 -26.05
CA GLU A 257 0.19 67.59 -25.62
C GLU A 257 0.47 66.54 -24.55
N ASN A 258 -0.29 66.57 -23.44
CA ASN A 258 0.00 65.68 -22.33
C ASN A 258 -0.30 64.24 -22.67
N ILE A 259 -1.35 63.98 -23.46
CA ILE A 259 -1.65 62.60 -23.82
C ILE A 259 -0.66 62.09 -24.86
N MET A 260 -0.06 63.00 -25.64
CA MET A 260 0.97 62.58 -26.58
C MET A 260 2.28 62.29 -25.87
N ARG A 261 2.55 62.98 -24.76
CA ARG A 261 3.65 62.60 -23.90
C ARG A 261 3.34 61.31 -23.16
N SER A 262 2.07 61.04 -22.92
CA SER A 262 1.69 59.79 -22.25
C SER A 262 1.86 58.59 -23.19
N MET A 263 1.34 58.69 -24.41
CA MET A 263 1.32 57.55 -25.31
C MET A 263 2.71 57.19 -25.84
N GLN A 264 3.77 57.83 -25.35
CA GLN A 264 5.12 57.33 -25.54
C GLN A 264 5.66 56.65 -24.30
N LEU A 265 4.79 56.32 -23.34
CA LEU A 265 5.20 55.52 -22.19
C LEU A 265 5.48 54.08 -22.61
N PHE A 266 4.77 53.59 -23.62
CA PHE A 266 4.81 52.20 -24.05
C PHE A 266 6.05 51.86 -24.87
N ASP A 267 7.02 52.76 -24.97
CA ASP A 267 8.21 52.51 -25.75
C ASP A 267 9.45 52.30 -24.90
N ASN A 268 9.42 52.70 -23.64
CA ASN A 268 10.62 52.69 -22.81
C ASN A 268 10.94 51.31 -22.27
N VAL A 269 10.03 50.74 -21.49
CA VAL A 269 10.27 49.48 -20.80
C VAL A 269 9.47 48.39 -21.51
N ILE A 270 10.17 47.38 -22.00
CA ILE A 270 9.54 46.26 -22.70
C ILE A 270 10.40 45.02 -22.61
N GLY B 4 4.08 36.11 -7.96
CA GLY B 4 3.72 34.94 -8.74
C GLY B 4 3.41 35.25 -10.18
N VAL B 5 2.48 36.17 -10.39
CA VAL B 5 2.10 36.62 -11.73
C VAL B 5 2.97 37.83 -12.05
N ALA B 6 4.02 37.61 -12.83
CA ALA B 6 4.94 38.66 -13.22
C ALA B 6 5.28 38.66 -14.69
N ALA B 7 4.86 37.64 -15.44
CA ALA B 7 5.15 37.59 -16.86
C ALA B 7 4.04 38.18 -17.72
N TRP B 8 2.91 38.54 -17.11
CA TRP B 8 1.85 39.26 -17.79
C TRP B 8 1.87 40.74 -17.47
N LEU B 9 2.85 41.20 -16.72
CA LEU B 9 2.93 42.60 -16.33
C LEU B 9 3.16 43.47 -17.57
N PRO B 10 4.03 43.07 -18.51
CA PRO B 10 4.04 43.77 -19.80
C PRO B 10 2.69 43.81 -20.46
N PHE B 11 1.91 42.75 -20.33
CA PHE B 11 0.58 42.74 -20.92
C PHE B 11 -0.34 43.75 -20.24
N ALA B 12 -0.23 43.88 -18.91
CA ALA B 12 -1.06 44.86 -18.20
C ALA B 12 -0.64 46.28 -18.57
N ARG B 13 0.66 46.54 -18.66
CA ARG B 13 1.11 47.85 -19.09
C ARG B 13 0.60 48.17 -20.49
N ALA B 14 0.61 47.19 -21.40
CA ALA B 14 0.08 47.41 -22.73
C ALA B 14 -1.42 47.61 -22.71
N ALA B 15 -2.12 46.93 -21.80
CA ALA B 15 -3.56 47.09 -21.68
C ALA B 15 -3.92 48.46 -21.14
N ALA B 16 -3.01 49.08 -20.41
CA ALA B 16 -3.24 50.41 -19.85
C ALA B 16 -3.36 51.48 -20.93
N ILE B 17 -3.33 51.07 -22.21
CA ILE B 17 -3.47 52.03 -23.29
C ILE B 17 -4.90 52.59 -23.34
N GLY B 18 -5.87 51.84 -22.82
CA GLY B 18 -7.24 52.30 -22.86
C GLY B 18 -7.50 53.53 -22.02
N TRP B 19 -6.63 53.82 -21.06
CA TRP B 19 -6.84 54.95 -20.16
C TRP B 19 -6.20 56.23 -20.67
N MET B 20 -5.15 56.14 -21.47
CA MET B 20 -4.41 57.34 -21.85
C MET B 20 -5.24 58.35 -22.65
N PRO B 21 -6.09 57.95 -23.61
CA PRO B 21 -6.92 58.98 -24.25
C PRO B 21 -7.98 59.56 -23.33
N VAL B 22 -8.48 58.77 -22.39
CA VAL B 22 -9.49 59.26 -21.46
C VAL B 22 -8.79 59.87 -20.25
N ALA B 23 -7.46 59.91 -20.30
CA ALA B 23 -6.68 60.55 -19.23
C ALA B 23 -6.56 62.05 -19.53
N ASN B 24 -7.73 62.67 -19.68
CA ASN B 24 -7.78 64.11 -19.83
C ASN B 24 -7.36 64.83 -18.55
N CYS B 25 -7.28 64.11 -17.44
CA CYS B 25 -6.51 64.59 -16.29
C CYS B 25 -5.10 64.93 -16.76
N PRO B 26 -4.58 66.11 -16.42
CA PRO B 26 -3.38 66.63 -17.10
C PRO B 26 -2.17 65.70 -17.10
N MET B 27 -1.69 65.31 -15.93
CA MET B 27 -0.39 64.67 -15.88
C MET B 27 -0.52 63.17 -15.71
N PRO B 28 0.11 62.37 -16.58
CA PRO B 28 0.36 60.97 -16.26
C PRO B 28 1.71 60.81 -15.58
N LEU B 29 1.75 59.86 -14.65
CA LEU B 29 2.92 59.73 -13.79
C LEU B 29 4.14 59.32 -14.61
N ALA B 30 5.28 59.88 -14.26
CA ALA B 30 6.53 59.53 -14.93
C ALA B 30 6.83 58.05 -14.71
N PRO B 31 7.40 57.37 -15.71
CA PRO B 31 7.66 55.94 -15.56
C PRO B 31 8.64 55.66 -14.43
N ALA B 32 8.58 54.43 -13.92
CA ALA B 32 9.41 54.00 -12.80
C ALA B 32 10.62 53.22 -13.28
N ASP B 33 11.20 53.62 -14.40
CA ASP B 33 12.31 52.88 -14.99
C ASP B 33 13.51 52.88 -14.05
N LYS B 34 14.10 51.71 -13.86
CA LYS B 34 15.28 51.52 -13.04
C LYS B 34 16.23 50.58 -13.79
N ASN B 35 17.39 50.32 -13.19
CA ASN B 35 18.33 49.37 -13.75
C ASN B 35 17.77 47.95 -13.66
N LYS B 36 17.62 47.30 -14.81
CA LYS B 36 17.08 45.95 -14.87
C LYS B 36 18.04 45.06 -15.65
N ARG B 37 18.29 43.87 -15.11
CA ARG B 37 19.16 42.90 -15.73
C ARG B 37 18.38 41.63 -16.04
N GLN B 38 18.80 40.95 -17.09
CA GLN B 38 18.03 39.83 -17.63
C GLN B 38 17.96 38.67 -16.62
N ASP B 39 17.03 37.76 -16.88
CA ASP B 39 17.08 36.46 -16.22
C ASP B 39 18.34 35.71 -16.60
N GLU B 40 18.88 34.98 -15.64
CA GLU B 40 19.97 34.07 -15.88
C GLU B 40 19.66 32.76 -15.17
N LEU B 41 20.28 31.70 -15.66
CA LEU B 41 20.18 30.42 -14.99
C LEU B 41 21.08 30.43 -13.77
N ILE B 42 20.52 30.21 -12.60
CA ILE B 42 21.33 30.00 -11.41
C ILE B 42 21.37 28.51 -11.12
N VAL B 43 22.48 28.08 -10.53
CA VAL B 43 22.83 26.68 -10.35
C VAL B 43 22.80 26.38 -8.86
N LEU B 44 21.85 25.56 -8.45
CA LEU B 44 21.80 25.10 -7.08
C LEU B 44 22.49 23.74 -7.00
N ASN B 45 23.57 23.67 -6.25
CA ASN B 45 24.34 22.43 -6.16
C ASN B 45 24.00 21.75 -4.85
N VAL B 46 22.97 20.92 -4.85
CA VAL B 46 22.47 20.29 -3.65
C VAL B 46 23.09 18.91 -3.54
N SER B 47 24.08 18.78 -2.66
CA SER B 47 24.71 17.49 -2.36
C SER B 47 25.30 16.85 -3.60
N GLY B 48 25.87 17.66 -4.49
CA GLY B 48 26.43 17.17 -5.72
C GLY B 48 25.46 17.14 -6.88
N ARG B 49 24.16 17.06 -6.61
CA ARG B 49 23.17 17.06 -7.68
C ARG B 49 22.87 18.49 -8.09
N ARG B 50 22.99 18.77 -9.37
CA ARG B 50 22.88 20.13 -9.87
C ARG B 50 21.47 20.40 -10.36
N PHE B 51 20.75 21.27 -9.66
CA PHE B 51 19.51 21.83 -10.15
C PHE B 51 19.80 23.18 -10.77
N GLN B 52 18.85 23.66 -11.57
CA GLN B 52 19.09 24.86 -12.36
C GLN B 52 17.76 25.53 -12.60
N THR B 53 17.73 26.86 -12.48
CA THR B 53 16.46 27.54 -12.66
C THR B 53 16.70 29.02 -12.88
N TRP B 54 15.72 29.70 -13.48
CA TRP B 54 15.77 31.15 -13.57
C TRP B 54 15.64 31.74 -12.17
N ARG B 55 16.37 32.82 -11.90
CA ARG B 55 16.28 33.42 -10.58
C ARG B 55 14.95 34.13 -10.36
N THR B 56 14.30 34.56 -11.44
CA THR B 56 12.94 35.08 -11.32
C THR B 56 11.97 34.03 -10.83
N THR B 57 12.32 32.76 -10.97
CA THR B 57 11.50 31.71 -10.38
C THR B 57 11.64 31.70 -8.87
N LEU B 58 12.86 31.92 -8.37
CA LEU B 58 13.07 31.86 -6.93
C LEU B 58 12.62 33.13 -6.24
N GLU B 59 12.57 34.25 -6.94
CA GLU B 59 12.13 35.48 -6.28
C GLU B 59 10.62 35.62 -6.19
N ARG B 60 9.87 34.52 -6.35
CA ARG B 60 8.42 34.58 -6.24
C ARG B 60 7.92 34.52 -4.82
N TYR B 61 8.72 34.02 -3.88
CA TYR B 61 8.35 33.92 -2.47
C TYR B 61 9.51 34.46 -1.64
N PRO B 62 9.50 35.74 -1.33
CA PRO B 62 10.67 36.36 -0.69
C PRO B 62 10.66 36.25 0.83
N ASP B 63 9.82 35.39 1.39
CA ASP B 63 9.81 35.15 2.83
C ASP B 63 10.37 33.78 3.19
N THR B 64 11.16 33.18 2.31
CA THR B 64 11.73 31.87 2.51
C THR B 64 13.24 31.95 2.30
N LEU B 65 13.92 30.80 2.41
CA LEU B 65 15.37 30.81 2.32
C LEU B 65 15.85 31.11 0.90
N LEU B 66 15.16 30.58 -0.10
CA LEU B 66 15.64 30.73 -1.48
C LEU B 66 15.19 32.03 -2.11
N GLY B 67 14.04 32.57 -1.70
CA GLY B 67 13.62 33.85 -2.21
C GLY B 67 14.24 35.04 -1.52
N SER B 68 14.93 34.83 -0.41
CA SER B 68 15.53 35.90 0.36
C SER B 68 16.99 36.08 -0.04
N THR B 69 17.70 36.94 0.71
CA THR B 69 19.15 37.04 0.58
C THR B 69 19.87 36.13 1.55
N GLU B 70 19.14 35.33 2.32
CA GLU B 70 19.77 34.36 3.21
C GLU B 70 20.60 33.36 2.42
N LYS B 71 20.18 33.03 1.20
CA LYS B 71 20.90 32.02 0.44
C LYS B 71 22.30 32.49 0.05
N GLU B 72 22.58 33.78 0.21
CA GLU B 72 23.93 34.26 -0.04
C GLU B 72 24.92 33.74 0.98
N PHE B 73 24.46 33.14 2.07
CA PHE B 73 25.36 32.46 2.99
C PHE B 73 25.86 31.15 2.42
N PHE B 74 25.27 30.65 1.33
CA PHE B 74 25.63 29.37 0.75
C PHE B 74 26.27 29.51 -0.62
N PHE B 75 26.66 30.73 -1.01
CA PHE B 75 27.20 31.00 -2.33
C PHE B 75 28.72 30.90 -2.30
N ASN B 76 29.30 30.41 -3.40
CA ASN B 76 30.73 30.39 -3.59
C ASN B 76 31.07 31.20 -4.84
N GLU B 77 31.81 32.29 -4.67
CA GLU B 77 32.14 33.14 -5.81
C GLU B 77 33.12 32.48 -6.76
N ASP B 78 33.94 31.55 -6.28
CA ASP B 78 34.91 30.90 -7.15
C ASP B 78 34.28 29.85 -8.04
N THR B 79 33.23 29.18 -7.57
CA THR B 79 32.53 28.19 -8.39
C THR B 79 31.20 28.70 -8.93
N LYS B 80 30.73 29.86 -8.48
CA LYS B 80 29.52 30.50 -8.98
C LYS B 80 28.26 29.70 -8.70
N GLU B 81 28.29 28.80 -7.73
CA GLU B 81 27.15 27.95 -7.42
C GLU B 81 26.78 28.08 -5.96
N TYR B 82 25.50 27.88 -5.67
CA TYR B 82 25.04 27.71 -4.30
C TYR B 82 25.17 26.24 -3.94
N PHE B 83 25.84 25.96 -2.83
CA PHE B 83 26.00 24.59 -2.38
C PHE B 83 25.23 24.39 -1.08
N PHE B 84 24.27 23.47 -1.09
CA PHE B 84 23.55 23.06 0.10
C PHE B 84 23.93 21.62 0.40
N ASP B 85 24.41 21.38 1.61
CA ASP B 85 24.78 20.03 2.04
C ASP B 85 23.56 19.34 2.61
N ARG B 86 22.49 19.24 1.83
CA ARG B 86 21.22 18.69 2.27
C ARG B 86 20.82 17.52 1.38
N ASP B 87 19.70 16.92 1.71
CA ASP B 87 19.18 15.80 0.94
C ASP B 87 18.70 16.26 -0.43
N PRO B 88 19.16 15.65 -1.52
CA PRO B 88 18.78 16.11 -2.85
C PRO B 88 17.44 15.60 -3.35
N GLU B 89 16.74 14.74 -2.61
CA GLU B 89 15.47 14.21 -3.08
C GLU B 89 14.27 14.98 -2.59
N VAL B 90 14.38 15.69 -1.46
CA VAL B 90 13.30 16.53 -0.99
C VAL B 90 13.44 17.96 -1.51
N PHE B 91 14.64 18.38 -1.87
CA PHE B 91 14.82 19.69 -2.47
C PHE B 91 14.04 19.82 -3.78
N ARG B 92 13.80 18.71 -4.46
CA ARG B 92 13.04 18.76 -5.71
C ARG B 92 11.62 19.23 -5.47
N CYS B 93 11.00 18.79 -4.37
CA CYS B 93 9.65 19.25 -4.06
C CYS B 93 9.63 20.74 -3.75
N VAL B 94 10.67 21.24 -3.08
CA VAL B 94 10.74 22.67 -2.80
C VAL B 94 10.88 23.47 -4.09
N LEU B 95 11.74 23.01 -4.99
CA LEU B 95 11.91 23.71 -6.26
C LEU B 95 10.61 23.68 -7.07
N ASN B 96 9.91 22.56 -7.05
CA ASN B 96 8.65 22.49 -7.79
C ASN B 96 7.54 23.28 -7.12
N PHE B 97 7.67 23.56 -5.82
CA PHE B 97 6.77 24.52 -5.20
C PHE B 97 7.05 25.93 -5.70
N TYR B 98 8.33 26.27 -5.84
CA TYR B 98 8.67 27.59 -6.37
C TYR B 98 8.22 27.75 -7.81
N ARG B 99 8.22 26.67 -8.58
CA ARG B 99 7.86 26.77 -9.99
C ARG B 99 6.36 26.89 -10.19
N THR B 100 5.61 25.88 -9.77
CA THR B 100 4.17 25.90 -9.97
C THR B 100 3.48 26.81 -8.96
N GLY B 101 3.57 26.48 -7.69
CA GLY B 101 2.91 27.26 -6.67
C GLY B 101 2.27 26.38 -5.63
N LYS B 102 2.23 25.08 -5.88
CA LYS B 102 1.70 24.11 -4.94
C LYS B 102 2.80 23.17 -4.50
N LEU B 103 2.81 22.86 -3.21
CA LEU B 103 3.82 22.00 -2.62
C LEU B 103 3.25 20.59 -2.47
N HIS B 104 3.93 19.62 -3.04
CA HIS B 104 3.47 18.24 -3.02
C HIS B 104 4.17 17.46 -1.93
N TYR B 105 3.72 16.21 -1.73
CA TYR B 105 4.29 15.33 -0.73
C TYR B 105 4.56 13.97 -1.37
N PRO B 106 5.81 13.53 -1.47
CA PRO B 106 6.09 12.21 -2.04
C PRO B 106 5.71 11.10 -1.07
N ARG B 107 4.77 10.26 -1.48
CA ARG B 107 4.22 9.24 -0.60
C ARG B 107 5.28 8.27 -0.07
N TYR B 108 6.41 8.15 -0.74
CA TYR B 108 7.44 7.20 -0.33
C TYR B 108 8.43 7.79 0.65
N GLU B 109 8.28 9.05 1.03
CA GLU B 109 9.27 9.73 1.84
C GLU B 109 8.88 9.66 3.31
N CYS B 110 9.90 9.51 4.16
CA CYS B 110 9.68 9.57 5.59
C CYS B 110 9.16 10.95 5.98
N ILE B 111 8.16 10.98 6.84
CA ILE B 111 7.53 12.26 7.18
C ILE B 111 8.47 13.14 7.97
N SER B 112 9.37 12.53 8.76
CA SER B 112 10.25 13.33 9.60
C SER B 112 11.33 14.03 8.78
N ALA B 113 11.88 13.34 7.78
CA ALA B 113 12.84 13.97 6.89
C ALA B 113 12.20 15.10 6.11
N TYR B 114 10.97 14.88 5.64
CA TYR B 114 10.23 15.93 4.93
C TYR B 114 10.03 17.15 5.81
N ASP B 115 9.60 16.95 7.05
CA ASP B 115 9.41 18.09 7.95
C ASP B 115 10.73 18.79 8.24
N ASP B 116 11.81 18.04 8.39
CA ASP B 116 13.12 18.65 8.64
C ASP B 116 13.54 19.54 7.48
N GLU B 117 13.39 19.05 6.25
CA GLU B 117 13.78 19.87 5.10
C GLU B 117 12.88 21.09 4.96
N LEU B 118 11.57 20.93 5.15
CA LEU B 118 10.69 22.08 5.07
C LEU B 118 11.05 23.12 6.12
N ALA B 119 11.43 22.68 7.32
CA ALA B 119 11.84 23.61 8.36
C ALA B 119 13.13 24.31 7.97
N PHE B 120 14.05 23.58 7.32
CA PHE B 120 15.31 24.21 6.93
C PHE B 120 15.08 25.30 5.90
N TYR B 121 14.23 25.05 4.90
CA TYR B 121 14.11 25.99 3.79
C TYR B 121 13.15 27.13 4.08
N GLY B 122 12.44 27.11 5.20
CA GLY B 122 11.53 28.17 5.53
C GLY B 122 10.11 27.98 5.04
N ILE B 123 9.80 26.85 4.47
CA ILE B 123 8.45 26.57 4.01
C ILE B 123 7.64 26.07 5.19
N LEU B 124 6.35 26.32 5.16
CA LEU B 124 5.51 25.84 6.25
C LEU B 124 4.61 24.72 5.75
N PRO B 125 4.41 23.68 6.54
CA PRO B 125 3.59 22.54 6.09
C PRO B 125 2.14 22.91 5.86
N GLU B 126 1.78 24.15 6.18
CA GLU B 126 0.40 24.59 6.04
C GLU B 126 0.01 24.86 4.60
N ILE B 127 0.99 25.05 3.71
CA ILE B 127 0.71 25.40 2.33
C ILE B 127 0.84 24.20 1.41
N ILE B 128 0.77 22.98 1.94
CA ILE B 128 0.75 21.80 1.10
C ILE B 128 -0.53 21.78 0.29
N GLY B 129 -0.42 21.50 -1.00
CA GLY B 129 -1.58 21.53 -1.86
C GLY B 129 -2.63 20.52 -1.43
N ASP B 130 -3.88 20.81 -1.78
CA ASP B 130 -4.98 19.94 -1.40
C ASP B 130 -4.92 18.60 -2.11
N CYS B 131 -4.24 18.55 -3.26
CA CYS B 131 -4.09 17.30 -4.00
C CYS B 131 -3.56 16.20 -3.11
N CYS B 132 -2.48 16.46 -2.41
CA CYS B 132 -1.87 15.53 -1.46
C CYS B 132 -1.64 16.27 -0.16
N TYR B 133 -2.71 16.40 0.61
CA TYR B 133 -2.64 16.96 1.97
C TYR B 133 -3.33 16.10 3.01
N GLU B 134 -4.32 15.29 2.63
CA GLU B 134 -4.89 14.35 3.58
C GLU B 134 -3.88 13.29 3.96
N GLU B 135 -3.08 12.84 3.01
CA GLU B 135 -2.10 11.80 3.31
C GLU B 135 -0.93 12.34 4.11
N TYR B 136 -0.57 13.61 3.90
CA TYR B 136 0.41 14.23 4.77
C TYR B 136 -0.07 14.22 6.21
N LYS B 137 -1.33 14.65 6.44
CA LYS B 137 -1.87 14.66 7.79
C LYS B 137 -1.95 13.25 8.35
N ASP B 138 -2.32 12.27 7.53
CA ASP B 138 -2.34 10.88 7.96
C ASP B 138 -0.98 10.44 8.48
N ARG B 139 0.04 10.60 7.64
CA ARG B 139 1.38 10.15 8.03
C ARG B 139 1.90 10.91 9.24
N LYS B 140 1.59 12.20 9.33
CA LYS B 140 2.10 12.97 10.46
C LYS B 140 1.40 12.60 11.75
N ARG B 141 0.10 12.34 11.70
CA ARG B 141 -0.62 11.82 12.84
C ARG B 141 -0.04 10.50 13.29
N GLU B 142 0.19 9.59 12.35
CA GLU B 142 0.74 8.28 12.69
C GLU B 142 2.13 8.42 13.30
N ASN B 143 2.96 9.29 12.72
CA ASN B 143 4.31 9.50 13.26
C ASN B 143 4.26 10.07 14.66
N ALA B 144 3.39 11.06 14.90
CA ALA B 144 3.27 11.64 16.23
C ALA B 144 2.86 10.57 17.25
N GLU B 145 1.77 9.86 16.97
CA GLU B 145 1.32 8.85 17.92
C GLU B 145 2.31 7.71 18.07
N ARG B 146 3.16 7.47 17.08
CA ARG B 146 4.20 6.46 17.22
C ARG B 146 5.35 6.96 18.08
N LEU B 147 5.69 8.24 17.99
CA LEU B 147 6.75 8.78 18.82
C LEU B 147 6.25 9.45 20.09
N MET B 148 4.98 9.27 20.43
CA MET B 148 4.44 9.77 21.69
C MET B 148 3.67 8.69 22.43
N LEU B 163 7.20 11.15 50.12
CA LEU B 163 7.21 10.37 48.89
C LEU B 163 7.64 8.93 49.17
N SER B 164 8.33 8.74 50.31
CA SER B 164 8.77 7.41 50.69
C SER B 164 7.69 6.65 51.45
N PHE B 165 6.54 7.26 51.68
CA PHE B 165 5.44 6.58 52.36
C PHE B 165 4.15 6.70 51.56
N ARG B 166 3.92 7.85 50.95
CA ARG B 166 2.69 8.11 50.20
C ARG B 166 2.89 7.89 48.71
N GLN B 167 3.88 8.57 48.13
CA GLN B 167 4.11 8.40 46.70
C GLN B 167 4.73 7.05 46.38
N THR B 168 5.38 6.40 47.35
CA THR B 168 5.86 5.05 47.09
C THR B 168 4.70 4.06 46.96
N MET B 169 3.64 4.23 47.75
CA MET B 169 2.50 3.34 47.60
C MET B 169 1.62 3.77 46.43
N TRP B 170 1.70 5.04 46.02
CA TRP B 170 1.05 5.41 44.77
C TRP B 170 1.81 4.89 43.56
N ARG B 171 3.11 4.65 43.70
CA ARG B 171 3.86 3.97 42.66
C ARG B 171 3.61 2.47 42.69
N ALA B 172 3.33 1.92 43.88
CA ALA B 172 3.03 0.50 44.00
C ALA B 172 1.64 0.18 43.46
N PHE B 173 0.65 1.03 43.74
CA PHE B 173 -0.71 0.75 43.33
C PHE B 173 -0.85 0.79 41.82
N GLU B 174 -0.54 1.92 41.20
CA GLU B 174 -0.67 2.05 39.76
C GLU B 174 0.45 1.36 38.99
N ASN B 175 1.24 0.51 39.65
CA ASN B 175 2.10 -0.45 38.96
C ASN B 175 2.28 -1.63 39.89
N PRO B 176 1.33 -2.57 39.88
CA PRO B 176 1.42 -3.72 40.80
C PRO B 176 2.66 -4.58 40.61
N HIS B 177 3.39 -4.42 39.51
CA HIS B 177 4.60 -5.19 39.26
C HIS B 177 5.86 -4.47 39.74
N THR B 178 5.73 -3.56 40.70
CA THR B 178 6.90 -2.86 41.22
C THR B 178 7.71 -3.76 42.15
N SER B 179 7.10 -4.23 43.24
CA SER B 179 7.74 -5.11 44.20
C SER B 179 6.89 -6.34 44.44
N THR B 180 7.51 -7.39 44.97
CA THR B 180 6.74 -8.59 45.31
C THR B 180 5.75 -8.33 46.42
N LEU B 181 5.98 -7.30 47.24
CA LEU B 181 4.95 -6.89 48.19
C LEU B 181 3.73 -6.37 47.47
N ALA B 182 3.93 -5.57 46.43
CA ALA B 182 2.82 -5.11 45.61
C ALA B 182 2.14 -6.27 44.90
N LEU B 183 2.92 -7.23 44.40
CA LEU B 183 2.32 -8.41 43.77
C LEU B 183 1.46 -9.18 44.75
N VAL B 184 1.93 -9.36 45.98
CA VAL B 184 1.14 -10.10 46.96
C VAL B 184 -0.12 -9.32 47.34
N PHE B 185 0.00 -8.00 47.54
CA PHE B 185 -1.18 -7.20 47.85
C PHE B 185 -2.20 -7.26 46.73
N TYR B 186 -1.74 -7.22 45.48
CA TYR B 186 -2.64 -7.27 44.34
C TYR B 186 -3.31 -8.64 44.23
N TYR B 187 -2.54 -9.71 44.43
CA TYR B 187 -3.11 -11.06 44.38
C TYR B 187 -3.98 -11.39 45.58
N VAL B 188 -3.93 -10.62 46.66
CA VAL B 188 -4.85 -10.85 47.77
C VAL B 188 -6.05 -9.91 47.72
N THR B 189 -5.94 -8.76 47.07
CA THR B 189 -7.16 -7.99 46.80
C THR B 189 -7.93 -8.56 45.61
N GLY B 190 -7.29 -9.35 44.77
CA GLY B 190 -7.99 -10.07 43.72
C GLY B 190 -8.42 -11.45 44.16
N PHE B 191 -8.65 -11.61 45.47
CA PHE B 191 -9.15 -12.84 46.04
C PHE B 191 -10.41 -12.63 46.86
N PHE B 192 -10.51 -11.51 47.57
CA PHE B 192 -11.73 -11.23 48.31
C PHE B 192 -12.85 -10.80 47.38
N ILE B 193 -12.53 -10.15 46.26
CA ILE B 193 -13.52 -9.94 45.21
C ILE B 193 -14.11 -11.27 44.79
N ALA B 194 -13.26 -12.25 44.47
CA ALA B 194 -13.74 -13.54 44.00
C ALA B 194 -14.56 -14.24 45.06
N VAL B 195 -14.11 -14.22 46.32
CA VAL B 195 -14.86 -14.95 47.33
C VAL B 195 -16.18 -14.26 47.62
N SER B 196 -16.24 -12.93 47.52
CA SER B 196 -17.51 -12.24 47.71
C SER B 196 -18.48 -12.53 46.57
N VAL B 197 -17.96 -12.60 45.34
CA VAL B 197 -18.80 -12.94 44.21
C VAL B 197 -19.39 -14.34 44.37
N ILE B 198 -18.54 -15.31 44.69
CA ILE B 198 -19.00 -16.68 44.86
C ILE B 198 -19.98 -16.77 46.01
N THR B 199 -19.75 -16.01 47.09
CA THR B 199 -20.66 -16.03 48.22
C THR B 199 -22.03 -15.48 47.84
N ASN B 200 -22.07 -14.35 47.15
CA ASN B 200 -23.35 -13.77 46.74
C ASN B 200 -24.08 -14.68 45.76
N VAL B 201 -23.35 -15.43 44.94
CA VAL B 201 -24.00 -16.40 44.07
C VAL B 201 -24.59 -17.54 44.88
N VAL B 202 -23.79 -18.13 45.77
CA VAL B 202 -24.19 -19.36 46.45
C VAL B 202 -25.29 -19.11 47.47
N GLU B 203 -25.35 -17.91 48.05
CA GLU B 203 -26.32 -17.66 49.11
C GLU B 203 -27.77 -17.86 48.66
N THR B 204 -28.02 -18.03 47.36
CA THR B 204 -29.37 -18.24 46.86
C THR B 204 -29.67 -19.69 46.54
N VAL B 205 -28.67 -20.57 46.56
CA VAL B 205 -28.84 -21.97 46.20
C VAL B 205 -29.72 -22.65 47.23
N PRO B 206 -30.95 -23.04 46.90
CA PRO B 206 -31.79 -23.71 47.88
C PRO B 206 -31.30 -25.13 48.14
N CYS B 207 -30.66 -25.33 49.29
CA CYS B 207 -30.03 -26.61 49.60
C CYS B 207 -30.32 -26.96 51.05
N GLY B 208 -30.44 -28.27 51.30
CA GLY B 208 -30.73 -28.77 52.62
C GLY B 208 -32.21 -29.05 52.78
N THR B 209 -32.59 -30.33 52.74
CA THR B 209 -34.00 -30.67 52.82
C THR B 209 -34.58 -30.30 54.18
N VAL B 210 -33.81 -30.51 55.25
CA VAL B 210 -34.21 -30.21 56.63
C VAL B 210 -35.61 -30.77 56.85
N PRO B 211 -35.76 -32.10 56.99
CA PRO B 211 -37.10 -32.70 57.03
C PRO B 211 -37.95 -32.25 58.20
N GLY B 212 -37.42 -31.38 59.04
CA GLY B 212 -38.15 -30.87 60.19
C GLY B 212 -38.78 -29.51 59.97
N SER B 213 -38.20 -28.68 59.10
CA SER B 213 -38.65 -27.30 58.96
C SER B 213 -38.79 -26.95 57.48
N LYS B 214 -39.07 -25.68 57.22
CA LYS B 214 -39.29 -25.18 55.87
C LYS B 214 -38.03 -25.32 55.03
N GLU B 215 -38.23 -25.50 53.72
CA GLU B 215 -37.11 -25.55 52.78
C GLU B 215 -36.62 -24.14 52.49
N LEU B 216 -35.34 -23.89 52.75
CA LEU B 216 -34.78 -22.56 52.68
C LEU B 216 -33.48 -22.57 51.91
N PRO B 217 -33.09 -21.44 51.32
CA PRO B 217 -31.77 -21.35 50.70
C PRO B 217 -30.67 -21.36 51.73
N CYS B 218 -29.46 -21.71 51.28
CA CYS B 218 -28.30 -21.72 52.16
C CYS B 218 -28.01 -20.36 52.77
N GLY B 219 -28.41 -19.27 52.10
CA GLY B 219 -28.03 -17.96 52.57
C GLY B 219 -28.75 -17.52 53.82
N GLU B 220 -30.02 -17.91 53.96
CA GLU B 220 -30.78 -17.55 55.14
C GLU B 220 -30.81 -18.66 56.19
N ARG B 221 -30.37 -19.87 55.83
CA ARG B 221 -30.20 -20.92 56.83
C ARG B 221 -28.98 -20.67 57.68
N TYR B 222 -27.81 -20.51 57.05
CA TYR B 222 -26.58 -20.17 57.75
C TYR B 222 -26.34 -18.66 57.64
N SER B 223 -27.23 -17.90 58.29
CA SER B 223 -27.21 -16.45 58.14
C SER B 223 -25.88 -15.85 58.60
N VAL B 224 -25.48 -16.14 59.84
CA VAL B 224 -24.26 -15.52 60.38
C VAL B 224 -23.03 -16.04 59.64
N ALA B 225 -23.07 -17.27 59.13
CA ALA B 225 -21.93 -17.79 58.38
C ALA B 225 -21.63 -16.95 57.16
N PHE B 226 -22.66 -16.39 56.52
CA PHE B 226 -22.46 -15.51 55.38
C PHE B 226 -22.28 -14.06 55.80
N PHE B 227 -22.84 -13.67 56.94
CA PHE B 227 -22.58 -12.35 57.50
C PHE B 227 -21.08 -12.17 57.76
N CYS B 228 -20.45 -13.18 58.36
CA CYS B 228 -19.01 -13.15 58.55
C CYS B 228 -18.28 -12.90 57.24
N LEU B 229 -18.62 -13.67 56.21
CA LEU B 229 -17.90 -13.59 54.94
C LEU B 229 -18.04 -12.22 54.30
N ASP B 230 -19.28 -11.75 54.13
CA ASP B 230 -19.44 -10.50 53.40
C ASP B 230 -18.99 -9.31 54.24
N THR B 231 -19.06 -9.39 55.57
CA THR B 231 -18.51 -8.33 56.40
C THR B 231 -16.99 -8.25 56.26
N ALA B 232 -16.32 -9.40 56.30
CA ALA B 232 -14.87 -9.39 56.06
C ALA B 232 -14.56 -8.79 54.70
N CYS B 233 -15.31 -9.19 53.68
CA CYS B 233 -15.04 -8.73 52.32
C CYS B 233 -15.24 -7.22 52.22
N VAL B 234 -16.34 -6.69 52.76
CA VAL B 234 -16.60 -5.27 52.64
C VAL B 234 -15.63 -4.45 53.50
N MET B 235 -15.19 -4.98 54.65
CA MET B 235 -14.18 -4.27 55.42
C MET B 235 -12.87 -4.18 54.66
N ILE B 236 -12.45 -5.28 54.03
CA ILE B 236 -11.23 -5.24 53.23
C ILE B 236 -11.39 -4.26 52.07
N PHE B 237 -12.55 -4.26 51.43
CA PHE B 237 -12.80 -3.36 50.31
C PHE B 237 -12.70 -1.91 50.76
N THR B 238 -13.36 -1.57 51.86
CA THR B 238 -13.38 -0.18 52.29
C THR B 238 -12.02 0.28 52.82
N VAL B 239 -11.26 -0.61 53.47
CA VAL B 239 -9.94 -0.20 53.95
C VAL B 239 -8.98 -0.02 52.79
N GLU B 240 -9.09 -0.87 51.76
CA GLU B 240 -8.22 -0.68 50.61
C GLU B 240 -8.63 0.56 49.82
N TYR B 241 -9.91 0.90 49.83
CA TYR B 241 -10.34 2.15 49.20
C TYR B 241 -9.79 3.36 49.95
N LEU B 242 -9.85 3.32 51.28
CA LEU B 242 -9.28 4.41 52.07
C LEU B 242 -7.78 4.53 51.84
N LEU B 243 -7.09 3.39 51.67
CA LEU B 243 -5.66 3.45 51.34
C LEU B 243 -5.43 4.05 49.97
N ARG B 244 -6.29 3.73 48.99
CA ARG B 244 -6.22 4.39 47.70
C ARG B 244 -6.40 5.90 47.85
N LEU B 245 -7.28 6.31 48.76
CA LEU B 245 -7.52 7.73 48.98
C LEU B 245 -6.31 8.41 49.61
N PHE B 246 -5.67 7.74 50.58
CA PHE B 246 -4.55 8.35 51.30
C PHE B 246 -3.32 8.49 50.42
N ALA B 247 -3.22 7.69 49.37
CA ALA B 247 -2.09 7.78 48.44
C ALA B 247 -2.40 8.63 47.23
N ALA B 248 -3.63 9.11 47.09
CA ALA B 248 -4.02 9.89 45.92
C ALA B 248 -3.36 11.26 45.96
N PRO B 249 -2.48 11.59 45.01
CA PRO B 249 -1.89 12.93 45.00
C PRO B 249 -2.96 14.01 44.88
N SER B 250 -3.76 13.95 43.82
CA SER B 250 -4.86 14.87 43.60
C SER B 250 -6.13 14.18 44.09
N ARG B 251 -6.44 14.35 45.38
CA ARG B 251 -7.57 13.66 45.98
C ARG B 251 -8.92 14.12 45.46
N TYR B 252 -8.96 15.05 44.50
CA TYR B 252 -10.21 15.34 43.81
C TYR B 252 -10.28 14.76 42.41
N ARG B 253 -9.14 14.63 41.73
CA ARG B 253 -9.14 13.90 40.46
C ARG B 253 -9.47 12.44 40.69
N PHE B 254 -9.06 11.89 41.83
CA PHE B 254 -9.33 10.48 42.12
C PHE B 254 -10.82 10.23 42.32
N ILE B 255 -11.49 11.09 43.09
CA ILE B 255 -12.92 10.90 43.36
C ILE B 255 -13.73 10.96 42.09
N ARG B 256 -13.31 11.78 41.12
CA ARG B 256 -14.03 11.90 39.87
C ARG B 256 -13.81 10.72 38.92
N SER B 257 -12.83 9.85 39.21
CA SER B 257 -12.57 8.72 38.35
C SER B 257 -13.70 7.71 38.41
N VAL B 258 -13.70 6.79 37.44
CA VAL B 258 -14.78 5.82 37.33
C VAL B 258 -14.62 4.67 38.33
N MET B 259 -13.39 4.19 38.51
CA MET B 259 -13.15 3.11 39.47
C MET B 259 -13.53 3.54 40.88
N SER B 260 -13.33 4.82 41.22
CA SER B 260 -13.76 5.31 42.52
C SER B 260 -15.28 5.19 42.67
N ILE B 261 -16.02 5.58 41.65
CA ILE B 261 -17.48 5.43 41.69
C ILE B 261 -17.86 3.97 41.83
N ILE B 262 -17.18 3.08 41.11
CA ILE B 262 -17.48 1.66 41.18
C ILE B 262 -17.26 1.15 42.60
N ASP B 263 -16.16 1.52 43.23
CA ASP B 263 -15.87 1.06 44.58
C ASP B 263 -16.89 1.60 45.57
N VAL B 264 -17.22 2.88 45.44
CA VAL B 264 -18.23 3.48 46.34
C VAL B 264 -19.55 2.72 46.23
N VAL B 265 -20.03 2.52 44.99
CA VAL B 265 -21.33 1.89 44.80
C VAL B 265 -21.29 0.39 45.02
N ALA B 266 -20.11 -0.20 45.14
CA ALA B 266 -20.02 -1.60 45.53
C ALA B 266 -19.96 -1.78 47.03
N ILE B 267 -19.46 -0.79 47.77
CA ILE B 267 -19.35 -0.93 49.22
C ILE B 267 -20.62 -0.44 49.91
N MET B 268 -21.22 0.64 49.42
CA MET B 268 -22.34 1.22 50.15
C MET B 268 -23.60 0.36 50.23
N PRO B 269 -23.92 -0.57 49.29
CA PRO B 269 -25.12 -1.39 49.46
C PRO B 269 -25.14 -2.23 50.72
N TYR B 270 -24.01 -2.32 51.42
CA TYR B 270 -23.95 -2.99 52.71
C TYR B 270 -24.13 -2.04 53.87
N TYR B 271 -23.50 -0.86 53.81
CA TYR B 271 -23.70 0.15 54.84
C TYR B 271 -25.16 0.57 54.89
N ILE B 272 -25.67 1.10 53.77
CA ILE B 272 -27.07 1.49 53.66
C ILE B 272 -27.97 0.33 54.04
N GLY B 273 -27.47 -0.89 53.85
CA GLY B 273 -28.25 -2.07 54.17
C GLY B 273 -28.41 -2.28 55.66
N LEU B 274 -27.31 -2.22 56.41
CA LEU B 274 -27.42 -2.52 57.83
C LEU B 274 -27.86 -1.31 58.65
N VAL B 275 -27.76 -0.09 58.12
CA VAL B 275 -28.30 1.05 58.84
C VAL B 275 -29.82 0.94 58.96
N MET B 276 -30.49 0.55 57.88
CA MET B 276 -31.95 0.42 57.83
C MET B 276 -32.40 -1.03 57.89
N THR B 277 -31.79 -1.83 58.78
CA THR B 277 -32.05 -3.26 58.88
C THR B 277 -33.52 -3.52 59.24
N ASN B 278 -33.92 -4.78 59.34
CA ASN B 278 -35.32 -5.19 59.41
C ASN B 278 -36.09 -4.60 60.58
N ASN B 279 -35.41 -3.78 61.40
CA ASN B 279 -36.15 -2.92 62.34
C ASN B 279 -37.18 -2.10 61.59
N GLU B 280 -36.88 -1.71 60.36
CA GLU B 280 -37.84 -1.09 59.44
C GLU B 280 -37.61 -1.70 58.06
N ASP B 281 -38.47 -2.64 57.67
CA ASP B 281 -38.26 -3.37 56.42
C ASP B 281 -39.59 -3.70 55.75
N VAL B 282 -39.62 -3.49 54.44
CA VAL B 282 -40.65 -4.02 53.56
C VAL B 282 -39.93 -4.74 52.43
N SER B 283 -40.43 -5.91 52.05
CA SER B 283 -39.66 -6.81 51.18
C SER B 283 -39.37 -6.21 49.80
N GLY B 284 -40.05 -5.13 49.43
CA GLY B 284 -39.86 -4.53 48.12
C GLY B 284 -38.68 -3.59 47.98
N ALA B 285 -37.76 -3.57 48.93
CA ALA B 285 -36.66 -2.60 48.88
C ALA B 285 -35.28 -3.18 49.17
N PHE B 286 -35.17 -4.42 49.65
CA PHE B 286 -33.86 -4.99 49.92
C PHE B 286 -33.30 -5.77 48.74
N VAL B 287 -34.15 -6.24 47.83
CA VAL B 287 -33.66 -6.91 46.64
C VAL B 287 -32.87 -5.94 45.77
N THR B 288 -33.20 -4.65 45.84
CA THR B 288 -32.40 -3.65 45.15
C THR B 288 -31.01 -3.53 45.77
N LEU B 289 -30.92 -3.70 47.09
CA LEU B 289 -29.62 -3.66 47.74
C LEU B 289 -28.80 -4.91 47.43
N ARG B 290 -29.46 -6.04 47.16
CA ARG B 290 -28.74 -7.25 46.80
C ARG B 290 -28.35 -7.28 45.33
N VAL B 291 -29.13 -6.65 44.46
CA VAL B 291 -28.75 -6.58 43.06
C VAL B 291 -27.49 -5.72 42.90
N PHE B 292 -27.44 -4.59 43.59
CA PHE B 292 -26.27 -3.72 43.50
C PHE B 292 -25.02 -4.40 44.03
N ARG B 293 -25.17 -5.45 44.84
CA ARG B 293 -24.03 -6.18 45.37
C ARG B 293 -23.26 -6.92 44.30
N VAL B 294 -23.81 -7.06 43.09
CA VAL B 294 -23.08 -7.71 42.01
C VAL B 294 -22.15 -6.75 41.28
N PHE B 295 -22.38 -5.43 41.41
CA PHE B 295 -21.53 -4.46 40.73
C PHE B 295 -20.10 -4.45 41.25
N ARG B 296 -19.81 -5.18 42.33
CA ARG B 296 -18.43 -5.32 42.77
C ARG B 296 -17.64 -6.27 41.89
N ILE B 297 -18.29 -6.96 40.96
CA ILE B 297 -17.57 -7.79 40.01
C ILE B 297 -16.81 -6.93 39.01
N PHE B 298 -17.16 -5.65 38.89
CA PHE B 298 -16.41 -4.75 38.03
C PHE B 298 -15.07 -4.36 38.64
N LYS B 299 -14.85 -4.66 39.92
CA LYS B 299 -13.55 -4.40 40.53
C LYS B 299 -12.43 -5.21 39.88
N PHE B 300 -12.76 -6.21 39.07
CA PHE B 300 -11.75 -6.89 38.29
C PHE B 300 -11.18 -6.03 37.18
N SER B 301 -11.65 -4.79 37.04
CA SER B 301 -11.10 -3.89 36.04
C SER B 301 -9.62 -3.63 36.28
N ARG B 302 -9.20 -3.65 37.55
CA ARG B 302 -7.80 -3.40 37.87
C ARG B 302 -6.90 -4.58 37.49
N HIS B 303 -7.47 -5.76 37.28
CA HIS B 303 -6.69 -6.99 37.12
C HIS B 303 -6.54 -7.43 35.68
N SER B 304 -7.54 -7.20 34.84
CA SER B 304 -7.51 -7.64 33.44
C SER B 304 -7.47 -6.43 32.53
N GLN B 305 -6.44 -6.35 31.69
CA GLN B 305 -6.31 -5.25 30.75
C GLN B 305 -7.40 -5.27 29.68
N GLY B 306 -7.86 -6.47 29.31
CA GLY B 306 -8.93 -6.55 28.33
C GLY B 306 -10.21 -5.90 28.80
N LEU B 307 -10.52 -6.02 30.08
CA LEU B 307 -11.73 -5.41 30.61
C LEU B 307 -11.62 -3.89 30.65
N ARG B 308 -10.41 -3.35 30.63
CA ARG B 308 -10.24 -1.91 30.54
C ARG B 308 -10.30 -1.45 29.08
N ILE B 309 -9.70 -2.23 28.18
CA ILE B 309 -9.81 -1.94 26.75
C ILE B 309 -11.27 -2.00 26.30
N LEU B 310 -12.07 -2.87 26.90
CA LEU B 310 -13.49 -2.92 26.56
C LEU B 310 -14.18 -1.62 26.91
N GLY B 311 -13.90 -1.07 28.10
CA GLY B 311 -14.46 0.23 28.43
C GLY B 311 -13.94 1.34 27.55
N TYR B 312 -12.65 1.29 27.22
CA TYR B 312 -12.07 2.33 26.36
C TYR B 312 -12.71 2.32 24.98
N THR B 313 -12.99 1.13 24.44
CA THR B 313 -13.61 1.06 23.13
C THR B 313 -15.11 1.31 23.18
N LEU B 314 -15.77 1.01 24.29
CA LEU B 314 -17.17 1.39 24.42
C LEU B 314 -17.32 2.90 24.52
N LYS B 315 -16.32 3.58 25.10
CA LYS B 315 -16.38 5.03 25.17
C LYS B 315 -15.89 5.68 23.87
N SER B 316 -15.00 5.01 23.14
CA SER B 316 -14.47 5.61 21.92
C SER B 316 -15.52 5.66 20.81
N CYS B 317 -16.45 4.71 20.80
CA CYS B 317 -17.45 4.62 19.74
C CYS B 317 -18.87 4.72 20.30
N ALA B 318 -19.10 5.68 21.18
CA ALA B 318 -20.44 5.91 21.70
C ALA B 318 -21.37 6.53 20.67
N SER B 319 -20.84 7.24 19.68
CA SER B 319 -21.66 7.78 18.61
C SER B 319 -22.33 6.70 17.79
N GLU B 320 -21.75 5.51 17.74
CA GLU B 320 -22.36 4.38 17.06
C GLU B 320 -23.39 3.67 17.93
N LEU B 321 -23.13 3.55 19.23
CA LEU B 321 -24.10 2.94 20.12
C LEU B 321 -25.36 3.80 20.26
N GLY B 322 -25.20 5.11 20.20
CA GLY B 322 -26.39 5.97 20.21
C GLY B 322 -27.30 5.69 19.03
N PHE B 323 -26.74 5.65 17.83
CA PHE B 323 -27.53 5.32 16.65
C PHE B 323 -28.07 3.90 16.71
N LEU B 324 -27.31 2.98 17.30
CA LEU B 324 -27.81 1.62 17.47
C LEU B 324 -29.09 1.64 18.30
N LEU B 325 -29.04 2.26 19.48
CA LEU B 325 -30.22 2.34 20.33
C LEU B 325 -31.37 3.03 19.61
N PHE B 326 -31.09 4.11 18.89
CA PHE B 326 -32.16 4.86 18.25
C PHE B 326 -32.83 4.04 17.14
N SER B 327 -32.04 3.50 16.21
CA SER B 327 -32.59 2.73 15.12
C SER B 327 -33.28 1.47 15.63
N LEU B 328 -32.74 0.87 16.69
CA LEU B 328 -33.38 -0.30 17.27
C LEU B 328 -34.75 0.05 17.83
N THR B 329 -34.85 1.16 18.57
CA THR B 329 -36.14 1.60 19.08
C THR B 329 -37.12 1.89 17.96
N MET B 330 -36.65 2.57 16.92
CA MET B 330 -37.50 2.90 15.79
C MET B 330 -38.05 1.63 15.13
N ALA B 331 -37.18 0.69 14.80
CA ALA B 331 -37.62 -0.54 14.16
C ALA B 331 -38.55 -1.34 15.07
N ILE B 332 -38.27 -1.35 16.36
CA ILE B 332 -39.13 -2.07 17.30
C ILE B 332 -40.53 -1.49 17.28
N ILE B 333 -40.63 -0.16 17.33
CA ILE B 333 -41.95 0.46 17.34
C ILE B 333 -42.69 0.17 16.04
N ILE B 334 -42.00 0.29 14.91
CA ILE B 334 -42.65 0.05 13.61
C ILE B 334 -43.20 -1.37 13.54
N PHE B 335 -42.33 -2.36 13.81
CA PHE B 335 -42.75 -3.73 13.63
C PHE B 335 -43.73 -4.17 14.70
N ALA B 336 -43.66 -3.59 15.89
CA ALA B 336 -44.65 -3.93 16.92
C ALA B 336 -46.01 -3.39 16.56
N THR B 337 -46.08 -2.18 16.00
CA THR B 337 -47.35 -1.67 15.51
C THR B 337 -47.93 -2.57 14.44
N VAL B 338 -47.14 -2.89 13.42
CA VAL B 338 -47.64 -3.71 12.32
C VAL B 338 -48.09 -5.09 12.83
N MET B 339 -47.28 -5.71 13.68
CA MET B 339 -47.62 -7.04 14.16
C MET B 339 -48.84 -7.03 15.07
N PHE B 340 -49.00 -5.99 15.88
CA PHE B 340 -50.18 -5.92 16.73
C PHE B 340 -51.45 -5.78 15.90
N TYR B 341 -51.42 -4.88 14.91
CA TYR B 341 -52.64 -4.69 14.12
C TYR B 341 -52.92 -5.88 13.21
N ALA B 342 -51.88 -6.60 12.79
CA ALA B 342 -52.11 -7.79 11.97
C ALA B 342 -52.51 -9.00 12.80
N GLU B 343 -52.22 -9.01 14.11
CA GLU B 343 -52.43 -10.19 14.93
C GLU B 343 -53.41 -9.92 16.05
N LYS B 344 -54.08 -8.76 16.02
CA LYS B 344 -54.90 -8.34 17.15
C LYS B 344 -56.05 -9.31 17.40
N GLY B 345 -56.82 -9.63 16.35
CA GLY B 345 -57.97 -10.50 16.52
C GLY B 345 -57.66 -11.95 16.21
N SER B 346 -57.57 -12.77 17.25
CA SER B 346 -57.29 -14.19 17.09
C SER B 346 -57.89 -14.93 18.27
N SER B 347 -57.71 -16.26 18.27
CA SER B 347 -58.35 -17.11 19.26
C SER B 347 -57.94 -16.74 20.68
N ALA B 348 -56.67 -16.92 21.01
CA ALA B 348 -56.13 -16.57 22.31
C ALA B 348 -54.93 -15.66 22.14
N SER B 349 -55.08 -14.66 21.29
CA SER B 349 -53.96 -13.80 20.90
C SER B 349 -53.26 -13.23 22.12
N LYS B 350 -51.94 -13.40 22.15
CA LYS B 350 -51.10 -12.78 23.16
C LYS B 350 -50.57 -11.43 22.72
N PHE B 351 -50.93 -10.99 21.52
CA PHE B 351 -50.65 -9.63 21.07
C PHE B 351 -51.76 -8.69 21.54
N THR B 352 -51.84 -8.53 22.86
CA THR B 352 -52.90 -7.74 23.44
C THR B 352 -52.67 -6.24 23.36
N SER B 353 -51.47 -5.80 23.02
CA SER B 353 -51.15 -4.38 23.03
C SER B 353 -49.86 -4.16 22.25
N ILE B 354 -49.64 -2.90 21.86
CA ILE B 354 -48.43 -2.56 21.11
C ILE B 354 -47.22 -2.65 22.02
N PRO B 355 -47.27 -2.23 23.28
CA PRO B 355 -46.18 -2.59 24.19
C PRO B 355 -46.01 -4.10 24.36
N ALA B 356 -47.12 -4.84 24.48
CA ALA B 356 -47.02 -6.28 24.61
C ALA B 356 -46.46 -6.94 23.36
N SER B 357 -46.41 -6.24 22.24
CA SER B 357 -45.80 -6.76 21.02
C SER B 357 -44.34 -6.33 20.89
N PHE B 358 -43.83 -5.52 21.82
CA PHE B 358 -42.40 -5.27 21.84
C PHE B 358 -41.63 -6.55 22.10
N TRP B 359 -42.07 -7.33 23.08
CA TRP B 359 -41.40 -8.58 23.42
C TRP B 359 -41.16 -9.42 22.18
N TYR B 360 -42.23 -9.85 21.52
CA TYR B 360 -42.09 -10.60 20.28
C TYR B 360 -41.04 -9.99 19.37
N THR B 361 -41.15 -8.69 19.12
CA THR B 361 -40.26 -8.07 18.14
C THR B 361 -38.82 -8.16 18.58
N ILE B 362 -38.53 -7.89 19.85
CA ILE B 362 -37.14 -7.94 20.26
C ILE B 362 -36.65 -9.38 20.32
N VAL B 363 -37.56 -10.34 20.46
CA VAL B 363 -37.16 -11.73 20.42
C VAL B 363 -36.93 -12.16 18.97
N THR B 364 -37.49 -11.43 18.01
CA THR B 364 -37.37 -11.80 16.61
C THR B 364 -36.22 -11.05 15.92
N MET B 365 -35.98 -9.80 16.29
CA MET B 365 -34.91 -9.05 15.65
C MET B 365 -33.54 -9.56 16.05
N THR B 366 -33.41 -10.15 17.23
CA THR B 366 -32.15 -10.70 17.70
C THR B 366 -31.95 -12.15 17.28
N THR B 367 -32.87 -12.70 16.47
CA THR B 367 -32.84 -14.11 16.05
C THR B 367 -32.83 -15.03 17.25
N LEU B 368 -33.52 -14.64 18.31
CA LEU B 368 -33.64 -15.47 19.49
C LEU B 368 -34.75 -16.51 19.32
N GLY B 369 -35.98 -16.07 19.17
CA GLY B 369 -37.08 -16.96 18.90
C GLY B 369 -37.38 -17.92 20.01
N TYR B 370 -37.88 -17.43 21.15
CA TYR B 370 -38.28 -18.31 22.24
C TYR B 370 -39.45 -19.18 21.82
N GLY B 371 -40.46 -18.59 21.19
CA GLY B 371 -41.60 -19.33 20.70
C GLY B 371 -42.83 -19.23 21.57
N ASP B 372 -42.80 -18.44 22.64
CA ASP B 372 -43.99 -18.24 23.46
C ASP B 372 -44.99 -17.28 22.82
N MET B 373 -44.55 -16.48 21.85
CA MET B 373 -45.42 -15.63 21.05
C MET B 373 -45.06 -15.84 19.58
N VAL B 374 -45.95 -16.50 18.85
CA VAL B 374 -45.76 -16.66 17.41
C VAL B 374 -47.01 -16.17 16.67
N PRO B 375 -46.88 -15.55 15.51
CA PRO B 375 -48.06 -15.16 14.75
C PRO B 375 -48.82 -16.37 14.24
N LYS B 376 -50.10 -16.14 13.93
CA LYS B 376 -50.96 -17.18 13.39
C LYS B 376 -51.72 -16.75 12.14
N THR B 377 -51.52 -15.52 11.67
CA THR B 377 -52.16 -15.02 10.46
C THR B 377 -51.12 -14.80 9.38
N ILE B 378 -51.59 -14.76 8.12
CA ILE B 378 -50.68 -14.61 7.00
C ILE B 378 -49.89 -13.32 7.09
N ALA B 379 -50.56 -12.22 7.46
CA ALA B 379 -49.87 -10.95 7.58
C ALA B 379 -48.88 -10.97 8.74
N GLY B 380 -49.26 -11.59 9.86
CA GLY B 380 -48.33 -11.72 10.97
C GLY B 380 -47.09 -12.50 10.58
N LYS B 381 -47.25 -13.59 9.84
CA LYS B 381 -46.10 -14.37 9.43
C LYS B 381 -45.22 -13.60 8.47
N ILE B 382 -45.81 -12.93 7.49
CA ILE B 382 -45.02 -12.14 6.54
C ILE B 382 -44.22 -11.08 7.27
N PHE B 383 -44.84 -10.38 8.22
CA PHE B 383 -44.15 -9.28 8.86
C PHE B 383 -43.17 -9.72 9.92
N GLY B 384 -43.38 -10.87 10.56
CA GLY B 384 -42.34 -11.42 11.40
C GLY B 384 -41.14 -11.83 10.59
N SER B 385 -41.40 -12.39 9.41
CA SER B 385 -40.32 -12.80 8.51
C SER B 385 -39.51 -11.60 8.04
N ILE B 386 -40.16 -10.45 7.85
CA ILE B 386 -39.40 -9.26 7.49
C ILE B 386 -38.71 -8.66 8.70
N CYS B 387 -39.34 -8.76 9.89
CA CYS B 387 -38.76 -8.21 11.10
C CYS B 387 -37.44 -8.89 11.45
N SER B 388 -37.36 -10.20 11.24
CA SER B 388 -36.12 -10.91 11.57
C SER B 388 -34.94 -10.40 10.76
N LEU B 389 -35.10 -10.31 9.44
CA LEU B 389 -34.03 -9.81 8.58
C LEU B 389 -33.72 -8.35 8.88
N SER B 390 -34.75 -7.54 9.15
CA SER B 390 -34.51 -6.14 9.45
C SER B 390 -33.68 -6.00 10.72
N GLY B 391 -34.00 -6.79 11.74
CA GLY B 391 -33.20 -6.77 12.95
C GLY B 391 -31.77 -7.19 12.71
N VAL B 392 -31.58 -8.25 11.92
CA VAL B 392 -30.22 -8.69 11.60
C VAL B 392 -29.43 -7.54 10.98
N LEU B 393 -30.02 -6.85 10.01
CA LEU B 393 -29.25 -5.83 9.30
C LEU B 393 -29.07 -4.57 10.14
N VAL B 394 -29.98 -4.26 11.06
CA VAL B 394 -29.77 -3.06 11.87
C VAL B 394 -28.89 -3.33 13.08
N ILE B 395 -28.70 -4.59 13.48
CA ILE B 395 -27.70 -4.91 14.50
C ILE B 395 -26.33 -5.18 13.88
N ALA B 396 -26.27 -5.50 12.60
CA ALA B 396 -24.98 -5.74 11.96
C ALA B 396 -24.20 -4.46 11.69
N LEU B 397 -24.73 -3.29 12.02
CA LEU B 397 -24.03 -2.04 11.72
C LEU B 397 -22.96 -1.70 12.75
N PRO B 398 -23.23 -1.74 14.06
CA PRO B 398 -22.20 -1.34 15.03
C PRO B 398 -21.15 -2.39 15.32
N VAL B 399 -21.41 -3.66 15.00
CA VAL B 399 -20.49 -4.72 15.38
C VAL B 399 -19.13 -4.59 14.71
N PRO B 400 -19.04 -4.35 13.39
CA PRO B 400 -17.70 -4.17 12.80
C PRO B 400 -16.94 -3.02 13.42
N VAL B 401 -17.61 -1.90 13.67
CA VAL B 401 -16.94 -0.76 14.28
C VAL B 401 -16.41 -1.13 15.66
N ILE B 402 -17.22 -1.81 16.46
CA ILE B 402 -16.81 -2.14 17.83
C ILE B 402 -15.60 -3.08 17.81
N VAL B 403 -15.67 -4.13 16.99
CA VAL B 403 -14.56 -5.09 17.01
C VAL B 403 -13.30 -4.48 16.39
N SER B 404 -13.45 -3.62 15.39
CA SER B 404 -12.27 -2.97 14.81
C SER B 404 -11.62 -2.05 15.82
N ASN B 405 -12.43 -1.25 16.53
CA ASN B 405 -11.88 -0.39 17.57
C ASN B 405 -11.19 -1.19 18.65
N PHE B 406 -11.78 -2.32 19.05
CA PHE B 406 -11.17 -3.14 20.09
C PHE B 406 -9.80 -3.64 19.65
N SER B 407 -9.73 -4.25 18.46
CA SER B 407 -8.45 -4.77 17.99
C SER B 407 -7.43 -3.64 17.80
N ARG B 408 -7.90 -2.49 17.33
CA ARG B 408 -7.02 -1.34 17.11
C ARG B 408 -6.42 -0.87 18.42
N ILE B 409 -7.24 -0.73 19.46
CA ILE B 409 -6.73 -0.27 20.74
C ILE B 409 -5.80 -1.30 21.35
N TYR B 410 -6.10 -2.60 21.19
CA TYR B 410 -5.21 -3.62 21.73
C TYR B 410 -3.83 -3.55 21.07
N HIS B 411 -3.79 -3.54 19.73
CA HIS B 411 -2.52 -3.46 19.03
C HIS B 411 -1.84 -2.11 19.20
N GLN B 412 -2.59 -1.09 19.60
CA GLN B 412 -1.98 0.19 19.94
C GLN B 412 -1.25 0.11 21.26
N ASN B 413 -1.89 -0.47 22.28
CA ASN B 413 -1.22 -0.63 23.58
C ASN B 413 0.02 -1.50 23.45
N GLN B 414 -0.06 -2.56 22.64
CA GLN B 414 1.10 -3.42 22.44
C GLN B 414 2.31 -2.61 21.95
N ARG B 415 2.14 -1.88 20.85
CA ARG B 415 3.23 -1.11 20.31
C ARG B 415 3.66 0.00 21.25
N ALA B 416 2.73 0.55 22.04
CA ALA B 416 3.11 1.60 22.99
C ALA B 416 4.10 1.06 24.03
N ASP B 417 3.77 -0.10 24.60
CA ASP B 417 4.69 -0.66 25.59
C ASP B 417 6.02 -1.07 24.96
N LYS B 418 5.99 -1.59 23.73
CA LYS B 418 7.24 -2.03 23.11
C LYS B 418 8.15 -0.83 22.81
N ARG B 419 7.58 0.28 22.34
CA ARG B 419 8.38 1.47 22.10
C ARG B 419 8.90 2.05 23.40
N ARG B 420 8.09 2.04 24.45
CA ARG B 420 8.58 2.48 25.75
C ARG B 420 9.71 1.58 26.24
N ALA B 421 9.73 0.32 25.80
CA ALA B 421 10.86 -0.54 26.11
C ALA B 421 12.12 -0.08 25.39
N GLN B 422 12.04 0.11 24.07
CA GLN B 422 13.25 0.44 23.31
C GLN B 422 13.78 1.84 23.59
N LYS B 423 12.93 2.73 24.12
CA LYS B 423 13.41 4.06 24.50
C LYS B 423 14.50 3.96 25.55
N LYS B 424 14.33 3.09 26.54
CA LYS B 424 15.37 2.90 27.54
C LYS B 424 16.66 2.37 26.91
N ALA B 425 16.52 1.53 25.89
CA ALA B 425 17.71 1.00 25.21
C ALA B 425 18.50 2.12 24.56
N ARG B 426 17.82 3.04 23.87
CA ARG B 426 18.58 4.11 23.23
C ARG B 426 19.12 5.12 24.24
N LEU B 427 18.41 5.33 25.35
CA LEU B 427 18.98 6.16 26.42
C LEU B 427 20.25 5.53 27.00
N ALA B 428 20.22 4.21 27.19
CA ALA B 428 21.42 3.49 27.59
C ALA B 428 22.55 3.72 26.60
N ARG B 429 22.23 3.61 25.31
CA ARG B 429 23.22 3.87 24.26
C ARG B 429 23.86 5.25 24.43
N ILE B 430 23.03 6.27 24.64
CA ILE B 430 23.59 7.62 24.62
C ILE B 430 24.45 7.88 25.85
N ARG B 431 24.02 7.43 27.04
CA ARG B 431 24.90 7.74 28.17
C ARG B 431 26.10 6.81 28.23
N VAL B 432 26.02 5.64 27.58
CA VAL B 432 27.23 4.85 27.36
C VAL B 432 28.22 5.63 26.51
N ALA B 433 27.74 6.25 25.43
CA ALA B 433 28.63 7.03 24.58
C ALA B 433 29.26 8.19 25.34
N LYS B 434 28.47 8.87 26.17
CA LYS B 434 29.04 10.01 26.90
C LYS B 434 30.04 9.56 27.95
N THR B 435 29.78 8.41 28.59
CA THR B 435 30.77 7.83 29.50
C THR B 435 32.05 7.49 28.75
N GLY B 436 31.92 6.96 27.53
CA GLY B 436 33.10 6.68 26.73
C GLY B 436 33.89 7.92 26.39
N SER B 437 33.19 9.02 26.11
CA SER B 437 33.90 10.27 25.84
C SER B 437 34.64 10.78 27.07
N SER B 438 34.01 10.70 28.25
CA SER B 438 34.67 11.12 29.47
C SER B 438 35.88 10.24 29.78
N ASN B 439 35.76 8.93 29.52
CA ASN B 439 36.90 8.05 29.72
C ASN B 439 38.01 8.34 28.71
N ALA B 440 37.64 8.75 27.50
CA ALA B 440 38.65 9.16 26.53
C ALA B 440 39.39 10.41 27.00
N TYR B 441 38.66 11.34 27.63
CA TYR B 441 39.33 12.50 28.22
C TYR B 441 40.30 12.10 29.32
N LEU B 442 39.84 11.25 30.25
CA LEU B 442 40.72 10.82 31.34
C LEU B 442 41.91 10.05 30.80
N HIS B 443 41.73 9.32 29.70
CA HIS B 443 42.84 8.61 29.07
C HIS B 443 43.84 9.58 28.48
N SER B 444 43.36 10.60 27.75
CA SER B 444 44.28 11.60 27.19
C SER B 444 44.98 12.39 28.29
N LYS B 445 44.35 12.51 29.47
CA LYS B 445 45.03 13.16 30.59
C LYS B 445 46.19 12.33 31.10
N ARG B 446 46.09 11.00 31.01
CA ARG B 446 47.19 10.12 31.36
C ARG B 446 48.19 9.97 30.21
N ASN B 447 48.14 10.85 29.23
CA ASN B 447 49.12 10.88 28.14
C ASN B 447 49.18 9.56 27.39
N SER B 470 42.87 13.78 18.10
CA SER B 470 42.34 13.52 16.77
C SER B 470 41.78 14.79 16.14
N LEU B 471 42.57 15.86 16.20
CA LEU B 471 42.41 17.11 15.47
C LEU B 471 41.16 17.89 15.86
N ILE B 472 40.28 17.30 16.66
CA ILE B 472 39.11 18.03 17.16
C ILE B 472 39.09 17.90 18.68
N GLU B 473 39.18 16.67 19.17
CA GLU B 473 39.17 16.42 20.60
C GLU B 473 40.30 17.15 21.31
N SER B 474 41.33 17.56 20.57
CA SER B 474 42.40 18.35 21.16
C SER B 474 41.85 19.62 21.80
N GLN B 475 41.05 20.37 21.05
CA GLN B 475 40.51 21.63 21.55
C GLN B 475 39.49 21.41 22.65
N HIS B 476 38.68 20.35 22.54
CA HIS B 476 37.71 20.06 23.59
C HIS B 476 38.40 19.69 24.89
N HIS B 477 39.38 18.78 24.82
CA HIS B 477 40.17 18.43 25.99
C HIS B 477 40.90 19.64 26.55
N HIS B 478 41.37 20.54 25.68
CA HIS B 478 42.02 21.76 26.17
C HIS B 478 41.02 22.66 26.89
N LEU B 479 39.78 22.70 26.42
CA LEU B 479 38.75 23.46 27.10
C LEU B 479 38.51 22.89 28.49
N LEU B 480 38.43 21.56 28.58
CA LEU B 480 38.25 20.92 29.90
C LEU B 480 39.45 21.18 30.80
N HIS B 481 40.66 21.13 30.25
CA HIS B 481 41.86 21.39 31.03
C HIS B 481 41.87 22.83 31.54
N CYS B 482 41.47 23.78 30.69
CA CYS B 482 41.30 25.15 31.15
C CYS B 482 40.27 25.25 32.25
N LEU B 483 39.20 24.46 32.15
CA LEU B 483 38.21 24.43 33.23
C LEU B 483 38.80 23.91 34.53
N GLU B 484 39.79 23.02 34.44
CA GLU B 484 40.39 22.44 35.65
C GLU B 484 41.02 23.49 36.56
N LYS B 485 41.00 24.77 36.19
CA LYS B 485 41.33 25.83 37.13
C LYS B 485 40.53 25.69 38.43
N THR B 486 39.28 25.27 38.32
CA THR B 486 38.52 24.92 39.51
C THR B 486 39.11 23.67 40.15
N THR B 487 39.17 23.67 41.47
CA THR B 487 39.82 22.56 42.16
C THR B 487 39.24 22.39 43.57
N GLY C 92 21.31 40.20 6.76
CA GLY C 92 22.06 40.18 5.52
C GLY C 92 23.53 39.87 5.71
N LEU C 93 24.17 39.35 4.67
CA LEU C 93 25.58 39.00 4.77
C LEU C 93 26.47 40.24 4.79
N GLU C 94 26.05 41.32 4.14
CA GLU C 94 26.90 42.50 4.05
C GLU C 94 26.83 43.35 5.32
N GLN C 95 25.62 43.53 5.86
CA GLN C 95 25.51 44.25 7.13
C GLN C 95 26.25 43.51 8.24
N LEU C 96 26.30 42.17 8.17
CA LEU C 96 27.09 41.42 9.14
C LEU C 96 28.58 41.49 8.80
N GLN C 97 28.91 41.64 7.52
CA GLN C 97 30.29 41.88 7.13
C GLN C 97 30.81 43.17 7.73
N GLU C 98 29.97 44.18 7.85
CA GLU C 98 30.42 45.47 8.36
C GLU C 98 30.25 45.63 9.87
N GLN C 99 29.21 45.03 10.46
CA GLN C 99 29.01 45.14 11.91
C GLN C 99 30.06 44.41 12.71
N THR C 100 30.59 43.30 12.21
CA THR C 100 31.45 42.43 12.98
C THR C 100 32.84 42.39 12.34
N LYS C 101 33.83 42.06 13.17
CA LYS C 101 35.21 42.00 12.69
C LYS C 101 35.52 40.75 11.89
N PHE C 102 34.50 40.00 11.48
CA PHE C 102 34.72 38.74 10.78
C PHE C 102 34.81 38.95 9.28
N THR C 103 35.45 38.00 8.61
CA THR C 103 35.49 38.00 7.17
C THR C 103 34.27 37.26 6.63
N ARG C 104 34.16 37.18 5.31
CA ARG C 104 32.95 36.63 4.72
C ARG C 104 32.92 35.11 4.83
N LYS C 105 34.06 34.46 4.58
CA LYS C 105 34.10 33.01 4.69
C LYS C 105 33.92 32.55 6.13
N GLU C 106 34.48 33.29 7.08
CA GLU C 106 34.25 32.97 8.48
C GLU C 106 32.81 33.20 8.89
N LEU C 107 32.10 34.11 8.22
CA LEU C 107 30.68 34.26 8.49
C LEU C 107 29.88 33.11 7.88
N GLN C 108 30.27 32.66 6.69
CA GLN C 108 29.57 31.56 6.05
C GLN C 108 29.72 30.27 6.85
N VAL C 109 30.94 29.98 7.32
CA VAL C 109 31.17 28.77 8.10
C VAL C 109 30.31 28.77 9.36
N LEU C 110 30.36 29.86 10.14
CA LEU C 110 29.54 30.00 11.33
C LEU C 110 28.06 29.90 11.05
N TYR C 111 27.57 30.49 9.96
CA TYR C 111 26.15 30.40 9.69
C TYR C 111 25.75 28.98 9.30
N ARG C 112 26.57 28.31 8.49
CA ARG C 112 26.22 26.94 8.12
C ARG C 112 26.16 26.05 9.35
N GLY C 113 27.14 26.18 10.24
CA GLY C 113 27.10 25.41 11.47
C GLY C 113 25.92 25.76 12.36
N PHE C 114 25.68 27.05 12.58
CA PHE C 114 24.58 27.49 13.43
C PHE C 114 23.24 26.97 12.91
N LYS C 115 22.96 27.19 11.63
CA LYS C 115 21.68 26.76 11.09
C LYS C 115 21.59 25.24 10.99
N ASN C 116 22.71 24.56 10.81
CA ASN C 116 22.69 23.11 10.83
C ASN C 116 22.32 22.58 12.21
N GLU C 117 22.71 23.27 13.27
CA GLU C 117 22.35 22.83 14.61
C GLU C 117 20.97 23.27 15.07
N CYS C 118 20.41 24.32 14.48
CA CYS C 118 19.10 24.81 14.88
C CYS C 118 18.48 25.65 13.75
N PRO C 119 17.82 25.02 12.78
CA PRO C 119 17.39 25.74 11.57
C PRO C 119 16.17 26.62 11.81
N SER C 120 16.41 27.92 11.95
CA SER C 120 15.39 28.97 11.84
C SER C 120 14.37 28.92 12.96
N GLY C 121 14.40 27.87 13.77
CA GLY C 121 13.82 27.90 15.09
C GLY C 121 14.97 28.28 16.00
N ILE C 122 15.37 29.55 15.92
CA ILE C 122 16.76 29.94 16.05
C ILE C 122 17.43 29.33 17.28
N VAL C 123 17.02 29.74 18.49
CA VAL C 123 17.27 29.01 19.73
C VAL C 123 16.35 29.56 20.81
N ASN C 124 15.77 28.66 21.60
CA ASN C 124 15.13 29.02 22.85
C ASN C 124 16.07 28.65 23.98
N GLU C 125 15.80 29.20 25.16
CA GLU C 125 16.73 29.07 26.27
C GLU C 125 16.97 27.62 26.67
N GLU C 126 16.13 26.69 26.21
CA GLU C 126 16.33 25.30 26.57
C GLU C 126 17.27 24.57 25.62
N ASN C 127 17.21 24.88 24.32
CA ASN C 127 18.10 24.24 23.36
C ASN C 127 19.53 24.72 23.50
N PHE C 128 19.72 25.96 23.93
CA PHE C 128 21.04 26.46 24.26
C PHE C 128 21.76 25.53 25.24
N LYS C 129 21.08 25.21 26.34
CA LYS C 129 21.67 24.34 27.35
C LYS C 129 21.90 22.94 26.82
N GLN C 130 21.00 22.45 25.97
CA GLN C 130 21.20 21.14 25.38
C GLN C 130 22.38 21.13 24.43
N ILE C 131 22.71 22.29 23.85
CA ILE C 131 23.88 22.39 23.00
C ILE C 131 25.15 22.40 23.82
N TYR C 132 25.16 23.13 24.94
CA TYR C 132 26.29 23.06 25.86
C TYR C 132 26.50 21.64 26.39
N SER C 133 25.41 20.94 26.69
CA SER C 133 25.51 19.64 27.33
C SER C 133 26.40 18.68 26.58
N GLN C 134 26.68 18.96 25.31
CA GLN C 134 27.56 18.08 24.54
C GLN C 134 29.02 18.27 24.89
N PHE C 135 29.42 19.46 25.32
CA PHE C 135 30.82 19.77 25.56
C PHE C 135 31.26 19.47 26.98
N PHE C 136 30.34 19.40 27.93
CA PHE C 136 30.67 19.19 29.34
C PHE C 136 30.03 17.91 29.84
N PRO C 137 30.60 16.76 29.52
CA PRO C 137 30.23 15.55 30.26
C PRO C 137 30.73 15.65 31.70
N GLN C 138 30.52 14.61 32.50
CA GLN C 138 30.99 14.49 33.87
C GLN C 138 30.54 15.65 34.76
N GLY C 139 29.61 16.49 34.30
CA GLY C 139 29.21 17.64 35.09
C GLY C 139 27.83 18.11 34.72
N ASP C 140 27.46 19.25 35.31
CA ASP C 140 26.17 19.91 35.07
C ASP C 140 26.42 21.36 34.68
N SER C 141 25.97 21.73 33.49
CA SER C 141 26.25 23.04 32.92
C SER C 141 25.02 23.92 32.74
N SER C 142 23.84 23.45 33.13
CA SER C 142 22.60 24.12 32.75
C SER C 142 22.50 25.52 33.36
N THR C 143 22.92 25.67 34.61
CA THR C 143 22.76 26.97 35.26
C THR C 143 23.68 28.02 34.65
N TYR C 144 24.94 27.65 34.35
CA TYR C 144 25.84 28.61 33.73
C TYR C 144 25.40 28.93 32.30
N ALA C 145 24.92 27.92 31.59
CA ALA C 145 24.32 28.15 30.28
C ALA C 145 23.21 29.19 30.36
N THR C 146 22.31 29.04 31.34
CA THR C 146 21.27 30.03 31.54
C THR C 146 21.85 31.39 31.89
N PHE C 147 22.96 31.41 32.63
CA PHE C 147 23.55 32.68 33.03
C PHE C 147 24.05 33.46 31.82
N LEU C 148 24.71 32.80 30.88
CA LEU C 148 25.23 33.57 29.76
C LEU C 148 24.30 33.63 28.56
N PHE C 149 23.23 32.82 28.56
CA PHE C 149 22.21 32.97 27.52
C PHE C 149 21.59 34.36 27.56
N ASN C 150 21.43 34.92 28.75
CA ASN C 150 20.92 36.27 28.86
C ASN C 150 21.98 37.32 28.57
N ALA C 151 23.25 36.95 28.68
CA ALA C 151 24.30 37.87 28.25
C ALA C 151 24.35 37.97 26.74
N PHE C 152 24.11 36.86 26.04
CA PHE C 152 24.11 36.91 24.58
C PHE C 152 22.82 37.50 24.03
N ASP C 153 21.74 37.43 24.78
CA ASP C 153 20.46 38.00 24.36
C ASP C 153 20.50 39.50 24.59
N THR C 154 20.98 40.25 23.58
CA THR C 154 21.15 41.69 23.69
C THR C 154 19.82 42.37 23.98
N ASN C 155 18.86 42.27 23.06
CA ASN C 155 17.48 42.56 23.42
C ASN C 155 16.96 41.44 24.31
N HIS C 156 15.89 41.72 25.04
CA HIS C 156 15.45 40.76 26.03
C HIS C 156 14.35 39.86 25.49
N ASP C 157 14.42 39.56 24.20
CA ASP C 157 13.51 38.61 23.58
C ASP C 157 13.68 37.24 24.23
N GLY C 158 12.79 36.31 23.86
CA GLY C 158 12.94 34.96 24.34
C GLY C 158 13.89 34.09 23.55
N SER C 159 14.55 34.63 22.52
CA SER C 159 15.36 33.82 21.63
C SER C 159 16.63 34.57 21.26
N VAL C 160 17.61 33.81 20.78
CA VAL C 160 18.87 34.34 20.28
C VAL C 160 18.91 34.11 18.78
N SER C 161 19.09 35.19 18.02
CA SER C 161 19.15 35.09 16.58
C SER C 161 20.59 34.86 16.14
N PHE C 162 20.84 34.97 14.83
CA PHE C 162 22.20 34.80 14.35
C PHE C 162 23.03 36.05 14.56
N GLU C 163 22.42 37.23 14.46
CA GLU C 163 23.17 38.44 14.74
C GLU C 163 23.50 38.56 16.22
N ASP C 164 22.57 38.14 17.10
CA ASP C 164 22.89 38.08 18.53
C ASP C 164 24.07 37.16 18.77
N PHE C 165 24.08 36.00 18.12
CA PHE C 165 25.16 35.03 18.26
C PHE C 165 26.49 35.60 17.78
N VAL C 166 26.50 36.19 16.58
CA VAL C 166 27.76 36.54 15.93
C VAL C 166 28.31 37.86 16.48
N ALA C 167 27.45 38.79 16.90
CA ALA C 167 27.95 39.99 17.54
C ALA C 167 28.64 39.67 18.85
N GLY C 168 28.01 38.81 19.67
CA GLY C 168 28.65 38.34 20.87
C GLY C 168 29.93 37.57 20.64
N LEU C 169 29.98 36.74 19.60
CA LEU C 169 31.25 36.08 19.29
C LEU C 169 32.33 37.07 18.86
N SER C 170 31.96 38.13 18.14
CA SER C 170 32.96 39.07 17.66
C SER C 170 33.49 39.94 18.80
N VAL C 171 32.60 40.34 19.72
CA VAL C 171 33.03 41.18 20.82
C VAL C 171 33.92 40.41 21.79
N ILE C 172 33.97 39.09 21.65
CA ILE C 172 34.80 38.26 22.51
C ILE C 172 36.08 37.84 21.80
N LEU C 173 35.97 37.39 20.56
CA LEU C 173 37.10 36.81 19.84
C LEU C 173 37.92 37.83 19.08
N ARG C 174 37.34 38.98 18.73
CA ARG C 174 38.03 39.98 17.94
C ARG C 174 38.16 41.33 18.62
N GLY C 175 37.40 41.58 19.68
CA GLY C 175 37.45 42.86 20.35
C GLY C 175 38.75 43.06 21.13
N THR C 176 38.82 44.19 21.83
CA THR C 176 39.97 44.51 22.64
C THR C 176 39.86 43.83 24.01
N VAL C 177 40.92 43.93 24.80
CA VAL C 177 40.90 43.37 26.15
C VAL C 177 39.87 44.08 27.02
N ASP C 178 39.76 45.41 26.87
CA ASP C 178 38.72 46.15 27.58
C ASP C 178 37.32 45.68 27.23
N ASP C 179 37.07 45.37 25.95
CA ASP C 179 35.76 44.90 25.55
C ASP C 179 35.45 43.53 26.15
N ARG C 180 36.42 42.62 26.12
CA ARG C 180 36.24 41.33 26.78
C ARG C 180 35.97 41.50 28.26
N LEU C 181 36.66 42.42 28.91
CA LEU C 181 36.45 42.64 30.34
C LEU C 181 35.08 43.22 30.62
N ASN C 182 34.61 44.12 29.76
CA ASN C 182 33.25 44.65 29.91
C ASN C 182 32.22 43.55 29.75
N TRP C 183 32.41 42.68 28.76
CA TRP C 183 31.51 41.54 28.59
C TRP C 183 31.51 40.65 29.83
N ALA C 184 32.69 40.37 30.37
CA ALA C 184 32.80 39.53 31.56
C ALA C 184 32.07 40.17 32.74
N PHE C 185 32.34 41.44 33.00
CA PHE C 185 31.69 42.14 34.10
C PHE C 185 30.17 42.13 33.93
N ASN C 186 29.68 42.44 32.73
CA ASN C 186 28.24 42.46 32.51
C ASN C 186 27.65 41.06 32.66
N LEU C 187 28.44 40.02 32.43
CA LEU C 187 27.98 38.67 32.76
C LEU C 187 27.88 38.48 34.26
N TYR C 188 28.91 38.91 35.01
CA TYR C 188 28.91 38.71 36.45
C TYR C 188 27.82 39.53 37.13
N ASP C 189 27.72 40.81 36.79
CA ASP C 189 26.65 41.64 37.33
C ASP C 189 25.31 41.16 36.81
N LEU C 190 24.43 40.74 37.73
CA LEU C 190 23.17 40.12 37.34
C LEU C 190 22.10 41.16 37.00
N ASN C 191 21.79 42.06 37.94
CA ASN C 191 20.74 43.04 37.71
C ASN C 191 21.19 44.20 36.82
N LYS C 192 22.43 44.15 36.31
CA LYS C 192 22.95 45.16 35.39
C LYS C 192 22.91 46.56 36.00
N ASP C 193 23.15 46.66 37.30
CA ASP C 193 23.14 47.95 37.99
C ASP C 193 24.48 48.67 37.90
N GLY C 194 25.58 47.93 37.69
CA GLY C 194 26.91 48.50 37.69
C GLY C 194 27.77 48.09 38.86
N CYS C 195 27.26 47.23 39.74
CA CYS C 195 28.01 46.81 40.93
C CYS C 195 27.65 45.36 41.25
N ILE C 196 28.65 44.61 41.69
CA ILE C 196 28.47 43.20 42.01
C ILE C 196 28.53 43.03 43.52
N THR C 197 27.48 42.45 44.10
CA THR C 197 27.46 42.10 45.50
C THR C 197 27.81 40.63 45.67
N LYS C 198 28.01 40.22 46.92
CA LYS C 198 28.53 38.89 47.18
C LYS C 198 27.55 37.80 46.74
N GLU C 199 26.24 38.09 46.81
CA GLU C 199 25.24 37.12 46.35
C GLU C 199 25.34 36.92 44.84
N GLU C 200 25.49 38.02 44.09
CA GLU C 200 25.45 37.95 42.63
C GLU C 200 26.58 37.09 42.09
N MET C 201 27.80 37.31 42.59
CA MET C 201 28.92 36.53 42.10
C MET C 201 29.02 35.18 42.80
N LEU C 202 28.48 35.07 44.01
CA LEU C 202 28.38 33.75 44.65
C LEU C 202 27.55 32.81 43.81
N ASP C 203 26.47 33.31 43.21
CA ASP C 203 25.65 32.47 42.35
C ASP C 203 26.45 31.96 41.15
N ILE C 204 27.23 32.85 40.52
CA ILE C 204 27.99 32.45 39.35
C ILE C 204 29.12 31.49 39.72
N MET C 205 29.74 31.69 40.89
CA MET C 205 30.77 30.76 41.33
C MET C 205 30.17 29.38 41.61
N LYS C 206 29.00 29.34 42.25
CA LYS C 206 28.31 28.06 42.41
C LYS C 206 28.02 27.43 41.06
N SER C 207 27.62 28.26 40.08
CA SER C 207 27.27 27.74 38.76
C SER C 207 28.47 27.10 38.08
N ILE C 208 29.62 27.78 38.10
CA ILE C 208 30.81 27.22 37.49
C ILE C 208 31.28 25.99 38.24
N TYR C 209 31.11 25.96 39.57
CA TYR C 209 31.51 24.79 40.33
C TYR C 209 30.64 23.58 39.99
N ASP C 210 29.35 23.81 39.74
CA ASP C 210 28.46 22.72 39.36
C ASP C 210 28.94 22.00 38.11
N MET C 211 29.73 22.68 37.28
CA MET C 211 30.15 22.08 36.01
C MET C 211 31.22 21.02 36.19
N MET C 212 31.92 21.03 37.33
CA MET C 212 32.97 20.04 37.54
C MET C 212 32.36 18.66 37.78
N GLY C 213 31.22 18.60 38.44
CA GLY C 213 30.38 17.42 38.40
C GLY C 213 30.26 16.79 39.76
N LYS C 214 30.14 15.46 39.74
CA LYS C 214 29.91 14.69 40.96
C LYS C 214 31.17 14.66 41.82
N TYR C 215 32.26 14.11 41.29
CA TYR C 215 33.45 13.89 42.07
C TYR C 215 34.57 14.81 41.59
N THR C 216 35.10 15.59 42.52
CA THR C 216 36.34 16.30 42.33
C THR C 216 37.44 15.54 43.04
N TYR C 217 38.63 15.50 42.46
CA TYR C 217 39.70 14.66 42.98
C TYR C 217 40.12 15.13 44.37
N PRO C 218 40.24 16.44 44.63
CA PRO C 218 40.27 16.89 46.02
C PRO C 218 38.87 17.09 46.60
N ALA C 219 38.80 17.59 47.82
CA ALA C 219 37.53 17.69 48.53
C ALA C 219 36.57 18.65 47.84
N LEU C 220 35.31 18.61 48.27
CA LEU C 220 34.25 19.44 47.73
C LEU C 220 33.47 20.08 48.87
N ARG C 221 33.40 21.41 48.88
CA ARG C 221 32.82 22.15 49.99
C ARG C 221 31.88 23.21 49.46
N GLU C 222 31.31 24.01 50.37
CA GLU C 222 30.52 25.18 50.02
C GLU C 222 31.21 26.46 50.48
N GLU C 223 31.72 26.45 51.71
CA GLU C 223 32.53 27.56 52.16
C GLU C 223 33.83 27.66 51.37
N ALA C 224 34.17 26.62 50.60
CA ALA C 224 35.31 26.76 49.68
C ALA C 224 34.97 27.61 48.47
N PRO C 225 33.83 27.42 47.78
CA PRO C 225 33.36 28.47 46.86
C PRO C 225 33.20 29.83 47.53
N ARG C 226 32.80 29.88 48.80
CA ARG C 226 32.78 31.15 49.51
C ARG C 226 34.19 31.75 49.58
N GLU C 227 35.19 30.92 49.86
CA GLU C 227 36.58 31.38 49.89
C GLU C 227 37.07 31.82 48.53
N HIS C 228 36.58 31.19 47.46
CA HIS C 228 36.96 31.64 46.13
C HIS C 228 36.37 33.02 45.84
N VAL C 229 35.08 33.22 46.18
CA VAL C 229 34.49 34.55 46.09
C VAL C 229 35.28 35.55 46.92
N GLU C 230 35.75 35.13 48.11
CA GLU C 230 36.50 36.03 48.98
C GLU C 230 37.84 36.41 48.35
N SER C 231 38.55 35.43 47.80
CA SER C 231 39.82 35.72 47.13
C SER C 231 39.60 36.65 45.94
N PHE C 232 38.50 36.48 45.22
CA PHE C 232 38.19 37.37 44.11
C PHE C 232 37.98 38.79 44.59
N PHE C 233 37.08 38.98 45.57
CA PHE C 233 36.83 40.30 46.11
C PHE C 233 38.08 40.90 46.74
N GLN C 234 38.99 40.05 47.23
CA GLN C 234 40.29 40.51 47.70
C GLN C 234 41.12 41.07 46.57
N LYS C 235 41.26 40.32 45.48
CA LYS C 235 42.17 40.70 44.41
C LYS C 235 41.63 41.86 43.57
N MET C 236 40.31 42.05 43.51
CA MET C 236 39.76 42.99 42.54
C MET C 236 38.86 44.06 43.15
N ASP C 237 39.18 44.57 44.33
CA ASP C 237 38.38 45.62 44.96
C ASP C 237 39.27 46.59 45.71
N ARG C 238 39.09 47.89 45.46
CA ARG C 238 39.62 48.94 46.31
C ARG C 238 38.54 49.64 47.13
N ASN C 239 37.28 49.53 46.71
CA ASN C 239 36.17 50.09 47.48
C ASN C 239 36.16 49.60 48.92
N LYS C 240 36.51 48.33 49.14
CA LYS C 240 36.51 47.71 50.46
C LYS C 240 35.13 47.76 51.11
N ASP C 241 34.09 48.09 50.34
CA ASP C 241 32.72 48.06 50.82
C ASP C 241 32.01 46.77 50.40
N GLY C 242 32.77 45.70 50.16
CA GLY C 242 32.19 44.45 49.68
C GLY C 242 31.50 44.56 48.34
N VAL C 243 31.84 45.56 47.54
CA VAL C 243 31.19 45.82 46.26
C VAL C 243 32.26 46.16 45.24
N VAL C 244 32.21 45.51 44.08
CA VAL C 244 33.08 45.81 42.95
C VAL C 244 32.23 46.43 41.85
N THR C 245 32.79 47.43 41.18
CA THR C 245 32.09 48.18 40.15
C THR C 245 32.81 48.03 38.81
N ILE C 246 32.29 48.72 37.80
CA ILE C 246 32.77 48.52 36.43
C ILE C 246 34.22 48.98 36.29
N GLU C 247 34.52 50.23 36.69
CA GLU C 247 35.90 50.70 36.68
C GLU C 247 36.73 49.99 37.74
N GLU C 248 36.11 49.65 38.87
CA GLU C 248 36.79 48.89 39.90
C GLU C 248 37.31 47.56 39.36
N PHE C 249 36.48 46.85 38.58
CA PHE C 249 36.92 45.59 38.00
C PHE C 249 37.86 45.81 36.82
N ILE C 250 37.65 46.88 36.06
CA ILE C 250 38.48 47.11 34.87
C ILE C 250 39.92 47.40 35.27
N GLU C 251 40.12 48.41 36.11
CA GLU C 251 41.47 48.79 36.50
C GLU C 251 42.15 47.76 37.39
N SER C 252 41.39 47.00 38.17
CA SER C 252 41.99 45.99 39.03
C SER C 252 42.33 44.71 38.28
N CYS C 253 41.55 44.38 37.25
CA CYS C 253 41.76 43.17 36.47
C CYS C 253 42.86 43.35 35.42
N GLN C 254 43.26 44.58 35.15
CA GLN C 254 44.30 44.83 34.15
C GLN C 254 45.70 44.62 34.72
N LYS C 255 45.91 44.95 36.00
CA LYS C 255 47.26 44.97 36.57
C LYS C 255 47.84 43.58 36.66
N ASP C 256 47.00 42.55 36.72
CA ASP C 256 47.49 41.19 36.88
C ASP C 256 48.32 40.76 35.66
N GLU C 257 48.97 39.61 35.80
CA GLU C 257 49.86 39.10 34.75
C GLU C 257 49.34 37.81 34.14
N ASN C 258 49.06 36.79 34.95
CA ASN C 258 48.67 35.49 34.40
C ASN C 258 47.31 35.54 33.73
N ILE C 259 46.37 36.32 34.27
CA ILE C 259 45.07 36.42 33.63
C ILE C 259 45.14 37.26 32.37
N MET C 260 46.12 38.16 32.28
CA MET C 260 46.30 38.91 31.05
C MET C 260 46.97 38.07 29.97
N ARG C 261 47.81 37.12 30.38
CA ARG C 261 48.29 36.12 29.43
C ARG C 261 47.19 35.15 29.06
N SER C 262 46.22 34.95 29.96
CA SER C 262 45.09 34.08 29.64
C SER C 262 44.15 34.71 28.63
N MET C 263 43.76 35.96 28.88
CA MET C 263 42.74 36.61 28.06
C MET C 263 43.24 36.95 26.66
N GLN C 264 44.44 36.53 26.29
CA GLN C 264 44.85 36.52 24.90
C GLN C 264 44.81 35.13 24.30
N LEU C 265 44.13 34.19 24.97
CA LEU C 265 43.89 32.88 24.37
C LEU C 265 42.88 32.97 23.24
N PHE C 266 41.95 33.91 23.33
CA PHE C 266 40.83 34.04 22.41
C PHE C 266 41.21 34.69 21.09
N ASP C 267 42.49 34.87 20.81
CA ASP C 267 42.93 35.50 19.57
C ASP C 267 43.62 34.54 18.62
N ASN C 268 44.09 33.39 19.12
CA ASN C 268 44.92 32.49 18.32
C ASN C 268 44.09 31.66 17.36
N VAL C 269 43.18 30.85 17.88
CA VAL C 269 42.43 29.89 17.08
C VAL C 269 41.00 30.40 16.96
N ILE C 270 40.57 30.63 15.72
CA ILE C 270 39.22 31.11 15.45
C ILE C 270 38.78 30.72 14.05
N GLY D 4 29.77 15.02 16.48
CA GLY D 4 28.54 15.56 15.93
C GLY D 4 28.43 17.07 16.09
N VAL D 5 28.55 17.52 17.34
CA VAL D 5 28.51 18.94 17.66
C VAL D 5 29.95 19.44 17.62
N ALA D 6 30.33 20.08 16.51
CA ALA D 6 31.67 20.61 16.34
C ALA D 6 31.68 22.03 15.80
N ALA D 7 30.54 22.59 15.41
CA ALA D 7 30.49 23.94 14.89
C ALA D 7 30.17 24.98 15.95
N TRP D 8 29.83 24.54 17.16
CA TRP D 8 29.66 25.43 18.30
C TRP D 8 30.87 25.42 19.21
N LEU D 9 31.93 24.71 18.84
CA LEU D 9 33.13 24.62 19.67
C LEU D 9 33.80 25.99 19.76
N PRO D 10 33.90 26.77 18.68
CA PRO D 10 34.30 28.17 18.84
C PRO D 10 33.42 28.92 19.82
N PHE D 11 32.13 28.62 19.83
CA PHE D 11 31.24 29.29 20.77
C PHE D 11 31.54 28.89 22.21
N ALA D 12 31.88 27.62 22.45
CA ALA D 12 32.24 27.19 23.80
C ALA D 12 33.55 27.82 24.24
N ARG D 13 34.54 27.87 23.34
CA ARG D 13 35.79 28.53 23.67
C ARG D 13 35.56 30.00 24.02
N ALA D 14 34.68 30.66 23.26
CA ALA D 14 34.38 32.06 23.57
C ALA D 14 33.61 32.20 24.88
N ALA D 15 32.76 31.21 25.20
CA ALA D 15 32.03 31.23 26.45
C ALA D 15 32.94 31.01 27.64
N ALA D 16 34.09 30.36 27.41
CA ALA D 16 35.05 30.11 28.48
C ALA D 16 35.68 31.40 29.00
N ILE D 17 35.22 32.55 28.50
CA ILE D 17 35.75 33.82 28.98
C ILE D 17 35.32 34.08 30.41
N GLY D 18 34.21 33.50 30.85
CA GLY D 18 33.73 33.74 32.20
C GLY D 18 34.65 33.20 33.28
N TRP D 19 35.50 32.23 32.93
CA TRP D 19 36.37 31.60 33.92
C TRP D 19 37.70 32.33 34.08
N MET D 20 38.16 33.02 33.05
CA MET D 20 39.50 33.60 33.09
C MET D 20 39.69 34.64 34.19
N PRO D 21 38.75 35.55 34.45
CA PRO D 21 38.96 36.46 35.60
C PRO D 21 38.89 35.75 36.94
N VAL D 22 38.09 34.70 37.05
CA VAL D 22 37.97 33.96 38.30
C VAL D 22 39.03 32.86 38.33
N ALA D 23 39.87 32.82 37.30
CA ALA D 23 40.97 31.87 37.24
C ALA D 23 42.17 32.45 37.98
N ASN D 24 41.94 32.81 39.24
CA ASN D 24 43.02 33.26 40.10
C ASN D 24 43.99 32.14 40.41
N CYS D 25 43.62 30.89 40.13
CA CYS D 25 44.60 29.83 40.01
C CYS D 25 45.67 30.26 39.00
N PRO D 26 46.95 30.14 39.35
CA PRO D 26 48.00 30.83 38.59
C PRO D 26 48.02 30.55 37.09
N MET D 27 48.14 29.30 36.69
CA MET D 27 48.43 29.02 35.29
C MET D 27 47.20 28.55 34.54
N PRO D 28 46.87 29.19 33.43
CA PRO D 28 45.96 28.58 32.46
C PRO D 28 46.74 27.77 31.43
N LEU D 29 46.14 26.67 31.01
CA LEU D 29 46.85 25.71 30.16
C LEU D 29 47.17 26.34 28.81
N ALA D 30 48.36 26.04 28.30
CA ALA D 30 48.75 26.53 26.99
C ALA D 30 47.80 25.99 25.93
N PRO D 31 47.49 26.78 24.90
CA PRO D 31 46.54 26.31 23.88
C PRO D 31 47.06 25.10 23.14
N ALA D 32 46.13 24.34 22.58
CA ALA D 32 46.44 23.09 21.86
C ALA D 32 46.50 23.31 20.36
N ASP D 33 47.02 24.46 19.94
CA ASP D 33 47.05 24.79 18.53
C ASP D 33 47.91 23.80 17.74
N LYS D 34 47.37 23.32 16.63
CA LYS D 34 48.05 22.41 15.73
C LYS D 34 47.81 22.88 14.29
N ASN D 35 48.38 22.13 13.34
CA ASN D 35 48.13 22.43 11.94
C ASN D 35 46.69 22.08 11.58
N LYS D 36 45.95 23.09 11.09
CA LYS D 36 44.55 22.92 10.72
C LYS D 36 44.35 23.41 9.30
N ARG D 37 43.63 22.62 8.50
CA ARG D 37 43.33 22.96 7.13
C ARG D 37 41.82 23.04 6.95
N GLN D 38 41.40 23.90 6.03
CA GLN D 38 40.00 24.25 5.89
C GLN D 38 39.18 23.04 5.44
N ASP D 39 37.86 23.17 5.59
CA ASP D 39 36.95 22.24 4.92
C ASP D 39 37.09 22.36 3.42
N GLU D 40 36.98 21.23 2.74
CA GLU D 40 36.89 21.21 1.30
C GLU D 40 35.77 20.27 0.90
N LEU D 41 35.24 20.47 -0.30
CA LEU D 41 34.26 19.55 -0.84
C LEU D 41 34.98 18.30 -1.32
N ILE D 42 34.61 17.17 -0.81
CA ILE D 42 35.08 15.90 -1.35
C ILE D 42 33.98 15.30 -2.19
N VAL D 43 34.39 14.56 -3.22
CA VAL D 43 33.53 14.07 -4.28
C VAL D 43 33.46 12.56 -4.16
N LEU D 44 32.28 12.05 -3.82
CA LEU D 44 32.06 10.61 -3.80
C LEU D 44 31.43 10.21 -5.12
N ASN D 45 32.12 9.39 -5.89
CA ASN D 45 31.63 8.99 -7.21
C ASN D 45 31.06 7.60 -7.10
N VAL D 46 29.79 7.50 -6.77
CA VAL D 46 29.14 6.21 -6.52
C VAL D 46 28.46 5.78 -7.80
N SER D 47 29.06 4.83 -8.51
CA SER D 47 28.46 4.23 -9.69
C SER D 47 28.16 5.27 -10.77
N GLY D 48 29.04 6.25 -10.90
CA GLY D 48 28.85 7.32 -11.85
C GLY D 48 28.08 8.51 -11.31
N ARG D 49 27.26 8.31 -10.29
CA ARG D 49 26.52 9.42 -9.70
C ARG D 49 27.41 10.14 -8.71
N ARG D 50 27.54 11.44 -8.86
CA ARG D 50 28.48 12.23 -8.08
C ARG D 50 27.78 12.86 -6.88
N PHE D 51 28.12 12.42 -5.68
CA PHE D 51 27.73 13.09 -4.47
C PHE D 51 28.89 13.96 -4.00
N GLN D 52 28.58 14.91 -3.13
CA GLN D 52 29.57 15.91 -2.76
C GLN D 52 29.26 16.37 -1.36
N THR D 53 30.29 16.54 -0.54
CA THR D 53 30.03 16.94 0.84
C THR D 53 31.31 17.44 1.47
N TRP D 54 31.17 18.24 2.53
CA TRP D 54 32.32 18.63 3.33
C TRP D 54 32.88 17.40 4.03
N ARG D 55 34.21 17.31 4.12
CA ARG D 55 34.79 16.16 4.79
C ARG D 55 34.56 16.18 6.29
N THR D 56 34.34 17.37 6.86
CA THR D 56 33.96 17.45 8.26
C THR D 56 32.60 16.82 8.50
N THR D 57 31.79 16.67 7.46
CA THR D 57 30.54 15.93 7.60
C THR D 57 30.81 14.45 7.76
N LEU D 58 31.79 13.92 7.01
CA LEU D 58 32.07 12.50 7.08
C LEU D 58 32.87 12.11 8.30
N GLU D 59 33.63 13.04 8.87
CA GLU D 59 34.41 12.69 10.06
C GLU D 59 33.60 12.73 11.34
N ARG D 60 32.26 12.71 11.26
CA ARG D 60 31.44 12.72 12.46
C ARG D 60 31.28 11.34 13.08
N TYR D 61 31.48 10.28 12.32
CA TYR D 61 31.35 8.91 12.82
C TYR D 61 32.57 8.14 12.37
N PRO D 62 33.62 8.09 13.18
CA PRO D 62 34.88 7.50 12.74
C PRO D 62 34.99 6.00 12.96
N ASP D 63 33.86 5.34 13.25
CA ASP D 63 33.85 3.89 13.38
C ASP D 63 33.19 3.20 12.19
N THR D 64 33.07 3.90 11.06
CA THR D 64 32.42 3.39 9.87
C THR D 64 33.37 3.51 8.70
N LEU D 65 32.91 3.11 7.50
CA LEU D 65 33.79 3.10 6.35
C LEU D 65 34.13 4.51 5.88
N LEU D 66 33.17 5.43 5.93
CA LEU D 66 33.40 6.75 5.39
C LEU D 66 34.08 7.67 6.38
N GLY D 67 33.86 7.47 7.68
CA GLY D 67 34.55 8.26 8.67
C GLY D 67 35.93 7.79 9.01
N SER D 68 36.32 6.61 8.54
CA SER D 68 37.63 6.04 8.83
C SER D 68 38.61 6.36 7.71
N THR D 69 39.80 5.77 7.79
CA THR D 69 40.75 5.81 6.69
C THR D 69 40.60 4.63 5.76
N GLU D 70 39.63 3.76 6.00
CA GLU D 70 39.36 2.66 5.10
C GLU D 70 38.99 3.15 3.71
N LYS D 71 38.31 4.31 3.62
CA LYS D 71 37.87 4.79 2.32
C LYS D 71 39.05 5.17 1.44
N GLU D 72 40.25 5.27 1.99
CA GLU D 72 41.42 5.51 1.16
C GLU D 72 41.74 4.33 0.25
N PHE D 73 41.11 3.18 0.47
CA PHE D 73 41.24 2.08 -0.47
C PHE D 73 40.45 2.34 -1.75
N PHE D 74 39.57 3.33 -1.76
CA PHE D 74 38.72 3.61 -2.91
C PHE D 74 39.05 4.93 -3.58
N PHE D 75 40.18 5.53 -3.24
CA PHE D 75 40.56 6.84 -3.75
C PHE D 75 41.41 6.69 -5.00
N ASN D 76 41.23 7.60 -5.95
CA ASN D 76 42.06 7.67 -7.15
C ASN D 76 42.75 9.02 -7.17
N GLU D 77 44.09 9.01 -7.06
CA GLU D 77 44.83 10.26 -7.03
C GLU D 77 44.81 10.98 -8.37
N ASP D 78 44.62 10.27 -9.48
CA ASP D 78 44.59 10.91 -10.78
C ASP D 78 43.29 11.64 -11.05
N THR D 79 42.19 11.19 -10.45
CA THR D 79 40.90 11.84 -10.64
C THR D 79 40.41 12.59 -9.40
N LYS D 80 41.08 12.45 -8.26
CA LYS D 80 40.75 13.15 -7.02
C LYS D 80 39.40 12.74 -6.44
N GLU D 81 38.86 11.58 -6.84
CA GLU D 81 37.53 11.17 -6.41
C GLU D 81 37.59 9.79 -5.78
N TYR D 82 36.69 9.56 -4.84
CA TYR D 82 36.44 8.22 -4.32
C TYR D 82 35.42 7.56 -5.23
N PHE D 83 35.73 6.36 -5.73
CA PHE D 83 34.81 5.63 -6.56
C PHE D 83 34.34 4.38 -5.83
N PHE D 84 33.04 4.27 -5.63
CA PHE D 84 32.41 3.08 -5.08
C PHE D 84 31.56 2.45 -6.17
N ASP D 85 31.81 1.20 -6.48
CA ASP D 85 31.05 0.47 -7.47
C ASP D 85 29.83 -0.16 -6.80
N ARG D 86 29.01 0.66 -6.16
CA ARG D 86 27.85 0.21 -5.40
C ARG D 86 26.58 0.87 -5.92
N ASP D 87 25.47 0.49 -5.34
CA ASP D 87 24.18 1.04 -5.73
C ASP D 87 24.08 2.49 -5.32
N PRO D 88 23.73 3.41 -6.24
CA PRO D 88 23.70 4.83 -5.90
C PRO D 88 22.42 5.31 -5.24
N GLU D 89 21.41 4.46 -5.07
CA GLU D 89 20.17 4.90 -4.46
C GLU D 89 20.10 4.64 -2.96
N VAL D 90 20.87 3.70 -2.44
CA VAL D 90 20.93 3.49 -1.01
C VAL D 90 22.07 4.29 -0.37
N PHE D 91 23.09 4.65 -1.14
CA PHE D 91 24.15 5.50 -0.61
C PHE D 91 23.62 6.84 -0.17
N ARG D 92 22.51 7.29 -0.75
CA ARG D 92 21.93 8.56 -0.36
C ARG D 92 21.46 8.54 1.09
N CYS D 93 20.88 7.41 1.52
CA CYS D 93 20.45 7.29 2.92
C CYS D 93 21.65 7.30 3.87
N VAL D 94 22.76 6.68 3.45
CA VAL D 94 23.95 6.70 4.28
C VAL D 94 24.50 8.12 4.41
N LEU D 95 24.56 8.84 3.29
CA LEU D 95 25.05 10.21 3.34
C LEU D 95 24.15 11.08 4.20
N ASN D 96 22.83 10.90 4.10
CA ASN D 96 21.93 11.68 4.92
C ASN D 96 21.96 11.27 6.38
N PHE D 97 22.41 10.06 6.68
CA PHE D 97 22.68 9.72 8.07
C PHE D 97 23.90 10.48 8.57
N TYR D 98 24.92 10.59 7.74
CA TYR D 98 26.10 11.36 8.16
C TYR D 98 25.78 12.82 8.34
N ARG D 99 24.84 13.36 7.56
CA ARG D 99 24.53 14.78 7.65
C ARG D 99 23.69 15.09 8.88
N THR D 100 22.48 14.53 8.95
CA THR D 100 21.60 14.85 10.07
C THR D 100 22.02 14.10 11.33
N GLY D 101 21.96 12.77 11.30
CA GLY D 101 22.28 12.00 12.47
C GLY D 101 21.34 10.83 12.64
N LYS D 102 20.27 10.81 11.86
CA LYS D 102 19.31 9.73 11.89
C LYS D 102 19.29 9.02 10.54
N LEU D 103 19.23 7.70 10.58
CA LEU D 103 19.23 6.87 9.39
C LEU D 103 17.80 6.47 9.05
N HIS D 104 17.38 6.79 7.83
CA HIS D 104 16.02 6.51 7.40
C HIS D 104 15.97 5.23 6.57
N TYR D 105 14.75 4.82 6.24
CA TYR D 105 14.53 3.61 5.45
C TYR D 105 13.55 3.93 4.33
N PRO D 106 13.96 3.84 3.06
CA PRO D 106 13.03 4.11 1.96
C PRO D 106 12.05 2.95 1.78
N ARG D 107 10.77 3.25 1.97
CA ARG D 107 9.73 2.21 1.97
C ARG D 107 9.69 1.42 0.67
N TYR D 108 10.20 1.97 -0.42
CA TYR D 108 10.14 1.31 -1.72
C TYR D 108 11.32 0.40 -1.99
N GLU D 109 12.25 0.29 -1.05
CA GLU D 109 13.50 -0.43 -1.28
C GLU D 109 13.39 -1.84 -0.75
N CYS D 110 14.00 -2.78 -1.49
CA CYS D 110 14.10 -4.16 -1.03
C CYS D 110 14.91 -4.20 0.27
N ILE D 111 14.42 -4.96 1.24
CA ILE D 111 15.08 -4.98 2.54
C ILE D 111 16.45 -5.65 2.45
N SER D 112 16.62 -6.61 1.55
CA SER D 112 17.88 -7.33 1.47
C SER D 112 18.98 -6.44 0.89
N ALA D 113 18.66 -5.66 -0.14
CA ALA D 113 19.63 -4.72 -0.69
C ALA D 113 20.03 -3.67 0.34
N TYR D 114 19.04 -3.18 1.10
CA TYR D 114 19.33 -2.21 2.15
C TYR D 114 20.26 -2.78 3.20
N ASP D 115 19.98 -4.00 3.67
CA ASP D 115 20.86 -4.62 4.66
C ASP D 115 22.25 -4.84 4.09
N ASP D 116 22.35 -5.21 2.81
CA ASP D 116 23.65 -5.46 2.22
C ASP D 116 24.48 -4.18 2.14
N GLU D 117 23.86 -3.08 1.75
CA GLU D 117 24.60 -1.82 1.70
C GLU D 117 24.99 -1.35 3.09
N LEU D 118 24.09 -1.47 4.07
CA LEU D 118 24.45 -1.08 5.43
C LEU D 118 25.60 -1.92 5.94
N ALA D 119 25.63 -3.21 5.60
CA ALA D 119 26.74 -4.05 6.01
C ALA D 119 28.03 -3.62 5.33
N PHE D 120 27.94 -3.20 4.07
CA PHE D 120 29.14 -2.78 3.37
C PHE D 120 29.74 -1.53 3.99
N TYR D 121 28.90 -0.55 4.33
CA TYR D 121 29.42 0.73 4.78
C TYR D 121 29.77 0.77 6.25
N GLY D 122 29.46 -0.28 7.00
CA GLY D 122 29.78 -0.33 8.40
C GLY D 122 28.72 0.21 9.32
N ILE D 123 27.57 0.57 8.81
CA ILE D 123 26.47 1.04 9.62
C ILE D 123 25.73 -0.17 10.18
N LEU D 124 25.13 0.01 11.34
CA LEU D 124 24.37 -1.09 11.91
C LEU D 124 22.88 -0.78 11.89
N PRO D 125 22.05 -1.76 11.57
CA PRO D 125 20.61 -1.49 11.46
C PRO D 125 19.98 -1.08 12.79
N GLU D 126 20.77 -1.12 13.87
CA GLU D 126 20.25 -0.80 15.19
C GLU D 126 20.05 0.69 15.39
N ILE D 127 20.69 1.53 14.57
CA ILE D 127 20.62 2.96 14.74
C ILE D 127 19.64 3.61 13.77
N ILE D 128 18.71 2.84 13.21
CA ILE D 128 17.67 3.42 12.37
C ILE D 128 16.77 4.29 13.23
N GLY D 129 16.46 5.48 12.74
CA GLY D 129 15.67 6.41 13.51
C GLY D 129 14.30 5.86 13.84
N ASP D 130 13.72 6.35 14.94
CA ASP D 130 12.41 5.87 15.36
C ASP D 130 11.31 6.29 14.39
N CYS D 131 11.55 7.34 13.61
CA CYS D 131 10.56 7.80 12.64
C CYS D 131 10.13 6.66 11.74
N CYS D 132 11.10 5.96 11.16
CA CYS D 132 10.84 4.79 10.31
C CYS D 132 11.72 3.66 10.80
N TYR D 133 11.27 3.01 11.86
CA TYR D 133 11.91 1.81 12.38
C TYR D 133 10.95 0.65 12.61
N GLU D 134 9.67 0.92 12.85
CA GLU D 134 8.70 -0.16 12.92
C GLU D 134 8.53 -0.83 11.57
N GLU D 135 8.54 -0.04 10.49
CA GLU D 135 8.36 -0.62 9.17
C GLU D 135 9.61 -1.36 8.71
N TYR D 136 10.79 -0.92 9.13
CA TYR D 136 11.98 -1.71 8.88
C TYR D 136 11.86 -3.08 9.52
N LYS D 137 11.46 -3.13 10.79
CA LYS D 137 11.30 -4.41 11.47
C LYS D 137 10.23 -5.25 10.82
N ASP D 138 9.13 -4.62 10.39
CA ASP D 138 8.07 -5.33 9.67
C ASP D 138 8.63 -6.02 8.43
N ARG D 139 9.28 -5.24 7.56
CA ARG D 139 9.78 -5.81 6.32
C ARG D 139 10.84 -6.86 6.57
N LYS D 140 11.68 -6.67 7.59
CA LYS D 140 12.74 -7.64 7.84
C LYS D 140 12.17 -8.93 8.41
N ARG D 141 11.18 -8.83 9.28
CA ARG D 141 10.47 -10.02 9.75
C ARG D 141 9.84 -10.77 8.59
N GLU D 142 9.15 -10.05 7.71
CA GLU D 142 8.51 -10.71 6.58
C GLU D 142 9.54 -11.36 5.67
N ASN D 143 10.66 -10.69 5.42
CA ASN D 143 11.70 -11.26 4.58
C ASN D 143 12.30 -12.50 5.20
N ALA D 144 12.57 -12.46 6.51
CA ALA D 144 13.12 -13.63 7.20
C ALA D 144 12.16 -14.81 7.08
N GLU D 145 10.90 -14.62 7.47
CA GLU D 145 9.96 -15.73 7.42
C GLU D 145 9.68 -16.18 5.99
N ARG D 146 9.90 -15.31 4.99
CA ARG D 146 9.75 -15.74 3.60
C ARG D 146 10.94 -16.55 3.13
N LEU D 147 12.15 -16.23 3.61
CA LEU D 147 13.32 -17.01 3.24
C LEU D 147 13.69 -18.06 4.26
N MET D 148 12.82 -18.34 5.23
CA MET D 148 13.05 -19.43 6.16
C MET D 148 11.81 -20.33 6.27
N LEU D 163 19.34 -47.05 9.95
CA LEU D 163 18.58 -46.02 9.25
C LEU D 163 17.76 -46.64 8.13
N SER D 164 18.18 -47.83 7.69
CA SER D 164 17.46 -48.52 6.62
C SER D 164 16.29 -49.34 7.15
N PHE D 165 16.12 -49.40 8.48
CA PHE D 165 15.00 -50.11 9.07
C PHE D 165 14.20 -49.22 10.01
N ARG D 166 14.90 -48.40 10.79
CA ARG D 166 14.26 -47.53 11.78
C ARG D 166 14.01 -46.14 11.23
N GLN D 167 15.05 -45.47 10.76
CA GLN D 167 14.88 -44.12 10.24
C GLN D 167 14.14 -44.11 8.91
N THR D 168 14.16 -45.21 8.16
CA THR D 168 13.36 -45.25 6.94
C THR D 168 11.87 -45.30 7.26
N MET D 169 11.48 -46.02 8.32
CA MET D 169 10.07 -46.04 8.67
C MET D 169 9.69 -44.78 9.44
N TRP D 170 10.66 -44.10 10.07
CA TRP D 170 10.37 -42.79 10.62
C TRP D 170 10.22 -41.74 9.51
N ARG D 171 10.90 -41.92 8.39
CA ARG D 171 10.68 -41.06 7.24
C ARG D 171 9.35 -41.39 6.55
N ALA D 172 8.95 -42.65 6.58
CA ALA D 172 7.65 -43.03 6.02
C ALA D 172 6.49 -42.52 6.88
N PHE D 173 6.62 -42.64 8.20
CA PHE D 173 5.57 -42.19 9.10
C PHE D 173 5.34 -40.69 8.97
N GLU D 174 6.38 -39.89 9.23
CA GLU D 174 6.24 -38.45 9.21
C GLU D 174 6.09 -37.89 7.80
N ASN D 175 5.99 -38.74 6.77
CA ASN D 175 5.69 -38.31 5.42
C ASN D 175 5.00 -39.47 4.70
N PRO D 176 3.67 -39.56 4.82
CA PRO D 176 2.96 -40.70 4.21
C PRO D 176 3.08 -40.77 2.70
N HIS D 177 3.53 -39.71 2.03
CA HIS D 177 3.65 -39.70 0.58
C HIS D 177 5.04 -40.09 0.09
N THR D 178 5.79 -40.87 0.89
CA THR D 178 7.10 -41.32 0.46
C THR D 178 6.99 -42.44 -0.57
N SER D 179 6.38 -43.55 -0.19
CA SER D 179 6.19 -44.70 -1.06
C SER D 179 4.73 -45.13 -1.06
N THR D 180 4.36 -45.93 -2.07
CA THR D 180 2.99 -46.45 -2.10
C THR D 180 2.73 -47.42 -0.96
N LEU D 181 3.78 -48.00 -0.39
CA LEU D 181 3.61 -48.78 0.83
C LEU D 181 3.18 -47.89 1.98
N ALA D 182 3.81 -46.71 2.09
CA ALA D 182 3.38 -45.74 3.09
C ALA D 182 1.97 -45.25 2.82
N LEU D 183 1.63 -45.02 1.55
CA LEU D 183 0.28 -44.60 1.22
C LEU D 183 -0.75 -45.65 1.62
N VAL D 184 -0.44 -46.93 1.37
CA VAL D 184 -1.38 -47.98 1.74
C VAL D 184 -1.49 -48.10 3.26
N PHE D 185 -0.37 -48.02 3.98
CA PHE D 185 -0.42 -48.07 5.44
C PHE D 185 -1.23 -46.91 6.00
N TYR D 186 -1.07 -45.73 5.43
CA TYR D 186 -1.79 -44.56 5.89
C TYR D 186 -3.29 -44.69 5.61
N TYR D 187 -3.64 -45.18 4.41
CA TYR D 187 -5.04 -45.37 4.06
C TYR D 187 -5.68 -46.56 4.76
N VAL D 188 -4.91 -47.44 5.38
CA VAL D 188 -5.50 -48.52 6.16
C VAL D 188 -5.55 -48.17 7.65
N THR D 189 -4.66 -47.32 8.15
CA THR D 189 -4.84 -46.81 9.50
C THR D 189 -5.89 -45.72 9.56
N GLY D 190 -6.21 -45.09 8.43
CA GLY D 190 -7.33 -44.18 8.36
C GLY D 190 -8.62 -44.86 7.96
N PHE D 191 -8.72 -46.15 8.31
CA PHE D 191 -9.92 -46.93 8.08
C PHE D 191 -10.42 -47.61 9.35
N PHE D 192 -9.52 -48.06 10.21
CA PHE D 192 -9.95 -48.63 11.47
C PHE D 192 -10.42 -47.56 12.45
N ILE D 193 -9.84 -46.37 12.37
CA ILE D 193 -10.42 -45.23 13.09
C ILE D 193 -11.88 -45.05 12.71
N ALA D 194 -12.15 -45.01 11.40
CA ALA D 194 -13.50 -44.78 10.92
C ALA D 194 -14.44 -45.91 11.36
N VAL D 195 -13.99 -47.16 11.22
CA VAL D 195 -14.89 -48.25 11.57
C VAL D 195 -15.13 -48.30 13.06
N SER D 196 -14.14 -47.92 13.88
CA SER D 196 -14.36 -47.89 15.32
C SER D 196 -15.31 -46.77 15.71
N VAL D 197 -15.19 -45.62 15.05
CA VAL D 197 -16.12 -44.51 15.32
C VAL D 197 -17.54 -44.93 14.98
N ILE D 198 -17.74 -45.50 13.79
CA ILE D 198 -19.07 -45.91 13.38
C ILE D 198 -19.61 -46.99 14.31
N THR D 199 -18.75 -47.89 14.77
CA THR D 199 -19.18 -48.93 15.68
C THR D 199 -19.63 -48.37 17.02
N ASN D 200 -18.85 -47.44 17.58
CA ASN D 200 -19.22 -46.84 18.86
C ASN D 200 -20.50 -46.02 18.74
N VAL D 201 -20.75 -45.44 17.57
CA VAL D 201 -22.01 -44.73 17.35
C VAL D 201 -23.16 -45.72 17.31
N VAL D 202 -23.03 -46.76 16.48
CA VAL D 202 -24.15 -47.65 16.19
C VAL D 202 -24.50 -48.51 17.40
N GLU D 203 -23.52 -48.84 18.26
CA GLU D 203 -23.80 -49.74 19.36
C GLU D 203 -24.89 -49.25 20.31
N THR D 204 -25.33 -48.01 20.17
CA THR D 204 -26.38 -47.47 21.03
C THR D 204 -27.75 -47.43 20.36
N VAL D 205 -27.81 -47.71 19.05
CA VAL D 205 -29.06 -47.64 18.30
C VAL D 205 -30.00 -48.73 18.79
N PRO D 206 -31.09 -48.39 19.47
CA PRO D 206 -32.01 -49.44 19.92
C PRO D 206 -32.79 -50.02 18.75
N CYS D 207 -32.41 -51.23 18.34
CA CYS D 207 -32.99 -51.86 17.16
C CYS D 207 -33.27 -53.32 17.45
N GLY D 208 -34.31 -53.83 16.81
CA GLY D 208 -34.73 -55.21 17.00
C GLY D 208 -35.83 -55.31 18.03
N THR D 209 -37.07 -55.51 17.56
CA THR D 209 -38.19 -55.56 18.49
C THR D 209 -38.10 -56.77 19.41
N VAL D 210 -37.65 -57.91 18.88
CA VAL D 210 -37.50 -59.16 19.62
C VAL D 210 -38.77 -59.40 20.43
N PRO D 211 -39.88 -59.79 19.80
CA PRO D 211 -41.16 -59.87 20.50
C PRO D 211 -41.18 -60.85 21.67
N GLY D 212 -40.07 -61.53 21.90
CA GLY D 212 -39.98 -62.49 22.99
C GLY D 212 -39.33 -61.96 24.25
N SER D 213 -38.46 -60.96 24.12
CA SER D 213 -37.67 -60.51 25.27
C SER D 213 -37.66 -58.98 25.31
N LYS D 214 -36.85 -58.44 26.21
CA LYS D 214 -36.76 -57.01 26.43
C LYS D 214 -36.19 -56.30 25.20
N GLU D 215 -36.62 -55.05 25.01
CA GLU D 215 -36.09 -54.22 23.92
C GLU D 215 -34.72 -53.68 24.32
N LEU D 216 -33.72 -53.97 23.50
CA LEU D 216 -32.34 -53.65 23.83
C LEU D 216 -31.64 -53.00 22.65
N PRO D 217 -30.59 -52.22 22.91
CA PRO D 217 -29.79 -51.68 21.81
C PRO D 217 -29.00 -52.78 21.12
N CYS D 218 -28.58 -52.49 19.89
CA CYS D 218 -27.79 -53.43 19.13
C CYS D 218 -26.46 -53.76 19.81
N GLY D 219 -25.94 -52.85 20.63
CA GLY D 219 -24.61 -53.06 21.19
C GLY D 219 -24.56 -54.13 22.25
N GLU D 220 -25.63 -54.30 23.02
CA GLU D 220 -25.66 -55.32 24.05
C GLU D 220 -26.42 -56.56 23.62
N ARG D 221 -27.15 -56.50 22.50
CA ARG D 221 -27.75 -57.70 21.93
C ARG D 221 -26.69 -58.56 21.27
N TYR D 222 -25.93 -57.99 20.34
CA TYR D 222 -24.83 -58.68 19.68
C TYR D 222 -23.50 -58.29 20.36
N SER D 223 -23.39 -58.68 21.62
CA SER D 223 -22.25 -58.23 22.43
C SER D 223 -20.92 -58.66 21.83
N VAL D 224 -20.76 -59.95 21.55
CA VAL D 224 -19.48 -60.43 21.05
C VAL D 224 -19.20 -59.92 19.64
N ALA D 225 -20.25 -59.66 18.86
CA ALA D 225 -20.05 -59.14 17.52
C ALA D 225 -19.36 -57.77 17.55
N PHE D 226 -19.64 -56.97 18.57
CA PHE D 226 -18.96 -55.69 18.74
C PHE D 226 -17.66 -55.81 19.52
N PHE D 227 -17.57 -56.81 20.40
CA PHE D 227 -16.30 -57.09 21.07
C PHE D 227 -15.22 -57.42 20.04
N CYS D 228 -15.55 -58.25 19.06
CA CYS D 228 -14.62 -58.54 17.97
C CYS D 228 -14.15 -57.26 17.30
N LEU D 229 -15.09 -56.39 16.93
CA LEU D 229 -14.75 -55.18 16.17
C LEU D 229 -13.84 -54.26 16.97
N ASP D 230 -14.24 -53.90 18.19
CA ASP D 230 -13.45 -52.92 18.91
C ASP D 230 -12.14 -53.53 19.41
N THR D 231 -12.09 -54.84 19.65
CA THR D 231 -10.81 -55.47 19.99
C THR D 231 -9.85 -55.42 18.82
N ALA D 232 -10.33 -55.75 17.61
CA ALA D 232 -9.48 -55.60 16.44
C ALA D 232 -8.98 -54.18 16.29
N CYS D 233 -9.88 -53.21 16.45
CA CYS D 233 -9.51 -51.81 16.28
C CYS D 233 -8.47 -51.38 17.30
N VAL D 234 -8.66 -51.73 18.57
CA VAL D 234 -7.72 -51.29 19.59
C VAL D 234 -6.39 -52.03 19.48
N MET D 235 -6.39 -53.29 19.01
CA MET D 235 -5.12 -53.97 18.78
C MET D 235 -4.35 -53.29 17.66
N ILE D 236 -5.02 -52.94 16.57
CA ILE D 236 -4.35 -52.22 15.49
C ILE D 236 -3.81 -50.88 15.98
N PHE D 237 -4.61 -50.17 16.78
CA PHE D 237 -4.19 -48.88 17.31
C PHE D 237 -2.94 -49.03 18.17
N THR D 238 -2.94 -49.99 19.08
CA THR D 238 -1.80 -50.13 19.98
C THR D 238 -0.56 -50.63 19.25
N VAL D 239 -0.72 -51.48 18.24
CA VAL D 239 0.46 -51.96 17.52
C VAL D 239 1.05 -50.86 16.66
N GLU D 240 0.20 -50.02 16.05
CA GLU D 240 0.75 -48.94 15.27
C GLU D 240 1.36 -47.87 16.17
N TYR D 241 0.84 -47.73 17.39
CA TYR D 241 1.47 -46.83 18.36
C TYR D 241 2.84 -47.35 18.77
N LEU D 242 2.95 -48.65 19.04
CA LEU D 242 4.25 -49.22 19.37
C LEU D 242 5.23 -49.06 18.22
N LEU D 243 4.74 -49.19 16.98
CA LEU D 243 5.60 -48.95 15.83
C LEU D 243 6.05 -47.49 15.75
N ARG D 244 5.15 -46.56 16.07
CA ARG D 244 5.56 -45.16 16.17
C ARG D 244 6.64 -44.98 17.23
N LEU D 245 6.54 -45.73 18.32
CA LEU D 245 7.54 -45.63 19.39
C LEU D 245 8.88 -46.19 18.93
N PHE D 246 8.87 -47.31 18.20
CA PHE D 246 10.11 -47.95 17.80
C PHE D 246 10.85 -47.15 16.73
N ALA D 247 10.13 -46.32 15.98
CA ALA D 247 10.75 -45.48 14.96
C ALA D 247 11.05 -44.08 15.47
N ALA D 248 10.68 -43.76 16.70
CA ALA D 248 10.90 -42.42 17.24
C ALA D 248 12.38 -42.23 17.54
N PRO D 249 13.07 -41.29 16.87
CA PRO D 249 14.48 -41.05 17.18
C PRO D 249 14.68 -40.65 18.63
N SER D 250 14.02 -39.58 19.05
CA SER D 250 14.06 -39.10 20.43
C SER D 250 12.82 -39.63 21.13
N ARG D 251 12.95 -40.82 21.73
CA ARG D 251 11.79 -41.48 22.33
C ARG D 251 11.29 -40.78 23.59
N TYR D 252 11.84 -39.63 23.97
CA TYR D 252 11.23 -38.82 25.01
C TYR D 252 10.56 -37.57 24.47
N ARG D 253 11.06 -37.01 23.37
CA ARG D 253 10.33 -35.93 22.71
C ARG D 253 9.00 -36.43 22.14
N PHE D 254 8.96 -37.70 21.72
CA PHE D 254 7.74 -38.25 21.17
C PHE D 254 6.67 -38.40 22.23
N ILE D 255 7.02 -38.92 23.40
CA ILE D 255 6.05 -39.13 24.47
C ILE D 255 5.44 -37.80 24.92
N ARG D 256 6.22 -36.73 24.88
CA ARG D 256 5.71 -35.43 25.30
C ARG D 256 4.81 -34.77 24.26
N SER D 257 4.76 -35.30 23.04
CA SER D 257 3.93 -34.71 22.01
C SER D 257 2.45 -34.90 22.32
N VAL D 258 1.62 -34.15 21.59
CA VAL D 258 0.18 -34.16 21.86
C VAL D 258 -0.49 -35.39 21.26
N MET D 259 -0.11 -35.76 20.03
CA MET D 259 -0.69 -36.95 19.41
C MET D 259 -0.41 -38.20 20.21
N SER D 260 0.75 -38.27 20.86
CA SER D 260 1.04 -39.39 21.74
C SER D 260 0.05 -39.47 22.89
N ILE D 261 -0.24 -38.33 23.52
CA ILE D 261 -1.24 -38.30 24.59
C ILE D 261 -2.60 -38.73 24.06
N ILE D 262 -2.96 -38.25 22.87
CA ILE D 262 -4.25 -38.59 22.28
C ILE D 262 -4.35 -40.10 22.07
N ASP D 263 -3.30 -40.71 21.53
CA ASP D 263 -3.33 -42.15 21.27
C ASP D 263 -3.39 -42.93 22.57
N VAL D 264 -2.60 -42.51 23.57
CA VAL D 264 -2.64 -43.19 24.87
C VAL D 264 -4.04 -43.16 25.45
N VAL D 265 -4.65 -41.97 25.48
CA VAL D 265 -5.96 -41.81 26.11
C VAL D 265 -7.10 -42.34 25.25
N ALA D 266 -6.83 -42.67 23.98
CA ALA D 266 -7.82 -43.33 23.16
C ALA D 266 -7.73 -44.84 23.27
N ILE D 267 -6.56 -45.39 23.59
CA ILE D 267 -6.43 -46.84 23.69
C ILE D 267 -6.74 -47.33 25.11
N MET D 268 -6.32 -46.57 26.12
CA MET D 268 -6.45 -47.07 27.49
C MET D 268 -7.88 -47.26 27.99
N PRO D 269 -8.92 -46.51 27.51
CA PRO D 269 -10.28 -46.76 28.03
C PRO D 269 -10.78 -48.18 27.78
N TYR D 270 -10.08 -48.95 26.96
CA TYR D 270 -10.41 -50.36 26.75
C TYR D 270 -9.62 -51.28 27.67
N TYR D 271 -8.33 -51.00 27.85
CA TYR D 271 -7.54 -51.78 28.79
C TYR D 271 -8.08 -51.64 30.21
N ILE D 272 -8.12 -50.41 30.71
CA ILE D 272 -8.69 -50.12 32.02
C ILE D 272 -10.10 -50.68 32.12
N GLY D 273 -10.77 -50.79 30.98
CA GLY D 273 -12.12 -51.31 30.95
C GLY D 273 -12.19 -52.78 31.23
N LEU D 274 -11.38 -53.58 30.52
CA LEU D 274 -11.50 -55.02 30.69
C LEU D 274 -10.73 -55.53 31.90
N VAL D 275 -9.78 -54.76 32.44
CA VAL D 275 -9.12 -55.18 33.67
C VAL D 275 -10.12 -55.20 34.83
N MET D 276 -10.96 -54.17 34.93
CA MET D 276 -11.96 -54.04 35.99
C MET D 276 -13.37 -54.36 35.50
N THR D 277 -13.52 -55.43 34.71
CA THR D 277 -14.78 -55.81 34.10
C THR D 277 -15.83 -56.10 35.18
N ASN D 278 -17.05 -56.44 34.75
CA ASN D 278 -18.22 -56.51 35.64
C ASN D 278 -18.06 -57.50 36.79
N ASN D 279 -16.91 -58.17 36.87
CA ASN D 279 -16.56 -58.86 38.11
C ASN D 279 -16.68 -57.92 39.30
N GLU D 280 -16.36 -56.64 39.10
CA GLU D 280 -16.62 -55.58 40.06
C GLU D 280 -17.15 -54.39 39.27
N ASP D 281 -18.45 -54.15 39.34
CA ASP D 281 -19.07 -53.11 38.51
C ASP D 281 -20.18 -52.39 39.27
N VAL D 282 -20.17 -51.07 39.16
CA VAL D 282 -21.30 -50.22 39.53
C VAL D 282 -21.56 -49.32 38.33
N SER D 283 -22.83 -49.15 37.96
CA SER D 283 -23.16 -48.54 36.67
C SER D 283 -22.68 -47.11 36.54
N GLY D 284 -22.32 -46.45 37.64
CA GLY D 284 -21.88 -45.08 37.59
C GLY D 284 -20.44 -44.83 37.20
N ALA D 285 -19.75 -45.82 36.63
CA ALA D 285 -18.34 -45.68 36.33
C ALA D 285 -17.92 -46.16 34.95
N PHE D 286 -18.76 -46.87 34.21
CA PHE D 286 -18.37 -47.33 32.88
C PHE D 286 -18.81 -46.37 31.78
N VAL D 287 -19.78 -45.50 32.03
CA VAL D 287 -20.15 -44.49 31.04
C VAL D 287 -19.00 -43.53 30.81
N THR D 288 -18.16 -43.32 31.82
CA THR D 288 -16.97 -42.51 31.63
C THR D 288 -15.97 -43.20 30.73
N LEU D 289 -15.88 -44.52 30.81
CA LEU D 289 -14.99 -45.26 29.93
C LEU D 289 -15.51 -45.30 28.49
N ARG D 290 -16.83 -45.19 28.31
CA ARG D 290 -17.39 -45.15 26.98
C ARG D 290 -17.37 -43.74 26.37
N VAL D 291 -17.47 -42.71 27.20
CA VAL D 291 -17.34 -41.34 26.68
C VAL D 291 -15.93 -41.12 26.16
N PHE D 292 -14.93 -41.55 26.92
CA PHE D 292 -13.55 -41.38 26.48
C PHE D 292 -13.25 -42.12 25.20
N ARG D 293 -14.07 -43.11 24.85
CA ARG D 293 -13.87 -43.87 23.63
C ARG D 293 -14.12 -43.04 22.38
N VAL D 294 -14.71 -41.85 22.51
CA VAL D 294 -14.90 -40.99 21.35
C VAL D 294 -13.67 -40.13 21.06
N PHE D 295 -12.76 -39.98 22.02
CA PHE D 295 -11.57 -39.16 21.79
C PHE D 295 -10.63 -39.76 20.76
N ARG D 296 -10.89 -40.99 20.31
CA ARG D 296 -10.10 -41.54 19.22
C ARG D 296 -10.48 -40.94 17.88
N ILE D 297 -11.53 -40.13 17.81
CA ILE D 297 -11.84 -39.43 16.58
C ILE D 297 -10.83 -38.33 16.31
N PHE D 298 -10.06 -37.92 17.33
CA PHE D 298 -9.00 -36.95 17.11
C PHE D 298 -7.80 -37.55 16.39
N LYS D 299 -7.75 -38.87 16.27
CA LYS D 299 -6.68 -39.51 15.51
C LYS D 299 -6.71 -39.13 14.04
N PHE D 300 -7.79 -38.52 13.56
CA PHE D 300 -7.81 -37.98 12.21
C PHE D 300 -6.94 -36.76 12.06
N SER D 301 -6.27 -36.31 13.12
CA SER D 301 -5.35 -35.18 13.02
C SER D 301 -4.22 -35.47 12.06
N ARG D 302 -3.83 -36.75 11.94
CA ARG D 302 -2.75 -37.11 11.04
C ARG D 302 -3.16 -37.06 9.58
N HIS D 303 -4.45 -37.03 9.30
CA HIS D 303 -4.95 -37.19 7.94
C HIS D 303 -5.40 -35.89 7.29
N SER D 304 -5.91 -34.95 8.07
CA SER D 304 -6.41 -33.68 7.53
C SER D 304 -5.55 -32.54 8.05
N GLN D 305 -4.97 -31.78 7.12
CA GLN D 305 -4.14 -30.63 7.50
C GLN D 305 -4.96 -29.53 8.15
N GLY D 306 -6.23 -29.40 7.77
CA GLY D 306 -7.07 -28.39 8.38
C GLY D 306 -7.28 -28.62 9.87
N LEU D 307 -7.40 -29.89 10.28
CA LEU D 307 -7.59 -30.19 11.68
C LEU D 307 -6.33 -29.93 12.49
N ARG D 308 -5.17 -29.85 11.84
CA ARG D 308 -3.95 -29.47 12.53
C ARG D 308 -3.81 -27.95 12.57
N ILE D 309 -4.16 -27.27 11.49
CA ILE D 309 -4.18 -25.81 11.48
C ILE D 309 -5.17 -25.28 12.51
N LEU D 310 -6.27 -25.99 12.74
CA LEU D 310 -7.21 -25.57 13.77
C LEU D 310 -6.57 -25.59 15.15
N GLY D 311 -5.82 -26.65 15.47
CA GLY D 311 -5.10 -26.67 16.73
C GLY D 311 -4.03 -25.61 16.81
N TYR D 312 -3.32 -25.39 15.70
CA TYR D 312 -2.26 -24.39 15.69
C TYR D 312 -2.83 -23.00 15.94
N THR D 313 -4.00 -22.70 15.38
CA THR D 313 -4.59 -21.39 15.59
C THR D 313 -5.31 -21.28 16.93
N LEU D 314 -5.83 -22.38 17.47
CA LEU D 314 -6.35 -22.32 18.83
C LEU D 314 -5.25 -22.10 19.84
N LYS D 315 -4.04 -22.58 19.56
CA LYS D 315 -2.92 -22.34 20.46
C LYS D 315 -2.28 -20.98 20.21
N SER D 316 -2.35 -20.48 18.99
CA SER D 316 -1.70 -19.20 18.70
C SER D 316 -2.43 -18.03 19.34
N CYS D 317 -3.75 -18.15 19.53
CA CYS D 317 -4.56 -17.06 20.08
C CYS D 317 -5.27 -17.49 21.36
N ALA D 318 -4.55 -18.15 22.26
CA ALA D 318 -5.13 -18.52 23.55
C ALA D 318 -5.36 -17.32 24.45
N SER D 319 -4.59 -16.25 24.28
CA SER D 319 -4.81 -15.04 25.07
C SER D 319 -6.18 -14.42 24.79
N GLU D 320 -6.76 -14.68 23.62
CA GLU D 320 -8.10 -14.21 23.31
C GLU D 320 -9.17 -15.11 23.87
N LEU D 321 -8.97 -16.43 23.83
CA LEU D 321 -9.96 -17.33 24.41
C LEU D 321 -10.01 -17.21 25.94
N GLY D 322 -8.88 -16.89 26.56
CA GLY D 322 -8.92 -16.63 27.99
C GLY D 322 -9.83 -15.47 28.35
N PHE D 323 -9.67 -14.34 27.66
CA PHE D 323 -10.55 -13.21 27.89
C PHE D 323 -11.98 -13.53 27.48
N LEU D 324 -12.17 -14.35 26.45
CA LEU D 324 -13.51 -14.76 26.08
C LEU D 324 -14.19 -15.47 27.24
N LEU D 325 -13.54 -16.50 27.79
CA LEU D 325 -14.09 -17.22 28.93
C LEU D 325 -14.36 -16.28 30.10
N PHE D 326 -13.42 -15.38 30.38
CA PHE D 326 -13.56 -14.52 31.55
C PHE D 326 -14.73 -13.54 31.39
N SER D 327 -14.76 -12.80 30.29
CA SER D 327 -15.84 -11.85 30.07
C SER D 327 -17.18 -12.57 29.95
N LEU D 328 -17.18 -13.77 29.38
CA LEU D 328 -18.43 -14.52 29.26
C LEU D 328 -18.97 -14.90 30.62
N THR D 329 -18.12 -15.44 31.50
CA THR D 329 -18.61 -15.84 32.81
C THR D 329 -18.98 -14.62 33.65
N MET D 330 -18.28 -13.49 33.45
CA MET D 330 -18.67 -12.27 34.15
C MET D 330 -20.07 -11.81 33.74
N ALA D 331 -20.31 -11.72 32.43
CA ALA D 331 -21.62 -11.30 31.96
C ALA D 331 -22.69 -12.29 32.39
N ILE D 332 -22.36 -13.59 32.41
CA ILE D 332 -23.33 -14.59 32.84
C ILE D 332 -23.73 -14.35 34.28
N ILE D 333 -22.74 -14.12 35.16
CA ILE D 333 -23.06 -13.90 36.56
C ILE D 333 -23.90 -12.65 36.74
N ILE D 334 -23.52 -11.56 36.05
CA ILE D 334 -24.25 -10.31 36.18
C ILE D 334 -25.71 -10.49 35.78
N PHE D 335 -25.94 -11.00 34.56
CA PHE D 335 -27.29 -11.08 34.06
C PHE D 335 -28.09 -12.16 34.77
N ALA D 336 -27.44 -13.20 35.28
CA ALA D 336 -28.18 -14.21 36.04
C ALA D 336 -28.65 -13.64 37.37
N THR D 337 -27.81 -12.84 38.03
CA THR D 337 -28.23 -12.17 39.25
C THR D 337 -29.44 -11.27 38.98
N VAL D 338 -29.32 -10.39 37.98
CA VAL D 338 -30.41 -9.46 37.69
C VAL D 338 -31.68 -10.21 37.33
N MET D 339 -31.58 -11.23 36.48
CA MET D 339 -32.78 -11.95 36.06
C MET D 339 -33.40 -12.74 37.19
N PHE D 340 -32.58 -13.31 38.08
CA PHE D 340 -33.13 -14.04 39.21
C PHE D 340 -33.90 -13.12 40.13
N TYR D 341 -33.32 -11.96 40.46
CA TYR D 341 -34.00 -11.07 41.39
C TYR D 341 -35.21 -10.41 40.74
N ALA D 342 -35.20 -10.22 39.42
CA ALA D 342 -36.37 -9.66 38.76
C ALA D 342 -37.46 -10.68 38.52
N GLU D 343 -37.12 -11.97 38.51
CA GLU D 343 -38.07 -13.01 38.15
C GLU D 343 -38.32 -13.99 39.30
N LYS D 344 -37.82 -13.66 40.49
CA LYS D 344 -37.85 -14.62 41.59
C LYS D 344 -39.27 -14.99 41.99
N GLY D 345 -40.12 -13.99 42.22
CA GLY D 345 -41.48 -14.25 42.65
C GLY D 345 -42.47 -14.28 41.51
N SER D 346 -42.92 -15.48 41.14
CA SER D 346 -43.88 -15.63 40.06
C SER D 346 -44.67 -16.91 40.30
N SER D 347 -45.62 -17.18 39.40
CA SER D 347 -46.56 -18.28 39.59
C SER D 347 -45.85 -19.62 39.73
N ALA D 348 -45.19 -20.06 38.67
CA ALA D 348 -44.42 -21.29 38.68
C ALA D 348 -43.00 -21.02 38.23
N SER D 349 -42.40 -19.97 38.79
CA SER D 349 -41.10 -19.50 38.34
C SER D 349 -40.07 -20.62 38.35
N LYS D 350 -39.40 -20.77 37.21
CA LYS D 350 -38.28 -21.70 37.09
C LYS D 350 -36.95 -21.02 37.38
N PHE D 351 -36.98 -19.73 37.70
CA PHE D 351 -35.79 -19.03 38.19
C PHE D 351 -35.68 -19.21 39.70
N THR D 352 -35.42 -20.45 40.11
CA THR D 352 -35.39 -20.79 41.51
C THR D 352 -34.09 -20.40 42.19
N SER D 353 -33.05 -20.06 41.43
CA SER D 353 -31.74 -19.79 42.02
C SER D 353 -30.88 -19.08 40.99
N ILE D 354 -29.81 -18.46 41.48
CA ILE D 354 -28.89 -17.74 40.59
C ILE D 354 -28.11 -18.73 39.74
N PRO D 355 -27.66 -19.87 40.27
CA PRO D 355 -27.17 -20.92 39.36
C PRO D 355 -28.23 -21.40 38.38
N ALA D 356 -29.46 -21.60 38.84
CA ALA D 356 -30.53 -22.03 37.95
C ALA D 356 -30.85 -20.99 36.88
N SER D 357 -30.41 -19.76 37.04
CA SER D 357 -30.59 -18.73 36.04
C SER D 357 -29.38 -18.60 35.12
N PHE D 358 -28.33 -19.38 35.35
CA PHE D 358 -27.25 -19.45 34.38
C PHE D 358 -27.75 -20.02 33.07
N TRP D 359 -28.51 -21.12 33.13
CA TRP D 359 -29.04 -21.76 31.94
C TRP D 359 -29.70 -20.74 31.03
N TYR D 360 -30.77 -20.11 31.50
CA TYR D 360 -31.43 -19.07 30.72
C TYR D 360 -30.42 -18.13 30.09
N THR D 361 -29.51 -17.61 30.89
CA THR D 361 -28.61 -16.58 30.38
C THR D 361 -27.74 -17.12 29.26
N ILE D 362 -27.21 -18.33 29.43
CA ILE D 362 -26.34 -18.84 28.37
C ILE D 362 -27.16 -19.22 27.15
N VAL D 363 -28.45 -19.50 27.33
CA VAL D 363 -29.30 -19.76 26.18
C VAL D 363 -29.67 -18.46 25.49
N THR D 364 -29.56 -17.33 26.20
CA THR D 364 -29.95 -16.05 25.62
C THR D 364 -28.75 -15.31 25.03
N MET D 365 -27.57 -15.42 25.64
CA MET D 365 -26.41 -14.71 25.12
C MET D 365 -25.94 -15.30 23.80
N THR D 366 -26.18 -16.59 23.56
CA THR D 366 -25.79 -17.24 22.33
C THR D 366 -26.86 -17.14 21.25
N THR D 367 -27.95 -16.41 21.51
CA THR D 367 -29.08 -16.30 20.59
C THR D 367 -29.65 -17.66 20.25
N LEU D 368 -29.63 -18.57 21.23
CA LEU D 368 -30.21 -19.89 21.05
C LEU D 368 -31.71 -19.86 21.28
N GLY D 369 -32.13 -19.53 22.49
CA GLY D 369 -33.54 -19.38 22.78
C GLY D 369 -34.33 -20.67 22.65
N TYR D 370 -34.10 -21.63 23.55
CA TYR D 370 -34.90 -22.85 23.55
C TYR D 370 -36.35 -22.54 23.89
N GLY D 371 -36.57 -21.73 24.92
CA GLY D 371 -37.91 -21.32 25.30
C GLY D 371 -38.48 -22.06 26.48
N ASP D 372 -37.72 -22.94 27.12
CA ASP D 372 -38.18 -23.61 28.32
C ASP D 372 -38.12 -22.72 29.56
N MET D 373 -37.35 -21.64 29.49
CA MET D 373 -37.31 -20.63 30.54
C MET D 373 -37.43 -19.26 29.87
N VAL D 374 -38.57 -18.59 30.07
CA VAL D 374 -38.76 -17.25 29.56
C VAL D 374 -39.24 -16.35 30.69
N PRO D 375 -38.81 -15.10 30.75
CA PRO D 375 -39.33 -14.18 31.77
C PRO D 375 -40.80 -13.89 31.57
N LYS D 376 -41.44 -13.44 32.65
CA LYS D 376 -42.85 -13.08 32.63
C LYS D 376 -43.13 -11.72 33.25
N THR D 377 -42.11 -11.01 33.71
CA THR D 377 -42.26 -9.69 34.29
C THR D 377 -41.58 -8.66 33.41
N ILE D 378 -41.99 -7.39 33.57
CA ILE D 378 -41.45 -6.33 32.74
C ILE D 378 -39.94 -6.20 32.90
N ALA D 379 -39.45 -6.30 34.14
CA ALA D 379 -38.01 -6.21 34.36
C ALA D 379 -37.29 -7.41 33.77
N GLY D 380 -37.86 -8.60 33.92
CA GLY D 380 -37.27 -9.77 33.30
C GLY D 380 -37.16 -9.65 31.79
N LYS D 381 -38.21 -9.14 31.15
CA LYS D 381 -38.18 -8.98 29.70
C LYS D 381 -37.15 -7.95 29.28
N ILE D 382 -37.11 -6.81 29.97
CA ILE D 382 -36.13 -5.77 29.64
C ILE D 382 -34.72 -6.32 29.76
N PHE D 383 -34.43 -7.05 30.83
CA PHE D 383 -33.06 -7.49 31.05
C PHE D 383 -32.68 -8.70 30.21
N GLY D 384 -33.63 -9.54 29.82
CA GLY D 384 -33.34 -10.55 28.84
C GLY D 384 -33.02 -9.92 27.49
N SER D 385 -33.77 -8.87 27.15
CA SER D 385 -33.53 -8.17 25.90
C SER D 385 -32.16 -7.51 25.88
N ILE D 386 -31.68 -7.03 27.03
CA ILE D 386 -30.33 -6.49 27.06
C ILE D 386 -29.28 -7.61 27.10
N CYS D 387 -29.60 -8.73 27.75
CA CYS D 387 -28.67 -9.84 27.82
C CYS D 387 -28.35 -10.42 26.46
N SER D 388 -29.35 -10.49 25.58
CA SER D 388 -29.12 -11.04 24.25
C SER D 388 -28.09 -10.23 23.47
N LEU D 389 -28.29 -8.91 23.41
CA LEU D 389 -27.35 -8.05 22.70
C LEU D 389 -25.98 -8.06 23.35
N SER D 390 -25.95 -8.07 24.69
CA SER D 390 -24.66 -8.10 25.38
C SER D 390 -23.88 -9.37 25.05
N GLY D 391 -24.57 -10.51 25.01
CA GLY D 391 -23.92 -11.74 24.63
C GLY D 391 -23.41 -11.68 23.19
N VAL D 392 -24.22 -11.15 22.28
CA VAL D 392 -23.79 -11.01 20.90
C VAL D 392 -22.48 -10.23 20.84
N LEU D 393 -22.42 -9.09 21.52
CA LEU D 393 -21.23 -8.25 21.39
C LEU D 393 -20.02 -8.82 22.12
N VAL D 394 -20.23 -9.58 23.21
CA VAL D 394 -19.06 -10.15 23.89
C VAL D 394 -18.59 -11.45 23.25
N ILE D 395 -19.41 -12.10 22.43
CA ILE D 395 -18.93 -13.23 21.65
C ILE D 395 -18.37 -12.79 20.30
N ALA D 396 -18.76 -11.62 19.81
CA ALA D 396 -18.24 -11.14 18.54
C ALA D 396 -16.80 -10.65 18.61
N LEU D 397 -16.16 -10.69 19.79
CA LEU D 397 -14.81 -10.18 19.92
C LEU D 397 -13.74 -11.19 19.46
N PRO D 398 -13.78 -12.46 19.88
CA PRO D 398 -12.71 -13.39 19.48
C PRO D 398 -12.86 -13.96 18.08
N VAL D 399 -14.05 -13.89 17.49
CA VAL D 399 -14.28 -14.55 16.21
C VAL D 399 -13.44 -13.96 15.10
N PRO D 400 -13.35 -12.63 14.92
CA PRO D 400 -12.48 -12.11 13.86
C PRO D 400 -11.03 -12.53 14.05
N VAL D 401 -10.53 -12.49 15.28
CA VAL D 401 -9.15 -12.90 15.53
C VAL D 401 -8.93 -14.34 15.14
N ILE D 402 -9.86 -15.22 15.53
CA ILE D 402 -9.70 -16.64 15.27
C ILE D 402 -9.72 -16.92 13.77
N VAL D 403 -10.68 -16.34 13.06
CA VAL D 403 -10.76 -16.64 11.63
C VAL D 403 -9.59 -16.01 10.88
N SER D 404 -9.13 -14.82 11.30
CA SER D 404 -7.98 -14.21 10.66
C SER D 404 -6.73 -15.05 10.86
N ASN D 405 -6.51 -15.53 12.09
CA ASN D 405 -5.37 -16.38 12.36
C ASN D 405 -5.45 -17.67 11.54
N PHE D 406 -6.63 -18.25 11.42
CA PHE D 406 -6.78 -19.47 10.64
C PHE D 406 -6.40 -19.25 9.19
N SER D 407 -6.97 -18.22 8.55
CA SER D 407 -6.65 -17.96 7.15
C SER D 407 -5.18 -17.61 6.99
N ARG D 408 -4.61 -16.87 7.94
CA ARG D 408 -3.21 -16.48 7.87
C ARG D 408 -2.31 -17.70 7.92
N ILE D 409 -2.57 -18.63 8.84
CA ILE D 409 -1.74 -19.82 8.94
C ILE D 409 -1.90 -20.70 7.71
N TYR D 410 -3.12 -20.79 7.16
CA TYR D 410 -3.31 -21.58 5.96
C TYR D 410 -2.50 -21.02 4.79
N HIS D 411 -2.64 -19.72 4.52
CA HIS D 411 -1.89 -19.11 3.43
C HIS D 411 -0.40 -19.04 3.72
N GLN D 412 0.00 -19.17 4.99
CA GLN D 412 1.40 -19.27 5.32
C GLN D 412 1.96 -20.63 4.93
N ASN D 413 1.24 -21.71 5.27
CA ASN D 413 1.68 -23.04 4.89
C ASN D 413 1.74 -23.19 3.38
N GLN D 414 0.76 -22.62 2.67
CA GLN D 414 0.78 -22.67 1.21
C GLN D 414 2.08 -22.12 0.64
N ARG D 415 2.42 -20.89 1.02
CA ARG D 415 3.62 -20.27 0.50
C ARG D 415 4.87 -20.99 0.98
N ALA D 416 4.84 -21.57 2.18
CA ALA D 416 6.01 -22.31 2.66
C ALA D 416 6.30 -23.49 1.76
N ASP D 417 5.28 -24.29 1.43
CA ASP D 417 5.51 -25.43 0.56
C ASP D 417 5.92 -24.99 -0.84
N LYS D 418 5.34 -23.89 -1.34
CA LYS D 418 5.69 -23.47 -2.70
C LYS D 418 7.14 -22.99 -2.78
N ARG D 419 7.60 -22.26 -1.76
CA ARG D 419 8.99 -21.83 -1.74
C ARG D 419 9.93 -23.01 -1.58
N ARG D 420 9.55 -23.99 -0.74
CA ARG D 420 10.36 -25.20 -0.65
C ARG D 420 10.41 -25.94 -1.97
N ALA D 421 9.38 -25.77 -2.81
CA ALA D 421 9.43 -26.35 -4.14
C ALA D 421 10.46 -25.63 -5.00
N GLN D 422 10.40 -24.30 -5.07
CA GLN D 422 11.29 -23.58 -5.98
C GLN D 422 12.75 -23.59 -5.52
N LYS D 423 13.00 -23.86 -4.23
CA LYS D 423 14.37 -23.98 -3.77
C LYS D 423 15.11 -25.11 -4.50
N LYS D 424 14.44 -26.25 -4.69
CA LYS D 424 15.05 -27.33 -5.44
C LYS D 424 15.33 -26.92 -6.87
N ALA D 425 14.47 -26.08 -7.46
CA ALA D 425 14.70 -25.62 -8.82
C ALA D 425 15.98 -24.80 -8.91
N ARG D 426 16.20 -23.90 -7.96
CA ARG D 426 17.42 -23.10 -8.06
C ARG D 426 18.66 -23.91 -7.70
N LEU D 427 18.54 -24.90 -6.81
CA LEU D 427 19.67 -25.81 -6.58
C LEU D 427 20.01 -26.60 -7.85
N ALA D 428 18.98 -27.05 -8.57
CA ALA D 428 19.20 -27.68 -9.86
C ALA D 428 19.94 -26.74 -10.79
N ARG D 429 19.51 -25.48 -10.84
CA ARG D 429 20.19 -24.48 -11.66
C ARG D 429 21.67 -24.41 -11.33
N ILE D 430 22.00 -24.33 -10.04
CA ILE D 430 23.40 -24.07 -9.69
C ILE D 430 24.28 -25.27 -10.00
N ARG D 431 23.81 -26.50 -9.70
CA ARG D 431 24.72 -27.61 -10.00
C ARG D 431 24.72 -27.93 -11.49
N VAL D 432 23.69 -27.54 -12.24
CA VAL D 432 23.78 -27.57 -13.70
C VAL D 432 24.89 -26.65 -14.17
N ALA D 433 24.95 -25.44 -13.61
CA ALA D 433 26.00 -24.50 -14.02
C ALA D 433 27.39 -25.05 -13.70
N LYS D 434 27.55 -25.67 -12.53
CA LYS D 434 28.87 -26.18 -12.18
C LYS D 434 29.25 -27.37 -13.04
N THR D 435 28.27 -28.22 -13.39
CA THR D 435 28.53 -29.29 -14.35
C THR D 435 28.96 -28.72 -15.70
N GLY D 436 28.32 -27.63 -16.12
CA GLY D 436 28.71 -27.00 -17.38
C GLY D 436 30.13 -26.46 -17.33
N SER D 437 30.54 -25.91 -16.18
CA SER D 437 31.91 -25.43 -16.06
C SER D 437 32.91 -26.58 -16.12
N SER D 438 32.60 -27.70 -15.45
CA SER D 438 33.50 -28.84 -15.52
C SER D 438 33.57 -29.42 -16.93
N ASN D 439 32.45 -29.42 -17.65
CA ASN D 439 32.47 -29.88 -19.03
C ASN D 439 33.25 -28.91 -19.91
N ALA D 440 33.20 -27.62 -19.61
CA ALA D 440 34.01 -26.66 -20.35
C ALA D 440 35.50 -26.92 -20.10
N TYR D 441 35.87 -27.28 -18.86
CA TYR D 441 37.25 -27.66 -18.61
C TYR D 441 37.66 -28.89 -19.41
N LEU D 442 36.84 -29.94 -19.36
CA LEU D 442 37.17 -31.15 -20.11
C LEU D 442 37.22 -30.88 -21.61
N HIS D 443 36.42 -29.93 -22.09
CA HIS D 443 36.45 -29.55 -23.49
C HIS D 443 37.75 -28.83 -23.84
N SER D 444 38.17 -27.88 -23.00
CA SER D 444 39.43 -27.19 -23.24
C SER D 444 40.62 -28.14 -23.13
N LYS D 445 40.48 -29.22 -22.35
CA LYS D 445 41.53 -30.22 -22.30
C LYS D 445 41.66 -30.98 -23.61
N ARG D 446 40.54 -31.17 -24.32
CA ARG D 446 40.56 -31.77 -25.64
C ARG D 446 40.91 -30.77 -26.73
N ASN D 447 41.45 -29.61 -26.36
CA ASN D 447 41.93 -28.61 -27.31
C ASN D 447 40.83 -28.17 -28.28
N SER D 470 39.17 -17.78 -22.47
CA SER D 470 38.48 -16.49 -22.47
C SER D 470 39.05 -15.57 -21.41
N LEU D 471 40.39 -15.46 -21.40
CA LEU D 471 41.17 -14.45 -20.67
C LEU D 471 41.07 -14.58 -19.15
N ILE D 472 40.18 -15.44 -18.66
CA ILE D 472 40.09 -15.70 -17.22
C ILE D 472 40.17 -17.19 -16.99
N GLU D 473 39.31 -17.94 -17.69
CA GLU D 473 39.29 -19.39 -17.55
C GLU D 473 40.63 -20.01 -17.90
N SER D 474 41.49 -19.28 -18.61
CA SER D 474 42.84 -19.77 -18.88
C SER D 474 43.57 -20.09 -17.59
N GLN D 475 43.58 -19.14 -16.65
CA GLN D 475 44.31 -19.34 -15.40
C GLN D 475 43.63 -20.38 -14.51
N HIS D 476 42.30 -20.43 -14.52
CA HIS D 476 41.60 -21.45 -13.74
C HIS D 476 41.91 -22.85 -14.26
N HIS D 477 41.79 -23.03 -15.59
CA HIS D 477 42.14 -24.30 -16.20
C HIS D 477 43.61 -24.64 -15.95
N HIS D 478 44.49 -23.65 -15.95
CA HIS D 478 45.90 -23.93 -15.67
C HIS D 478 46.09 -24.37 -14.23
N LEU D 479 45.30 -23.81 -13.30
CA LEU D 479 45.35 -24.27 -11.92
C LEU D 479 44.91 -25.72 -11.82
N LEU D 480 43.83 -26.06 -12.51
CA LEU D 480 43.37 -27.45 -12.51
C LEU D 480 44.41 -28.37 -13.13
N HIS D 481 45.05 -27.93 -14.21
CA HIS D 481 46.08 -28.72 -14.87
C HIS D 481 47.25 -28.95 -13.94
N CYS D 482 47.68 -27.90 -13.23
CA CYS D 482 48.72 -28.05 -12.22
C CYS D 482 48.30 -29.05 -11.15
N LEU D 483 47.01 -29.05 -10.79
CA LEU D 483 46.53 -30.06 -9.86
C LEU D 483 46.62 -31.46 -10.44
N GLU D 484 46.42 -31.61 -11.75
CA GLU D 484 46.44 -32.92 -12.40
C GLU D 484 47.74 -33.68 -12.17
N LYS D 485 48.75 -33.05 -11.56
CA LYS D 485 49.88 -33.79 -11.03
C LYS D 485 49.42 -35.01 -10.25
N THR D 486 48.39 -34.87 -9.43
CA THR D 486 47.81 -36.02 -8.75
C THR D 486 47.33 -37.04 -9.77
N THR D 487 47.54 -38.30 -9.46
CA THR D 487 47.25 -39.36 -10.42
C THR D 487 46.90 -40.67 -9.72
N GLY E 92 45.31 0.30 7.95
CA GLY E 92 45.60 1.46 7.12
C GLY E 92 46.28 1.11 5.82
N LEU E 93 46.13 1.97 4.81
CA LEU E 93 46.73 1.69 3.52
C LEU E 93 48.24 1.88 3.54
N GLU E 94 48.75 2.76 4.39
CA GLU E 94 50.19 3.04 4.39
C GLU E 94 50.96 1.98 5.17
N GLN E 95 50.44 1.57 6.32
CA GLN E 95 51.09 0.49 7.06
C GLN E 95 51.09 -0.79 6.26
N LEU E 96 50.07 -1.01 5.43
CA LEU E 96 50.08 -2.17 4.54
C LEU E 96 51.01 -1.93 3.34
N GLN E 97 51.16 -0.67 2.93
CA GLN E 97 52.15 -0.34 1.90
C GLN E 97 53.55 -0.69 2.35
N GLU E 98 53.84 -0.54 3.64
CA GLU E 98 55.19 -0.80 4.13
C GLU E 98 55.38 -2.23 4.63
N GLN E 99 54.36 -2.86 5.20
CA GLN E 99 54.51 -4.22 5.70
C GLN E 99 54.67 -5.25 4.59
N THR E 100 54.06 -5.01 3.43
CA THR E 100 54.01 -6.01 2.38
C THR E 100 54.74 -5.50 1.14
N LYS E 101 55.19 -6.43 0.31
CA LYS E 101 55.93 -6.09 -0.90
C LYS E 101 55.03 -5.59 -2.02
N PHE E 102 53.77 -5.27 -1.72
CA PHE E 102 52.84 -4.87 -2.76
C PHE E 102 52.88 -3.37 -2.98
N THR E 103 52.44 -2.96 -4.17
CA THR E 103 52.28 -1.55 -4.47
C THR E 103 50.90 -1.10 -4.04
N ARG E 104 50.59 0.18 -4.23
CA ARG E 104 49.35 0.73 -3.70
C ARG E 104 48.16 0.31 -4.56
N LYS E 105 48.32 0.34 -5.88
CA LYS E 105 47.22 -0.07 -6.74
C LYS E 105 46.93 -1.55 -6.61
N GLU E 106 47.96 -2.37 -6.44
CA GLU E 106 47.75 -3.79 -6.19
C GLU E 106 47.09 -4.03 -4.85
N LEU E 107 47.29 -3.15 -3.87
CA LEU E 107 46.58 -3.27 -2.62
C LEU E 107 45.12 -2.87 -2.78
N GLN E 108 44.85 -1.83 -3.56
CA GLN E 108 43.48 -1.38 -3.76
C GLN E 108 42.67 -2.44 -4.50
N VAL E 109 43.25 -3.05 -5.54
CA VAL E 109 42.53 -4.08 -6.28
C VAL E 109 42.16 -5.25 -5.38
N LEU E 110 43.14 -5.79 -4.65
CA LEU E 110 42.90 -6.86 -3.69
C LEU E 110 41.88 -6.50 -2.64
N TYR E 111 41.91 -5.28 -2.10
CA TYR E 111 40.94 -4.94 -1.08
C TYR E 111 39.54 -4.82 -1.67
N ARG E 112 39.41 -4.24 -2.85
CA ARG E 112 38.08 -4.13 -3.45
C ARG E 112 37.50 -5.51 -3.70
N GLY E 113 38.31 -6.42 -4.23
CA GLY E 113 37.84 -7.78 -4.43
C GLY E 113 37.49 -8.49 -3.13
N PHE E 114 38.39 -8.43 -2.16
CA PHE E 114 38.17 -9.09 -0.88
C PHE E 114 36.89 -8.60 -0.21
N LYS E 115 36.73 -7.29 -0.10
CA LYS E 115 35.54 -6.76 0.57
C LYS E 115 34.29 -6.99 -0.25
N ASN E 116 34.41 -6.99 -1.59
CA ASN E 116 33.26 -7.33 -2.41
C ASN E 116 32.80 -8.75 -2.18
N GLU E 117 33.71 -9.67 -1.87
CA GLU E 117 33.30 -11.05 -1.62
C GLU E 117 32.87 -11.31 -0.19
N CYS E 118 33.27 -10.48 0.76
CA CYS E 118 32.91 -10.67 2.16
C CYS E 118 33.05 -9.37 2.94
N PRO E 119 32.04 -8.48 2.89
CA PRO E 119 32.19 -7.13 3.45
C PRO E 119 32.17 -7.09 4.96
N SER E 120 33.35 -6.97 5.57
CA SER E 120 33.53 -6.58 6.96
C SER E 120 33.01 -7.61 7.95
N GLY E 121 32.30 -8.62 7.46
CA GLY E 121 32.13 -9.87 8.16
C GLY E 121 33.25 -10.75 7.65
N ILE E 122 34.48 -10.44 8.07
CA ILE E 122 35.65 -10.58 7.21
C ILE E 122 35.74 -11.95 6.56
N VAL E 123 35.95 -13.01 7.34
CA VAL E 123 35.69 -14.40 6.94
C VAL E 123 35.68 -15.27 8.19
N ASN E 124 34.73 -16.19 8.26
CA ASN E 124 34.77 -17.29 9.20
C ASN E 124 35.20 -18.54 8.45
N GLU E 125 35.62 -19.55 9.19
CA GLU E 125 36.22 -20.73 8.58
C GLU E 125 35.26 -21.44 7.63
N GLU E 126 33.97 -21.12 7.67
CA GLU E 126 33.05 -21.78 6.76
C GLU E 126 32.93 -21.07 5.42
N ASN E 127 32.98 -19.73 5.41
CA ASN E 127 32.90 -19.00 4.15
C ASN E 127 34.17 -19.13 3.33
N PHE E 128 35.31 -19.30 3.99
CA PHE E 128 36.56 -19.61 3.29
C PHE E 128 36.38 -20.82 2.37
N LYS E 129 35.84 -21.90 2.91
CA LYS E 129 35.65 -23.11 2.13
C LYS E 129 34.64 -22.90 1.02
N GLN E 130 33.59 -22.11 1.29
CA GLN E 130 32.62 -21.83 0.25
C GLN E 130 33.23 -20.98 -0.86
N ILE E 131 34.25 -20.20 -0.54
CA ILE E 131 34.94 -19.42 -1.56
C ILE E 131 35.83 -20.33 -2.41
N TYR E 132 36.54 -21.26 -1.77
CA TYR E 132 37.30 -22.25 -2.54
C TYR E 132 36.38 -23.09 -3.44
N SER E 133 35.20 -23.42 -2.93
CA SER E 133 34.32 -24.34 -3.65
C SER E 133 34.03 -23.88 -5.07
N GLN E 134 34.24 -22.60 -5.36
CA GLN E 134 33.98 -22.09 -6.71
C GLN E 134 35.07 -22.50 -7.69
N PHE E 135 36.30 -22.69 -7.22
CA PHE E 135 37.42 -22.96 -8.11
C PHE E 135 37.65 -24.43 -8.38
N PHE E 136 37.14 -25.32 -7.52
CA PHE E 136 37.36 -26.76 -7.64
C PHE E 136 36.02 -27.48 -7.79
N PRO E 137 35.43 -27.44 -8.98
CA PRO E 137 34.34 -28.38 -9.26
C PRO E 137 34.91 -29.80 -9.34
N GLN E 138 34.07 -30.78 -9.63
CA GLN E 138 34.43 -32.19 -9.82
C GLN E 138 35.17 -32.77 -8.62
N GLY E 139 35.20 -32.09 -7.48
CA GLY E 139 35.96 -32.58 -6.34
C GLY E 139 35.43 -32.04 -5.03
N ASP E 140 36.17 -32.35 -3.97
CA ASP E 140 35.88 -31.88 -2.62
C ASP E 140 37.10 -31.21 -2.05
N SER E 141 36.97 -29.93 -1.71
CA SER E 141 38.10 -29.10 -1.29
C SER E 141 38.02 -28.66 0.17
N SER E 142 36.99 -29.06 0.91
CA SER E 142 36.75 -28.49 2.23
C SER E 142 37.88 -28.81 3.20
N THR E 143 38.43 -30.03 3.12
CA THR E 143 39.44 -30.42 4.10
C THR E 143 40.73 -29.63 3.91
N TYR E 144 41.19 -29.48 2.67
CA TYR E 144 42.41 -28.71 2.44
C TYR E 144 42.19 -27.24 2.72
N ALA E 145 41.01 -26.72 2.37
CA ALA E 145 40.63 -25.37 2.76
C ALA E 145 40.78 -25.17 4.25
N THR E 146 40.25 -26.10 5.05
CA THR E 146 40.40 -26.02 6.50
C THR E 146 41.86 -26.12 6.91
N PHE E 147 42.65 -26.89 6.16
CA PHE E 147 44.05 -27.07 6.52
C PHE E 147 44.83 -25.77 6.39
N LEU E 148 44.57 -25.00 5.33
CA LEU E 148 45.36 -23.79 5.16
C LEU E 148 44.67 -22.54 5.71
N PHE E 149 43.38 -22.63 6.07
CA PHE E 149 42.75 -21.52 6.78
C PHE E 149 43.47 -21.22 8.08
N ASN E 150 43.94 -22.26 8.76
CA ASN E 150 44.70 -22.05 9.97
C ASN E 150 46.14 -21.63 9.69
N ALA E 151 46.65 -21.90 8.48
CA ALA E 151 47.94 -21.37 8.11
C ALA E 151 47.87 -19.87 7.88
N PHE E 152 46.79 -19.40 7.27
CA PHE E 152 46.64 -17.96 7.03
C PHE E 152 46.25 -17.21 8.30
N ASP E 153 45.63 -17.89 9.26
CA ASP E 153 45.25 -17.27 10.53
C ASP E 153 46.47 -17.18 11.42
N THR E 154 47.22 -16.08 11.28
CA THR E 154 48.46 -15.90 12.01
C THR E 154 48.23 -15.93 13.52
N ASN E 155 47.45 -14.99 14.05
CA ASN E 155 46.88 -15.18 15.37
C ASN E 155 45.80 -16.25 15.30
N HIS E 156 45.47 -16.83 16.44
CA HIS E 156 44.56 -17.97 16.41
C HIS E 156 43.12 -17.55 16.65
N ASP E 157 42.76 -16.36 16.18
CA ASP E 157 41.39 -15.91 16.25
C ASP E 157 40.48 -16.83 15.42
N GLY E 158 39.19 -16.58 15.52
CA GLY E 158 38.26 -17.33 14.69
C GLY E 158 38.08 -16.82 13.29
N SER E 159 38.77 -15.76 12.90
CA SER E 159 38.52 -15.11 11.63
C SER E 159 39.84 -14.69 10.99
N VAL E 160 39.78 -14.46 9.68
CA VAL E 160 40.91 -13.94 8.90
C VAL E 160 40.56 -12.53 8.46
N SER E 161 41.42 -11.58 8.81
CA SER E 161 41.20 -10.19 8.44
C SER E 161 41.85 -9.91 7.09
N PHE E 162 41.92 -8.63 6.73
CA PHE E 162 42.56 -8.30 5.47
C PHE E 162 44.08 -8.29 5.58
N GLU E 163 44.61 -7.90 6.74
CA GLU E 163 46.05 -7.97 6.90
C GLU E 163 46.52 -9.42 6.99
N ASP E 164 45.74 -10.29 7.63
CA ASP E 164 46.06 -11.72 7.60
C ASP E 164 46.09 -12.23 6.16
N PHE E 165 45.10 -11.84 5.37
CA PHE E 165 45.02 -12.26 3.97
C PHE E 165 46.22 -11.76 3.18
N VAL E 166 46.54 -10.48 3.29
CA VAL E 166 47.51 -9.86 2.39
C VAL E 166 48.95 -10.15 2.81
N ALA E 167 49.19 -10.32 4.12
CA ALA E 167 50.53 -10.71 4.54
C ALA E 167 50.86 -12.11 4.05
N GLY E 168 49.91 -13.05 4.19
CA GLY E 168 50.08 -14.37 3.63
C GLY E 168 50.22 -14.40 2.13
N LEU E 169 49.48 -13.55 1.41
CA LEU E 169 49.70 -13.48 -0.03
C LEU E 169 51.07 -12.92 -0.38
N SER E 170 51.58 -11.96 0.40
CA SER E 170 52.88 -11.38 0.07
C SER E 170 54.02 -12.34 0.37
N VAL E 171 53.91 -13.10 1.47
CA VAL E 171 54.97 -14.02 1.83
C VAL E 171 55.02 -15.19 0.85
N ILE E 172 53.99 -15.33 0.01
CA ILE E 172 53.97 -16.40 -0.98
C ILE E 172 54.33 -15.88 -2.36
N LEU E 173 53.73 -14.77 -2.78
CA LEU E 173 53.87 -14.27 -4.14
C LEU E 173 55.09 -13.37 -4.33
N ARG E 174 55.61 -12.79 -3.25
CA ARG E 174 56.71 -11.84 -3.35
C ARG E 174 57.93 -12.23 -2.54
N GLY E 175 57.80 -13.15 -1.59
CA GLY E 175 58.93 -13.54 -0.76
C GLY E 175 59.95 -14.34 -1.53
N THR E 176 60.97 -14.78 -0.81
CA THR E 176 62.03 -15.60 -1.39
C THR E 176 61.59 -17.05 -1.46
N VAL E 177 62.42 -17.89 -2.08
CA VAL E 177 62.13 -19.32 -2.16
C VAL E 177 62.16 -19.94 -0.77
N ASP E 178 63.09 -19.51 0.07
CA ASP E 178 63.14 -20.00 1.44
C ASP E 178 61.88 -19.64 2.22
N ASP E 179 61.33 -18.44 2.00
CA ASP E 179 60.11 -18.05 2.69
C ASP E 179 58.93 -18.90 2.25
N ARG E 180 58.80 -19.13 0.94
CA ARG E 180 57.76 -20.02 0.45
C ARG E 180 57.91 -21.41 1.04
N LEU E 181 59.14 -21.91 1.14
CA LEU E 181 59.35 -23.24 1.69
C LEU E 181 59.00 -23.30 3.17
N ASN E 182 59.33 -22.25 3.92
CA ASN E 182 58.94 -22.20 5.32
C ASN E 182 57.43 -22.19 5.47
N TRP E 183 56.74 -21.41 4.62
CA TRP E 183 55.27 -21.42 4.65
C TRP E 183 54.74 -22.82 4.35
N ALA E 184 55.30 -23.49 3.35
CA ALA E 184 54.85 -24.83 2.99
C ALA E 184 55.05 -25.80 4.15
N PHE E 185 56.25 -25.80 4.74
CA PHE E 185 56.53 -26.69 5.85
C PHE E 185 55.59 -26.42 7.02
N ASN E 186 55.38 -25.15 7.36
CA ASN E 186 54.49 -24.83 8.47
C ASN E 186 53.05 -25.23 8.16
N LEU E 187 52.69 -25.26 6.87
CA LEU E 187 51.39 -25.84 6.51
C LEU E 187 51.37 -27.33 6.76
N TYR E 188 52.43 -28.04 6.34
CA TYR E 188 52.46 -29.49 6.48
C TYR E 188 52.52 -29.91 7.94
N ASP E 189 53.42 -29.31 8.71
CA ASP E 189 53.48 -29.59 10.13
C ASP E 189 52.22 -29.10 10.81
N LEU E 190 51.48 -30.01 11.42
CA LEU E 190 50.18 -29.67 12.00
C LEU E 190 50.29 -29.06 13.39
N ASN E 191 50.92 -29.75 14.32
CA ASN E 191 51.03 -29.26 15.69
C ASN E 191 52.09 -28.18 15.84
N LYS E 192 52.73 -27.76 14.75
CA LYS E 192 53.72 -26.69 14.76
C LYS E 192 54.87 -26.98 15.73
N ASP E 193 55.27 -28.25 15.83
CA ASP E 193 56.36 -28.64 16.71
C ASP E 193 57.73 -28.50 16.06
N GLY E 194 57.80 -28.56 14.74
CA GLY E 194 59.07 -28.53 14.02
C GLY E 194 59.40 -29.83 13.31
N CYS E 195 58.53 -30.82 13.34
CA CYS E 195 58.78 -32.12 12.74
C CYS E 195 57.48 -32.71 12.24
N ILE E 196 57.54 -33.37 11.08
CA ILE E 196 56.37 -33.96 10.47
C ILE E 196 56.46 -35.48 10.59
N THR E 197 55.45 -36.07 11.20
CA THR E 197 55.34 -37.52 11.27
C THR E 197 54.41 -38.01 10.15
N LYS E 198 54.39 -39.34 9.98
CA LYS E 198 53.68 -39.90 8.83
C LYS E 198 52.19 -39.63 8.90
N GLU E 199 51.63 -39.54 10.10
CA GLU E 199 50.21 -39.20 10.25
C GLU E 199 49.92 -37.78 9.77
N GLU E 200 50.78 -36.83 10.16
CA GLU E 200 50.53 -35.43 9.87
C GLU E 200 50.48 -35.17 8.37
N MET E 201 51.46 -35.71 7.64
CA MET E 201 51.47 -35.50 6.20
C MET E 201 50.52 -36.46 5.48
N LEU E 202 50.25 -37.63 6.06
CA LEU E 202 49.22 -38.50 5.51
C LEU E 202 47.87 -37.79 5.46
N ASP E 203 47.55 -37.02 6.49
CA ASP E 203 46.29 -36.28 6.50
C ASP E 203 46.23 -35.28 5.35
N ILE E 204 47.33 -34.56 5.12
CA ILE E 204 47.35 -33.55 4.07
C ILE E 204 47.32 -34.21 2.69
N MET E 205 47.96 -35.36 2.54
CA MET E 205 47.93 -36.06 1.26
C MET E 205 46.52 -36.57 0.96
N LYS E 206 45.84 -37.12 1.97
CA LYS E 206 44.44 -37.48 1.78
C LYS E 206 43.62 -36.25 1.43
N SER E 207 43.91 -35.11 2.05
CA SER E 207 43.14 -33.89 1.79
C SER E 207 43.30 -33.45 0.35
N ILE E 208 44.52 -33.45 -0.17
CA ILE E 208 44.72 -33.05 -1.55
C ILE E 208 44.14 -34.07 -2.51
N TYR E 209 44.19 -35.35 -2.15
CA TYR E 209 43.61 -36.37 -3.03
C TYR E 209 42.10 -36.24 -3.11
N ASP E 210 41.45 -35.88 -2.00
CA ASP E 210 40.01 -35.67 -2.00
C ASP E 210 39.58 -34.63 -3.02
N MET E 211 40.50 -33.72 -3.40
CA MET E 211 40.14 -32.64 -4.30
C MET E 211 39.97 -33.11 -5.73
N MET E 212 40.54 -34.25 -6.09
CA MET E 212 40.42 -34.72 -7.47
C MET E 212 39.00 -35.20 -7.75
N GLY E 213 38.36 -35.79 -6.76
CA GLY E 213 36.92 -35.95 -6.80
C GLY E 213 36.52 -37.41 -6.83
N LYS E 214 35.40 -37.65 -7.52
CA LYS E 214 34.82 -38.98 -7.57
C LYS E 214 35.67 -39.92 -8.43
N TYR E 215 35.83 -39.59 -9.71
CA TYR E 215 36.48 -40.49 -10.64
C TYR E 215 37.82 -39.90 -11.08
N THR E 216 38.86 -40.69 -10.89
CA THR E 216 40.16 -40.42 -11.47
C THR E 216 40.33 -41.35 -12.66
N TYR E 217 40.96 -40.85 -13.71
CA TYR E 217 41.04 -41.61 -14.96
C TYR E 217 41.85 -42.88 -14.77
N PRO E 218 42.96 -42.86 -14.02
CA PRO E 218 43.54 -44.13 -13.53
C PRO E 218 42.90 -44.55 -12.21
N ALA E 219 43.42 -45.63 -11.62
CA ALA E 219 42.81 -46.23 -10.45
C ALA E 219 42.87 -45.29 -9.24
N LEU E 220 42.10 -45.65 -8.22
CA LEU E 220 42.02 -44.88 -6.98
C LEU E 220 42.19 -45.82 -5.80
N ARG E 221 43.18 -45.54 -4.95
CA ARG E 221 43.53 -46.44 -3.86
C ARG E 221 43.74 -45.63 -2.59
N GLU E 222 44.11 -46.32 -1.51
CA GLU E 222 44.51 -45.68 -0.26
C GLU E 222 45.98 -45.91 0.03
N GLU E 223 46.45 -47.14 -0.16
CA GLU E 223 47.87 -47.40 -0.06
C GLU E 223 48.63 -46.71 -1.17
N ALA E 224 47.95 -46.20 -2.19
CA ALA E 224 48.63 -45.36 -3.17
C ALA E 224 48.94 -43.97 -2.63
N PRO E 225 48.02 -43.26 -1.96
CA PRO E 225 48.43 -42.12 -1.14
C PRO E 225 49.48 -42.48 -0.09
N ARG E 226 49.43 -43.69 0.48
CA ARG E 226 50.51 -44.10 1.37
C ARG E 226 51.85 -44.15 0.63
N GLU E 227 51.83 -44.65 -0.62
CA GLU E 227 53.03 -44.69 -1.44
C GLU E 227 53.52 -43.29 -1.80
N HIS E 228 52.59 -42.34 -1.98
CA HIS E 228 53.01 -40.97 -2.25
C HIS E 228 53.70 -40.37 -1.03
N VAL E 229 53.11 -40.57 0.16
CA VAL E 229 53.78 -40.17 1.39
C VAL E 229 55.15 -40.82 1.51
N GLU E 230 55.25 -42.09 1.11
CA GLU E 230 56.52 -42.80 1.19
C GLU E 230 57.55 -42.20 0.25
N SER E 231 57.15 -41.91 -0.99
CA SER E 231 58.06 -41.28 -1.94
C SER E 231 58.52 -39.92 -1.44
N PHE E 232 57.62 -39.17 -0.81
CA PHE E 232 58.00 -37.89 -0.25
C PHE E 232 59.04 -38.05 0.85
N PHE E 233 58.76 -38.92 1.83
CA PHE E 233 59.71 -39.14 2.91
C PHE E 233 61.02 -39.71 2.40
N GLN E 234 60.97 -40.43 1.27
CA GLN E 234 62.19 -40.88 0.59
C GLN E 234 62.99 -39.70 0.06
N LYS E 235 62.33 -38.79 -0.66
CA LYS E 235 63.04 -37.72 -1.34
C LYS E 235 63.53 -36.64 -0.39
N MET E 236 62.86 -36.45 0.75
CA MET E 236 63.12 -35.26 1.57
C MET E 236 63.50 -35.57 3.01
N ASP E 237 64.26 -36.63 3.26
CA ASP E 237 64.67 -36.96 4.63
C ASP E 237 66.07 -37.55 4.63
N ARG E 238 66.94 -37.00 5.48
CA ARG E 238 68.20 -37.65 5.84
C ARG E 238 68.18 -38.24 7.24
N ASN E 239 67.27 -37.80 8.10
CA ASN E 239 67.13 -38.38 9.43
C ASN E 239 66.95 -39.88 9.39
N LYS E 240 66.23 -40.40 8.39
CA LYS E 240 65.92 -41.82 8.27
C LYS E 240 65.19 -42.35 9.49
N ASP E 241 64.67 -41.45 10.34
CA ASP E 241 63.87 -41.83 11.50
C ASP E 241 62.38 -41.67 11.23
N GLY E 242 61.98 -41.71 9.97
CA GLY E 242 60.59 -41.47 9.63
C GLY E 242 60.08 -40.10 9.99
N VAL E 243 60.97 -39.12 10.19
CA VAL E 243 60.60 -37.77 10.61
C VAL E 243 61.40 -36.78 9.78
N VAL E 244 60.70 -35.79 9.22
CA VAL E 244 61.33 -34.68 8.51
C VAL E 244 61.17 -33.43 9.35
N THR E 245 62.21 -32.60 9.37
CA THR E 245 62.26 -31.39 10.17
C THR E 245 62.41 -30.17 9.27
N ILE E 246 62.54 -29.00 9.90
CA ILE E 246 62.54 -27.74 9.16
C ILE E 246 63.77 -27.65 8.26
N GLU E 247 64.96 -27.87 8.82
CA GLU E 247 66.17 -27.87 7.99
C GLU E 247 66.20 -29.10 7.10
N GLU E 248 65.69 -30.23 7.60
CA GLU E 248 65.55 -31.43 6.79
C GLU E 248 64.78 -31.16 5.51
N PHE E 249 63.66 -30.45 5.61
CA PHE E 249 62.86 -30.14 4.44
C PHE E 249 63.49 -29.02 3.61
N ILE E 250 64.11 -28.04 4.26
CA ILE E 250 64.66 -26.89 3.55
C ILE E 250 65.82 -27.32 2.65
N GLU E 251 66.83 -27.96 3.24
CA GLU E 251 68.01 -28.33 2.46
C GLU E 251 67.74 -29.46 1.48
N SER E 252 66.77 -30.32 1.76
CA SER E 252 66.46 -31.41 0.84
C SER E 252 65.56 -30.96 -0.30
N CYS E 253 64.71 -29.98 -0.05
CA CYS E 253 63.79 -29.48 -1.07
C CYS E 253 64.45 -28.50 -2.02
N GLN E 254 65.65 -28.00 -1.68
CA GLN E 254 66.35 -27.05 -2.54
C GLN E 254 67.11 -27.76 -3.67
N LYS E 255 67.66 -28.94 -3.39
CA LYS E 255 68.56 -29.59 -4.33
C LYS E 255 67.84 -30.01 -5.60
N ASP E 256 66.52 -30.21 -5.54
CA ASP E 256 65.78 -30.70 -6.68
C ASP E 256 65.80 -29.68 -7.82
N GLU E 257 65.29 -30.10 -8.98
CA GLU E 257 65.31 -29.27 -10.17
C GLU E 257 63.90 -28.88 -10.63
N ASN E 258 63.03 -29.88 -10.84
CA ASN E 258 61.71 -29.59 -11.39
C ASN E 258 60.84 -28.82 -10.40
N ILE E 259 60.97 -29.09 -9.10
CA ILE E 259 60.17 -28.37 -8.13
C ILE E 259 60.70 -26.96 -7.93
N MET E 260 61.99 -26.74 -8.19
CA MET E 260 62.52 -25.39 -8.12
C MET E 260 62.11 -24.58 -9.33
N ARG E 261 61.95 -25.23 -10.48
CA ARG E 261 61.34 -24.57 -11.62
C ARG E 261 59.85 -24.34 -11.41
N SER E 262 59.23 -25.19 -10.58
CA SER E 262 57.82 -24.99 -10.25
C SER E 262 57.62 -23.81 -9.32
N MET E 263 58.40 -23.74 -8.24
CA MET E 263 58.19 -22.73 -7.21
C MET E 263 58.58 -21.34 -7.68
N GLN E 264 58.94 -21.16 -8.95
CA GLN E 264 59.03 -19.83 -9.55
C GLN E 264 57.82 -19.51 -10.42
N LEU E 265 56.76 -20.31 -10.31
CA LEU E 265 55.51 -19.98 -10.99
C LEU E 265 54.84 -18.77 -10.35
N PHE E 266 55.00 -18.62 -9.04
CA PHE E 266 54.31 -17.61 -8.25
C PHE E 266 54.89 -16.21 -8.41
N ASP E 267 55.80 -16.00 -9.36
CA ASP E 267 56.41 -14.70 -9.55
C ASP E 267 55.96 -14.02 -10.84
N ASN E 268 55.39 -14.76 -11.78
CA ASN E 268 55.10 -14.24 -13.11
C ASN E 268 53.82 -13.40 -13.11
N VAL E 269 52.70 -14.03 -12.79
CA VAL E 269 51.38 -13.39 -12.89
C VAL E 269 50.90 -13.05 -11.48
N ILE E 270 50.67 -11.77 -11.24
CA ILE E 270 50.21 -11.30 -9.95
C ILE E 270 49.44 -9.98 -10.08
N GLY F 4 31.94 -15.02 -11.72
CA GLY F 4 31.56 -14.28 -10.53
C GLY F 4 32.68 -14.13 -9.53
N VAL F 5 33.26 -15.26 -9.14
CA VAL F 5 34.39 -15.28 -8.21
C VAL F 5 35.66 -15.24 -9.07
N ALA F 6 36.25 -14.05 -9.19
CA ALA F 6 37.45 -13.84 -9.96
C ALA F 6 38.51 -13.03 -9.24
N ALA F 7 38.19 -12.45 -8.08
CA ALA F 7 39.16 -11.66 -7.35
C ALA F 7 39.91 -12.46 -6.30
N TRP F 8 39.52 -13.71 -6.07
CA TRP F 8 40.25 -14.63 -5.21
C TRP F 8 41.10 -15.59 -6.01
N LEU F 9 41.14 -15.45 -7.32
CA LEU F 9 41.90 -16.36 -8.16
C LEU F 9 43.40 -16.23 -7.88
N PRO F 10 43.94 -15.01 -7.69
CA PRO F 10 45.29 -14.90 -7.15
C PRO F 10 45.47 -15.65 -5.85
N PHE F 11 44.45 -15.63 -4.99
CA PHE F 11 44.55 -16.35 -3.73
C PHE F 11 44.60 -17.85 -3.96
N ALA F 12 43.83 -18.37 -4.91
CA ALA F 12 43.89 -19.79 -5.21
C ALA F 12 45.24 -20.19 -5.80
N ARG F 13 45.77 -19.38 -6.70
CA ARG F 13 47.10 -19.64 -7.24
C ARG F 13 48.13 -19.66 -6.14
N ALA F 14 48.04 -18.73 -5.19
CA ALA F 14 48.98 -18.71 -4.08
C ALA F 14 48.77 -19.90 -3.16
N ALA F 15 47.53 -20.36 -3.02
CA ALA F 15 47.26 -21.52 -2.19
C ALA F 15 47.79 -22.80 -2.82
N ALA F 16 47.94 -22.79 -4.14
CA ALA F 16 48.47 -23.94 -4.86
C ALA F 16 49.93 -24.23 -4.51
N ILE F 17 50.48 -23.47 -3.56
CA ILE F 17 51.87 -23.71 -3.15
C ILE F 17 51.98 -25.02 -2.39
N GLY F 18 50.91 -25.50 -1.78
CA GLY F 18 50.98 -26.73 -1.02
C GLY F 18 51.24 -27.96 -1.86
N TRP F 19 50.97 -27.89 -3.16
CA TRP F 19 51.14 -29.05 -4.03
C TRP F 19 52.53 -29.14 -4.62
N MET F 20 53.22 -28.02 -4.80
CA MET F 20 54.49 -28.04 -5.52
C MET F 20 55.55 -28.90 -4.84
N PRO F 21 55.74 -28.89 -3.51
CA PRO F 21 56.73 -29.82 -2.95
C PRO F 21 56.31 -31.27 -3.05
N VAL F 22 55.01 -31.55 -2.99
CA VAL F 22 54.52 -32.94 -3.06
C VAL F 22 54.31 -33.31 -4.52
N ALA F 23 54.65 -32.40 -5.42
CA ALA F 23 54.54 -32.66 -6.86
C ALA F 23 55.83 -33.30 -7.35
N ASN F 24 56.15 -34.44 -6.75
CA ASN F 24 57.28 -35.24 -7.23
C ASN F 24 57.03 -35.82 -8.61
N CYS F 25 55.80 -35.78 -9.09
CA CYS F 25 55.56 -35.95 -10.51
C CYS F 25 56.40 -34.94 -11.28
N PRO F 26 57.13 -35.37 -12.31
CA PRO F 26 58.21 -34.54 -12.87
C PRO F 26 57.79 -33.14 -13.31
N MET F 27 56.83 -33.04 -14.22
CA MET F 27 56.62 -31.75 -14.86
C MET F 27 55.41 -31.04 -14.29
N PRO F 28 55.55 -29.80 -13.85
CA PRO F 28 54.40 -28.92 -13.66
C PRO F 28 54.12 -28.13 -14.94
N LEU F 29 52.83 -27.91 -15.19
CA LEU F 29 52.43 -27.33 -16.45
C LEU F 29 52.94 -25.90 -16.59
N ALA F 30 53.35 -25.55 -17.80
CA ALA F 30 53.82 -24.20 -18.06
C ALA F 30 52.69 -23.21 -17.81
N PRO F 31 52.98 -22.02 -17.29
CA PRO F 31 51.92 -21.06 -17.00
C PRO F 31 51.19 -20.62 -18.27
N ALA F 32 49.96 -20.16 -18.07
CA ALA F 32 49.09 -19.76 -19.17
C ALA F 32 49.11 -18.25 -19.38
N ASP F 33 50.28 -17.64 -19.19
CA ASP F 33 50.38 -16.18 -19.27
C ASP F 33 50.03 -15.69 -20.67
N LYS F 34 49.18 -14.67 -20.73
CA LYS F 34 48.77 -14.03 -21.97
C LYS F 34 48.81 -12.52 -21.76
N ASN F 35 48.47 -11.78 -22.82
CA ASN F 35 48.37 -10.34 -22.70
C ASN F 35 47.19 -9.95 -21.83
N LYS F 36 47.46 -9.22 -20.76
CA LYS F 36 46.43 -8.79 -19.82
C LYS F 36 46.52 -7.29 -19.62
N ARG F 37 45.35 -6.63 -19.66
CA ARG F 37 45.28 -5.19 -19.48
C ARG F 37 44.40 -4.91 -18.27
N GLN F 38 44.70 -3.79 -17.60
CA GLN F 38 44.10 -3.48 -16.31
C GLN F 38 42.59 -3.24 -16.46
N ASP F 39 41.91 -3.27 -15.32
CA ASP F 39 40.54 -2.75 -15.27
C ASP F 39 40.55 -1.27 -15.57
N GLU F 40 39.50 -0.82 -16.26
CA GLU F 40 39.25 0.59 -16.47
C GLU F 40 37.78 0.86 -16.19
N LEU F 41 37.48 2.10 -15.89
CA LEU F 41 36.10 2.52 -15.75
C LEU F 41 35.50 2.70 -17.13
N ILE F 42 34.45 1.96 -17.43
CA ILE F 42 33.69 2.20 -18.64
C ILE F 42 32.43 2.96 -18.26
N VAL F 43 31.98 3.78 -19.21
CA VAL F 43 30.93 4.76 -19.01
C VAL F 43 29.72 4.33 -19.81
N LEU F 44 28.64 3.98 -19.13
CA LEU F 44 27.38 3.67 -19.79
C LEU F 44 26.52 4.92 -19.77
N ASN F 45 26.21 5.45 -20.94
CA ASN F 45 25.44 6.69 -21.03
C ASN F 45 24.00 6.33 -21.37
N VAL F 46 23.19 6.08 -20.36
CA VAL F 46 21.82 5.61 -20.55
C VAL F 46 20.91 6.82 -20.50
N SER F 47 20.45 7.27 -21.66
CA SER F 47 19.46 8.34 -21.77
C SER F 47 19.96 9.63 -21.12
N GLY F 48 21.24 9.90 -21.25
CA GLY F 48 21.84 11.06 -20.64
C GLY F 48 22.38 10.84 -19.25
N ARG F 49 21.84 9.87 -18.51
CA ARG F 49 22.33 9.58 -17.18
C ARG F 49 23.56 8.69 -17.29
N ARG F 50 24.64 9.10 -16.65
CA ARG F 50 25.92 8.44 -16.80
C ARG F 50 26.15 7.46 -15.65
N PHE F 51 26.15 6.17 -15.96
CA PHE F 51 26.61 5.14 -15.04
C PHE F 51 28.04 4.80 -15.36
N GLN F 52 28.70 4.16 -14.41
CA GLN F 52 30.13 3.95 -14.54
C GLN F 52 30.49 2.70 -13.77
N THR F 53 31.36 1.87 -14.33
CA THR F 53 31.68 0.62 -13.65
C THR F 53 32.94 0.01 -14.25
N TRP F 54 33.60 -0.84 -13.48
CA TRP F 54 34.71 -1.61 -14.02
C TRP F 54 34.18 -2.60 -15.06
N ARG F 55 34.92 -2.79 -16.14
CA ARG F 55 34.45 -3.72 -17.16
C ARG F 55 34.51 -5.16 -16.69
N THR F 56 35.38 -5.46 -15.72
CA THR F 56 35.38 -6.78 -15.12
C THR F 56 34.09 -7.07 -14.38
N THR F 57 33.35 -6.03 -13.99
CA THR F 57 32.04 -6.23 -13.41
C THR F 57 31.06 -6.73 -14.46
N LEU F 58 31.14 -6.18 -15.67
CA LEU F 58 30.19 -6.57 -16.71
C LEU F 58 30.55 -7.90 -17.35
N GLU F 59 31.82 -8.28 -17.33
CA GLU F 59 32.17 -9.56 -17.93
C GLU F 59 31.88 -10.74 -17.03
N ARG F 60 31.04 -10.58 -16.00
CA ARG F 60 30.69 -11.67 -15.11
C ARG F 60 29.59 -12.56 -15.66
N TYR F 61 28.79 -12.07 -16.60
CA TYR F 61 27.69 -12.83 -17.20
C TYR F 61 27.78 -12.66 -18.71
N PRO F 62 28.47 -13.55 -19.40
CA PRO F 62 28.73 -13.33 -20.82
C PRO F 62 27.64 -13.86 -21.74
N ASP F 63 26.47 -14.16 -21.20
CA ASP F 63 25.34 -14.59 -22.01
C ASP F 63 24.25 -13.53 -22.08
N THR F 64 24.58 -12.27 -21.84
CA THR F 64 23.63 -11.18 -21.84
C THR F 64 24.16 -10.06 -22.73
N LEU F 65 23.41 -8.96 -22.80
CA LEU F 65 23.81 -7.88 -23.72
C LEU F 65 25.06 -7.17 -23.25
N LEU F 66 25.20 -6.96 -21.95
CA LEU F 66 26.32 -6.18 -21.45
C LEU F 66 27.57 -7.01 -21.27
N GLY F 67 27.44 -8.30 -20.97
CA GLY F 67 28.60 -9.15 -20.87
C GLY F 67 29.12 -9.67 -22.18
N SER F 68 28.38 -9.49 -23.26
CA SER F 68 28.76 -9.98 -24.58
C SER F 68 29.48 -8.90 -25.36
N THR F 69 29.75 -9.18 -26.64
CA THR F 69 30.21 -8.16 -27.56
C THR F 69 29.08 -7.49 -28.30
N GLU F 70 27.84 -7.84 -28.00
CA GLU F 70 26.70 -7.17 -28.60
C GLU F 70 26.69 -5.69 -28.27
N LYS F 71 27.17 -5.31 -27.09
CA LYS F 71 27.12 -3.91 -26.68
C LYS F 71 28.02 -3.05 -27.55
N GLU F 72 28.90 -3.66 -28.35
CA GLU F 72 29.70 -2.88 -29.27
C GLU F 72 28.86 -2.26 -30.38
N PHE F 73 27.60 -2.68 -30.53
CA PHE F 73 26.70 -1.99 -31.44
C PHE F 73 26.25 -0.64 -30.90
N PHE F 74 26.51 -0.36 -29.62
CA PHE F 74 26.05 0.88 -28.99
C PHE F 74 27.21 1.78 -28.60
N PHE F 75 28.41 1.50 -29.09
CA PHE F 75 29.60 2.25 -28.71
C PHE F 75 29.85 3.37 -29.71
N ASN F 76 30.35 4.51 -29.21
CA ASN F 76 30.76 5.62 -30.04
C ASN F 76 32.25 5.87 -29.79
N GLU F 77 33.06 5.70 -30.84
CA GLU F 77 34.50 5.88 -30.68
C GLU F 77 34.88 7.34 -30.49
N ASP F 78 34.06 8.27 -30.95
CA ASP F 78 34.38 9.69 -30.78
C ASP F 78 34.12 10.18 -29.37
N THR F 79 33.14 9.61 -28.67
CA THR F 79 32.84 10.01 -27.31
C THR F 79 33.28 9.01 -26.26
N LYS F 80 33.74 7.82 -26.67
CA LYS F 80 34.26 6.79 -25.77
C LYS F 80 33.19 6.21 -24.85
N GLU F 81 31.91 6.38 -25.15
CA GLU F 81 30.84 5.96 -24.28
C GLU F 81 29.87 5.06 -25.01
N TYR F 82 29.26 4.15 -24.26
CA TYR F 82 28.12 3.39 -24.75
C TYR F 82 26.86 4.20 -24.50
N PHE F 83 26.06 4.42 -25.54
CA PHE F 83 24.81 5.14 -25.39
C PHE F 83 23.65 4.20 -25.62
N PHE F 84 22.78 4.08 -24.61
CA PHE F 84 21.54 3.34 -24.72
C PHE F 84 20.39 4.32 -24.61
N ASP F 85 19.52 4.33 -25.61
CA ASP F 85 18.35 5.19 -25.60
C ASP F 85 17.21 4.51 -24.88
N ARG F 86 17.45 4.09 -23.64
CA ARG F 86 16.49 3.33 -22.85
C ARG F 86 16.15 4.08 -21.57
N ASP F 87 15.24 3.52 -20.80
CA ASP F 87 14.84 4.12 -19.54
C ASP F 87 15.96 4.03 -18.52
N PRO F 88 16.36 5.15 -17.90
CA PRO F 88 17.50 5.12 -16.97
C PRO F 88 17.17 4.66 -15.57
N GLU F 89 15.91 4.38 -15.23
CA GLU F 89 15.57 3.96 -13.88
C GLU F 89 15.53 2.46 -13.69
N VAL F 90 15.31 1.69 -14.77
CA VAL F 90 15.37 0.24 -14.67
C VAL F 90 16.76 -0.29 -14.99
N PHE F 91 17.57 0.47 -15.72
CA PHE F 91 18.94 0.06 -15.97
C PHE F 91 19.73 -0.06 -14.68
N ARG F 92 19.34 0.68 -13.64
CA ARG F 92 20.04 0.60 -12.37
C ARG F 92 19.90 -0.78 -11.75
N CYS F 93 18.72 -1.39 -11.87
CA CYS F 93 18.53 -2.74 -11.34
C CYS F 93 19.39 -3.75 -12.11
N VAL F 94 19.52 -3.57 -13.42
CA VAL F 94 20.37 -4.45 -14.21
C VAL F 94 21.83 -4.32 -13.79
N LEU F 95 22.30 -3.08 -13.61
CA LEU F 95 23.68 -2.88 -13.19
C LEU F 95 23.91 -3.48 -11.81
N ASN F 96 22.95 -3.33 -10.90
CA ASN F 96 23.12 -3.90 -9.58
C ASN F 96 22.99 -5.41 -9.58
N PHE F 97 22.36 -5.99 -10.59
CA PHE F 97 22.43 -7.43 -10.75
C PHE F 97 23.83 -7.85 -11.17
N TYR F 98 24.44 -7.09 -12.08
CA TYR F 98 25.80 -7.40 -12.48
C TYR F 98 26.79 -7.25 -11.34
N ARG F 99 26.53 -6.33 -10.42
CA ARG F 99 27.47 -6.09 -9.32
C ARG F 99 27.35 -7.17 -8.25
N THR F 100 26.18 -7.27 -7.61
CA THR F 100 26.03 -8.24 -6.53
C THR F 100 25.86 -9.64 -7.07
N GLY F 101 24.79 -9.88 -7.81
CA GLY F 101 24.51 -11.21 -8.32
C GLY F 101 23.05 -11.56 -8.21
N LYS F 102 22.29 -10.73 -7.52
CA LYS F 102 20.85 -10.92 -7.39
C LYS F 102 20.13 -9.75 -8.03
N LEU F 103 19.06 -10.06 -8.75
CA LEU F 103 18.26 -9.07 -9.46
C LEU F 103 17.05 -8.72 -8.63
N HIS F 104 16.88 -7.44 -8.32
CA HIS F 104 15.78 -6.98 -7.49
C HIS F 104 14.65 -6.44 -8.35
N TYR F 105 13.53 -6.13 -7.69
CA TYR F 105 12.36 -5.59 -8.37
C TYR F 105 11.88 -4.36 -7.61
N PRO F 106 11.90 -3.17 -8.21
CA PRO F 106 11.41 -1.97 -7.53
C PRO F 106 9.89 -1.98 -7.46
N ARG F 107 9.35 -2.00 -6.23
CA ARG F 107 7.91 -2.15 -6.03
C ARG F 107 7.11 -1.05 -6.70
N TYR F 108 7.70 0.10 -6.97
CA TYR F 108 6.98 1.23 -7.54
C TYR F 108 6.96 1.21 -9.06
N GLU F 109 7.58 0.22 -9.69
CA GLU F 109 7.74 0.22 -11.14
C GLU F 109 6.63 -0.59 -11.79
N CYS F 110 6.18 -0.11 -12.94
CA CYS F 110 5.22 -0.86 -13.74
C CYS F 110 5.84 -2.19 -14.17
N ILE F 111 5.07 -3.26 -14.06
CA ILE F 111 5.61 -4.58 -14.36
C ILE F 111 5.92 -4.73 -15.84
N SER F 112 5.17 -4.04 -16.71
CA SER F 112 5.36 -4.19 -18.13
C SER F 112 6.64 -3.52 -18.59
N ALA F 113 6.94 -2.34 -18.06
CA ALA F 113 8.20 -1.67 -18.37
C ALA F 113 9.38 -2.48 -17.89
N TYR F 114 9.27 -3.06 -16.69
CA TYR F 114 10.32 -3.91 -16.16
C TYR F 114 10.57 -5.11 -17.07
N ASP F 115 9.49 -5.79 -17.48
CA ASP F 115 9.66 -6.93 -18.38
C ASP F 115 10.26 -6.52 -19.71
N ASP F 116 9.87 -5.36 -20.23
CA ASP F 116 10.42 -4.88 -21.50
C ASP F 116 11.93 -4.64 -21.39
N GLU F 117 12.36 -4.00 -20.32
CA GLU F 117 13.79 -3.75 -20.17
C GLU F 117 14.56 -5.04 -19.96
N LEU F 118 14.03 -5.96 -19.13
CA LEU F 118 14.72 -7.23 -18.96
C LEU F 118 14.84 -7.99 -20.28
N ALA F 119 13.79 -7.92 -21.11
CA ALA F 119 13.86 -8.57 -22.41
C ALA F 119 14.90 -7.90 -23.29
N PHE F 120 15.02 -6.57 -23.21
CA PHE F 120 16.01 -5.90 -24.04
C PHE F 120 17.42 -6.29 -23.66
N TYR F 121 17.72 -6.36 -22.36
CA TYR F 121 19.10 -6.57 -21.94
C TYR F 121 19.51 -8.03 -21.93
N GLY F 122 18.60 -8.96 -22.17
CA GLY F 122 18.94 -10.36 -22.19
C GLY F 122 18.81 -11.08 -20.87
N ILE F 123 18.30 -10.42 -19.85
CA ILE F 123 18.09 -11.05 -18.56
C ILE F 123 16.77 -11.79 -18.59
N LEU F 124 16.68 -12.86 -17.81
CA LEU F 124 15.41 -13.57 -17.72
C LEU F 124 14.77 -13.35 -16.36
N PRO F 125 13.46 -13.19 -16.32
CA PRO F 125 12.80 -12.93 -15.04
C PRO F 125 12.90 -14.10 -14.07
N GLU F 126 13.49 -15.21 -14.52
CA GLU F 126 13.60 -16.38 -13.69
C GLU F 126 14.67 -16.25 -12.62
N ILE F 127 15.62 -15.34 -12.79
CA ILE F 127 16.74 -15.21 -11.87
C ILE F 127 16.52 -14.06 -10.89
N ILE F 128 15.28 -13.61 -10.72
CA ILE F 128 14.99 -12.59 -9.71
C ILE F 128 15.22 -13.19 -8.34
N GLY F 129 15.90 -12.43 -7.47
CA GLY F 129 16.24 -12.93 -6.16
C GLY F 129 15.01 -13.27 -5.34
N ASP F 130 15.18 -14.20 -4.40
CA ASP F 130 14.07 -14.63 -3.57
C ASP F 130 13.60 -13.53 -2.64
N CYS F 131 14.48 -12.56 -2.34
CA CYS F 131 14.11 -11.44 -1.47
C CYS F 131 12.84 -10.77 -1.96
N CYS F 132 12.81 -10.42 -3.24
CA CYS F 132 11.64 -9.82 -3.87
C CYS F 132 11.35 -10.60 -5.15
N TYR F 133 10.69 -11.73 -4.98
CA TYR F 133 10.21 -12.54 -6.10
C TYR F 133 8.75 -12.94 -5.97
N GLU F 134 8.20 -13.03 -4.76
CA GLU F 134 6.78 -13.25 -4.61
C GLU F 134 5.99 -12.06 -5.12
N GLU F 135 6.48 -10.85 -4.86
CA GLU F 135 5.75 -9.66 -5.30
C GLU F 135 5.87 -9.46 -6.80
N TYR F 136 6.99 -9.85 -7.40
CA TYR F 136 7.08 -9.87 -8.85
C TYR F 136 6.00 -10.77 -9.44
N LYS F 137 5.88 -11.99 -8.92
CA LYS F 137 4.86 -12.90 -9.42
C LYS F 137 3.46 -12.35 -9.18
N ASP F 138 3.24 -11.73 -8.02
CA ASP F 138 1.95 -11.11 -7.74
C ASP F 138 1.60 -10.08 -8.80
N ARG F 139 2.49 -9.12 -9.02
CA ARG F 139 2.20 -8.06 -9.98
C ARG F 139 2.05 -8.60 -11.38
N LYS F 140 2.84 -9.60 -11.75
CA LYS F 140 2.76 -10.13 -13.10
C LYS F 140 1.47 -10.90 -13.31
N ARG F 141 1.05 -11.67 -12.31
CA ARG F 141 -0.26 -12.34 -12.35
C ARG F 141 -1.37 -11.32 -12.52
N GLU F 142 -1.35 -10.26 -11.71
CA GLU F 142 -2.41 -9.26 -11.80
C GLU F 142 -2.40 -8.58 -13.16
N ASN F 143 -1.21 -8.27 -13.68
CA ASN F 143 -1.12 -7.63 -14.99
C ASN F 143 -1.65 -8.54 -16.08
N ALA F 144 -1.29 -9.83 -16.04
CA ALA F 144 -1.80 -10.77 -17.03
C ALA F 144 -3.32 -10.83 -16.98
N GLU F 145 -3.88 -11.10 -15.81
CA GLU F 145 -5.34 -11.21 -15.72
C GLU F 145 -6.04 -9.89 -16.02
N ARG F 146 -5.35 -8.75 -15.87
CA ARG F 146 -5.94 -7.48 -16.24
C ARG F 146 -5.91 -7.27 -17.75
N LEU F 147 -4.86 -7.74 -18.43
CA LEU F 147 -4.80 -7.63 -19.88
C LEU F 147 -5.29 -8.87 -20.60
N MET F 148 -5.91 -9.80 -19.90
CA MET F 148 -6.51 -10.96 -20.55
C MET F 148 -7.94 -11.19 -20.07
N LEU F 163 -23.85 -20.88 -41.03
CA LEU F 163 -23.58 -19.94 -39.95
C LEU F 163 -24.71 -18.91 -39.86
N SER F 164 -25.44 -18.76 -40.95
CA SER F 164 -26.55 -17.81 -40.97
C SER F 164 -27.83 -18.42 -40.44
N PHE F 165 -27.80 -19.70 -40.06
CA PHE F 165 -28.98 -20.35 -39.50
C PHE F 165 -28.66 -21.03 -38.17
N ARG F 166 -27.47 -21.63 -38.08
CA ARG F 166 -27.06 -22.36 -36.89
C ARG F 166 -26.18 -21.51 -35.99
N GLN F 167 -25.08 -20.97 -36.54
CA GLN F 167 -24.21 -20.15 -35.72
C GLN F 167 -24.82 -18.80 -35.41
N THR F 168 -25.79 -18.34 -36.19
CA THR F 168 -26.48 -17.11 -35.83
C THR F 168 -27.35 -17.32 -34.59
N MET F 169 -27.99 -18.47 -34.44
CA MET F 169 -28.77 -18.71 -33.24
C MET F 169 -27.87 -19.13 -32.08
N TRP F 170 -26.68 -19.66 -32.37
CA TRP F 170 -25.72 -19.85 -31.30
C TRP F 170 -25.13 -18.53 -30.82
N ARG F 171 -25.10 -17.51 -31.70
CA ARG F 171 -24.74 -16.18 -31.26
C ARG F 171 -25.88 -15.50 -30.52
N ALA F 172 -27.12 -15.84 -30.88
CA ALA F 172 -28.28 -15.28 -30.21
C ALA F 172 -28.45 -15.87 -28.81
N PHE F 173 -28.25 -17.18 -28.66
CA PHE F 173 -28.47 -17.84 -27.38
C PHE F 173 -27.47 -17.36 -26.34
N GLU F 174 -26.18 -17.56 -26.59
CA GLU F 174 -25.15 -17.16 -25.65
C GLU F 174 -24.89 -15.67 -25.64
N ASN F 175 -25.77 -14.87 -26.24
CA ASN F 175 -25.80 -13.43 -26.00
C ASN F 175 -27.24 -12.96 -26.25
N PRO F 176 -28.11 -13.07 -25.25
CA PRO F 176 -29.52 -12.71 -25.45
C PRO F 176 -29.73 -11.25 -25.83
N HIS F 177 -28.73 -10.39 -25.67
CA HIS F 177 -28.85 -8.98 -26.02
C HIS F 177 -28.38 -8.68 -27.43
N THR F 178 -28.40 -9.68 -28.32
CA THR F 178 -28.00 -9.46 -29.70
C THR F 178 -29.08 -8.72 -30.48
N SER F 179 -30.27 -9.31 -30.58
CA SER F 179 -31.39 -8.71 -31.28
C SER F 179 -32.62 -8.71 -30.38
N THR F 180 -33.60 -7.86 -30.72
CA THR F 180 -34.84 -7.85 -29.95
C THR F 180 -35.61 -9.14 -30.10
N LEU F 181 -35.36 -9.90 -31.18
CA LEU F 181 -35.92 -11.24 -31.28
C LEU F 181 -35.33 -12.14 -30.20
N ALA F 182 -34.01 -12.04 -29.98
CA ALA F 182 -33.38 -12.79 -28.90
C ALA F 182 -33.90 -12.32 -27.54
N LEU F 183 -34.08 -11.01 -27.37
CA LEU F 183 -34.62 -10.50 -26.12
C LEU F 183 -36.02 -11.06 -25.85
N VAL F 184 -36.87 -11.10 -26.88
CA VAL F 184 -38.21 -11.62 -26.69
C VAL F 184 -38.19 -13.11 -26.40
N PHE F 185 -37.34 -13.87 -27.11
CA PHE F 185 -37.24 -15.30 -26.84
C PHE F 185 -36.75 -15.57 -25.42
N TYR F 186 -35.79 -14.77 -24.96
CA TYR F 186 -35.26 -14.93 -23.61
C TYR F 186 -36.30 -14.58 -22.57
N TYR F 187 -37.05 -13.49 -22.79
CA TYR F 187 -38.09 -13.08 -21.86
C TYR F 187 -39.32 -13.97 -21.91
N VAL F 188 -39.49 -14.81 -22.93
CA VAL F 188 -40.59 -15.75 -22.94
C VAL F 188 -40.17 -17.14 -22.44
N THR F 189 -38.89 -17.50 -22.55
CA THR F 189 -38.44 -18.70 -21.87
C THR F 189 -38.21 -18.45 -20.39
N GLY F 190 -38.06 -17.20 -19.98
CA GLY F 190 -38.02 -16.86 -18.57
C GLY F 190 -39.40 -16.54 -18.02
N PHE F 191 -40.42 -17.12 -18.64
CA PHE F 191 -41.80 -16.99 -18.19
C PHE F 191 -42.47 -18.32 -17.95
N PHE F 192 -42.17 -19.33 -18.76
CA PHE F 192 -42.73 -20.65 -18.54
C PHE F 192 -42.04 -21.34 -17.36
N ILE F 193 -40.77 -21.06 -17.13
CA ILE F 193 -40.14 -21.48 -15.88
C ILE F 193 -40.94 -20.96 -14.69
N ALA F 194 -41.24 -19.66 -14.69
CA ALA F 194 -41.94 -19.05 -13.57
C ALA F 194 -43.34 -19.64 -13.42
N VAL F 195 -44.06 -19.82 -14.52
CA VAL F 195 -45.42 -20.31 -14.40
C VAL F 195 -45.42 -21.77 -13.96
N SER F 196 -44.42 -22.55 -14.38
CA SER F 196 -44.34 -23.94 -13.92
C SER F 196 -44.00 -24.01 -12.44
N VAL F 197 -43.11 -23.13 -11.97
CA VAL F 197 -42.77 -23.10 -10.55
C VAL F 197 -44.01 -22.76 -9.73
N ILE F 198 -44.72 -21.70 -10.12
CA ILE F 198 -45.91 -21.29 -9.39
C ILE F 198 -46.97 -22.39 -9.43
N THR F 199 -47.08 -23.08 -10.56
CA THR F 199 -48.07 -24.15 -10.66
C THR F 199 -47.74 -25.32 -9.74
N ASN F 200 -46.47 -25.72 -9.71
CA ASN F 200 -46.06 -26.82 -8.83
C ASN F 200 -46.22 -26.44 -7.37
N VAL F 201 -46.06 -25.16 -7.04
CA VAL F 201 -46.30 -24.73 -5.66
C VAL F 201 -47.79 -24.79 -5.33
N VAL F 202 -48.62 -24.23 -6.21
CA VAL F 202 -50.04 -24.06 -5.90
C VAL F 202 -50.77 -25.39 -5.93
N GLU F 203 -50.31 -26.36 -6.71
CA GLU F 203 -51.06 -27.62 -6.83
C GLU F 203 -51.21 -28.35 -5.50
N THR F 204 -50.54 -27.92 -4.44
CA THR F 204 -50.65 -28.57 -3.15
C THR F 204 -51.54 -27.82 -2.17
N VAL F 205 -51.94 -26.59 -2.50
CA VAL F 205 -52.75 -25.76 -1.61
C VAL F 205 -54.12 -26.40 -1.43
N PRO F 206 -54.43 -26.92 -0.25
CA PRO F 206 -55.76 -27.51 -0.05
C PRO F 206 -56.83 -26.43 0.00
N CYS F 207 -57.60 -26.31 -1.08
CA CYS F 207 -58.58 -25.25 -1.22
C CYS F 207 -59.86 -25.81 -1.80
N GLY F 208 -60.98 -25.23 -1.38
CA GLY F 208 -62.29 -25.66 -1.81
C GLY F 208 -62.92 -26.61 -0.81
N THR F 209 -63.87 -26.10 -0.02
CA THR F 209 -64.47 -26.93 1.01
C THR F 209 -65.25 -28.10 0.41
N VAL F 210 -65.91 -27.86 -0.72
CA VAL F 210 -66.71 -28.87 -1.43
C VAL F 210 -67.59 -29.60 -0.43
N PRO F 211 -68.67 -28.97 0.06
CA PRO F 211 -69.47 -29.57 1.14
C PRO F 211 -70.11 -30.90 0.77
N GLY F 212 -69.89 -31.37 -0.45
CA GLY F 212 -70.45 -32.63 -0.90
C GLY F 212 -69.49 -33.79 -0.84
N SER F 213 -68.19 -33.54 -0.98
CA SER F 213 -67.22 -34.63 -1.10
C SER F 213 -66.02 -34.34 -0.21
N LYS F 214 -64.99 -35.18 -0.35
CA LYS F 214 -63.79 -35.08 0.45
C LYS F 214 -63.04 -33.78 0.17
N GLU F 215 -62.35 -33.28 1.19
CA GLU F 215 -61.53 -32.09 1.04
C GLU F 215 -60.21 -32.46 0.36
N LEU F 216 -59.93 -31.82 -0.77
CA LEU F 216 -58.79 -32.18 -1.59
C LEU F 216 -57.98 -30.94 -1.93
N PRO F 217 -56.69 -31.11 -2.26
CA PRO F 217 -55.91 -29.98 -2.76
C PRO F 217 -56.37 -29.58 -4.15
N CYS F 218 -56.03 -28.35 -4.51
CA CYS F 218 -56.40 -27.84 -5.83
C CYS F 218 -55.78 -28.65 -6.96
N GLY F 219 -54.65 -29.32 -6.71
CA GLY F 219 -53.95 -29.99 -7.78
C GLY F 219 -54.62 -31.26 -8.26
N GLU F 220 -55.29 -31.98 -7.35
CA GLU F 220 -55.98 -33.19 -7.73
C GLU F 220 -57.47 -32.98 -7.96
N ARG F 221 -58.01 -31.83 -7.55
CA ARG F 221 -59.38 -31.49 -7.90
C ARG F 221 -59.48 -31.10 -9.37
N TYR F 222 -58.69 -30.12 -9.79
CA TYR F 222 -58.64 -29.70 -11.18
C TYR F 222 -57.45 -30.36 -11.88
N SER F 223 -57.53 -31.70 -11.98
CA SER F 223 -56.40 -32.47 -12.46
C SER F 223 -55.99 -32.06 -13.87
N VAL F 224 -56.94 -32.07 -14.81
CA VAL F 224 -56.59 -31.77 -16.20
C VAL F 224 -56.19 -30.31 -16.35
N ALA F 225 -56.73 -29.43 -15.53
CA ALA F 225 -56.36 -28.02 -15.61
C ALA F 225 -54.87 -27.83 -15.36
N PHE F 226 -54.29 -28.64 -14.48
CA PHE F 226 -52.86 -28.59 -14.23
C PHE F 226 -52.06 -29.46 -15.19
N PHE F 227 -52.67 -30.53 -15.69
CA PHE F 227 -52.04 -31.33 -16.74
C PHE F 227 -51.76 -30.46 -17.97
N CYS F 228 -52.73 -29.65 -18.37
CA CYS F 228 -52.52 -28.72 -19.47
C CYS F 228 -51.31 -27.83 -19.22
N LEU F 229 -51.25 -27.22 -18.03
CA LEU F 229 -50.19 -26.26 -17.73
C LEU F 229 -48.82 -26.92 -17.76
N ASP F 230 -48.64 -28.01 -17.02
CA ASP F 230 -47.30 -28.56 -16.94
C ASP F 230 -46.91 -29.27 -18.23
N THR F 231 -47.88 -29.78 -19.00
CA THR F 231 -47.55 -30.33 -20.32
C THR F 231 -47.07 -29.24 -21.26
N ALA F 232 -47.76 -28.10 -21.30
CA ALA F 232 -47.29 -26.98 -22.09
C ALA F 232 -45.87 -26.57 -21.68
N CYS F 233 -45.65 -26.48 -20.36
CA CYS F 233 -44.35 -26.05 -19.87
C CYS F 233 -43.25 -27.02 -20.26
N VAL F 234 -43.48 -28.32 -20.08
CA VAL F 234 -42.44 -29.29 -20.38
C VAL F 234 -42.22 -29.42 -21.88
N MET F 235 -43.27 -29.23 -22.71
CA MET F 235 -43.06 -29.22 -24.15
C MET F 235 -42.19 -28.05 -24.57
N ILE F 236 -42.47 -26.86 -24.03
CA ILE F 236 -41.63 -25.70 -24.34
C ILE F 236 -40.19 -25.95 -23.88
N PHE F 237 -40.03 -26.53 -22.69
CA PHE F 237 -38.69 -26.79 -22.18
C PHE F 237 -37.93 -27.75 -23.08
N THR F 238 -38.58 -28.84 -23.49
CA THR F 238 -37.88 -29.83 -24.29
C THR F 238 -37.60 -29.32 -25.70
N VAL F 239 -38.49 -28.49 -26.26
CA VAL F 239 -38.24 -27.98 -27.61
C VAL F 239 -37.13 -26.95 -27.59
N GLU F 240 -37.07 -26.12 -26.55
CA GLU F 240 -35.97 -25.16 -26.49
C GLU F 240 -34.65 -25.87 -26.17
N TYR F 241 -34.70 -26.99 -25.45
CA TYR F 241 -33.50 -27.79 -25.25
C TYR F 241 -33.02 -28.39 -26.56
N LEU F 242 -33.94 -28.94 -27.36
CA LEU F 242 -33.56 -29.48 -28.66
C LEU F 242 -32.99 -28.39 -29.55
N LEU F 243 -33.53 -27.17 -29.47
CA LEU F 243 -32.96 -26.07 -30.23
C LEU F 243 -31.55 -25.72 -29.74
N ARG F 244 -31.34 -25.76 -28.43
CA ARG F 244 -29.97 -25.59 -27.90
C ARG F 244 -29.05 -26.66 -28.46
N LEU F 245 -29.56 -27.88 -28.63
CA LEU F 245 -28.75 -28.97 -29.16
C LEU F 245 -28.42 -28.74 -30.64
N PHE F 246 -29.40 -28.27 -31.41
CA PHE F 246 -29.21 -28.13 -32.85
C PHE F 246 -28.25 -26.97 -33.17
N ALA F 247 -28.10 -26.02 -32.26
CA ALA F 247 -27.18 -24.91 -32.46
C ALA F 247 -25.82 -25.15 -31.81
N ALA F 248 -25.67 -26.25 -31.09
CA ALA F 248 -24.41 -26.52 -30.39
C ALA F 248 -23.32 -26.86 -31.39
N PRO F 249 -22.25 -26.06 -31.50
CA PRO F 249 -21.16 -26.41 -32.41
C PRO F 249 -20.54 -27.75 -32.05
N SER F 250 -20.06 -27.88 -30.80
CA SER F 250 -19.50 -29.12 -30.29
C SER F 250 -20.60 -29.81 -29.49
N ARG F 251 -21.39 -30.63 -30.18
CA ARG F 251 -22.54 -31.27 -29.54
C ARG F 251 -22.15 -32.30 -28.49
N TYR F 252 -20.87 -32.50 -28.21
CA TYR F 252 -20.47 -33.29 -27.06
C TYR F 252 -19.96 -32.46 -25.90
N ARG F 253 -19.36 -31.31 -26.18
CA ARG F 253 -19.04 -30.39 -25.08
C ARG F 253 -20.30 -29.84 -24.44
N PHE F 254 -21.37 -29.68 -25.22
CA PHE F 254 -22.62 -29.16 -24.68
C PHE F 254 -23.26 -30.16 -23.70
N ILE F 255 -23.31 -31.44 -24.09
CA ILE F 255 -23.93 -32.45 -23.23
C ILE F 255 -23.21 -32.56 -21.89
N ARG F 256 -21.89 -32.38 -21.89
CA ARG F 256 -21.14 -32.47 -20.65
C ARG F 256 -21.30 -31.25 -19.74
N SER F 257 -21.90 -30.17 -20.24
CA SER F 257 -22.08 -28.97 -19.44
C SER F 257 -23.09 -29.22 -18.32
N VAL F 258 -23.08 -28.32 -17.34
CA VAL F 258 -23.92 -28.49 -16.17
C VAL F 258 -25.37 -28.11 -16.46
N MET F 259 -25.59 -27.00 -17.20
CA MET F 259 -26.95 -26.60 -17.54
C MET F 259 -27.66 -27.66 -18.36
N SER F 260 -26.93 -28.40 -19.20
CA SER F 260 -27.54 -29.51 -19.93
C SER F 260 -28.08 -30.57 -18.98
N ILE F 261 -27.28 -30.94 -17.98
CA ILE F 261 -27.74 -31.91 -16.99
C ILE F 261 -28.95 -31.38 -16.24
N ILE F 262 -28.92 -30.09 -15.89
CA ILE F 262 -30.06 -29.48 -15.19
C ILE F 262 -31.32 -29.60 -16.03
N ASP F 263 -31.23 -29.27 -17.32
CA ASP F 263 -32.40 -29.33 -18.18
C ASP F 263 -32.91 -30.76 -18.34
N VAL F 264 -31.98 -31.71 -18.52
CA VAL F 264 -32.38 -33.11 -18.65
C VAL F 264 -33.13 -33.57 -17.40
N VAL F 265 -32.56 -33.30 -16.23
CA VAL F 265 -33.16 -33.77 -14.97
C VAL F 265 -34.36 -32.93 -14.56
N ALA F 266 -34.61 -31.81 -15.22
CA ALA F 266 -35.84 -31.07 -15.00
C ALA F 266 -36.96 -31.49 -15.93
N ILE F 267 -36.63 -32.00 -17.12
CA ILE F 267 -37.67 -32.38 -18.07
C ILE F 267 -38.07 -33.84 -17.87
N MET F 268 -37.11 -34.72 -17.59
CA MET F 268 -37.43 -36.15 -17.56
C MET F 268 -38.35 -36.58 -16.41
N PRO F 269 -38.43 -35.89 -15.24
CA PRO F 269 -39.39 -36.35 -14.22
C PRO F 269 -40.84 -36.37 -14.67
N TYR F 270 -41.12 -35.80 -15.83
CA TYR F 270 -42.44 -35.88 -16.43
C TYR F 270 -42.58 -37.03 -17.41
N TYR F 271 -41.56 -37.24 -18.24
CA TYR F 271 -41.56 -38.38 -19.15
C TYR F 271 -41.58 -39.69 -18.37
N ILE F 272 -40.57 -39.91 -17.54
CA ILE F 272 -40.50 -41.08 -16.67
C ILE F 272 -41.77 -41.20 -15.86
N GLY F 273 -42.42 -40.07 -15.60
CA GLY F 273 -43.65 -40.07 -14.84
C GLY F 273 -44.82 -40.65 -15.59
N LEU F 274 -45.06 -40.18 -16.81
CA LEU F 274 -46.26 -40.63 -17.52
C LEU F 274 -46.05 -41.97 -18.22
N VAL F 275 -44.80 -42.40 -18.44
CA VAL F 275 -44.60 -43.74 -18.99
C VAL F 275 -45.09 -44.79 -18.01
N MET F 276 -44.81 -44.61 -16.72
CA MET F 276 -45.19 -45.55 -15.66
C MET F 276 -46.36 -45.02 -14.83
N THR F 277 -47.38 -44.47 -15.49
CA THR F 277 -48.53 -43.87 -14.83
C THR F 277 -49.27 -44.90 -13.99
N ASN F 278 -50.34 -44.49 -13.31
CA ASN F 278 -51.00 -45.28 -12.26
C ASN F 278 -51.52 -46.62 -12.75
N ASN F 279 -51.33 -46.93 -14.05
CA ASN F 279 -51.49 -48.31 -14.50
C ASN F 279 -50.67 -49.26 -13.64
N GLU F 280 -49.51 -48.81 -13.19
CA GLU F 280 -48.70 -49.49 -12.19
C GLU F 280 -48.19 -48.43 -11.21
N ASP F 281 -48.77 -48.36 -10.02
CA ASP F 281 -48.43 -47.29 -9.08
C ASP F 281 -48.48 -47.80 -7.65
N VAL F 282 -47.45 -47.43 -6.89
CA VAL F 282 -47.44 -47.52 -5.43
C VAL F 282 -47.04 -46.14 -4.92
N SER F 283 -47.73 -45.66 -3.88
CA SER F 283 -47.61 -44.27 -3.48
C SER F 283 -46.20 -43.88 -3.04
N GLY F 284 -45.34 -44.85 -2.76
CA GLY F 284 -44.00 -44.56 -2.29
C GLY F 284 -42.97 -44.22 -3.36
N ALA F 285 -43.40 -43.92 -4.58
CA ALA F 285 -42.45 -43.69 -5.67
C ALA F 285 -42.73 -42.47 -6.52
N PHE F 286 -43.90 -41.84 -6.41
CA PHE F 286 -44.19 -40.68 -7.23
C PHE F 286 -43.84 -39.36 -6.53
N VAL F 287 -43.71 -39.37 -5.21
CA VAL F 287 -43.28 -38.16 -4.50
C VAL F 287 -41.85 -37.82 -4.88
N THR F 288 -41.05 -38.83 -5.25
CA THR F 288 -39.71 -38.55 -5.74
C THR F 288 -39.75 -37.88 -7.11
N LEU F 289 -40.74 -38.23 -7.93
CA LEU F 289 -40.87 -37.60 -9.22
C LEU F 289 -41.40 -36.18 -9.10
N ARG F 290 -42.13 -35.88 -8.02
CA ARG F 290 -42.61 -34.52 -7.79
C ARG F 290 -41.57 -33.65 -7.11
N VAL F 291 -40.72 -34.22 -6.26
CA VAL F 291 -39.64 -33.46 -5.66
C VAL F 291 -38.66 -33.00 -6.73
N PHE F 292 -38.30 -33.89 -7.66
CA PHE F 292 -37.38 -33.52 -8.73
C PHE F 292 -37.95 -32.44 -9.62
N ARG F 293 -39.27 -32.25 -9.61
CA ARG F 293 -39.88 -31.23 -10.44
C ARG F 293 -39.54 -29.82 -9.99
N VAL F 294 -38.95 -29.65 -8.81
CA VAL F 294 -38.53 -28.33 -8.36
C VAL F 294 -37.16 -27.95 -8.88
N PHE F 295 -36.36 -28.92 -9.33
CA PHE F 295 -35.03 -28.62 -9.82
C PHE F 295 -35.05 -27.81 -11.12
N ARG F 296 -36.22 -27.60 -11.72
CA ARG F 296 -36.31 -26.71 -12.86
C ARG F 296 -36.23 -25.25 -12.46
N ILE F 297 -36.24 -24.95 -11.16
CA ILE F 297 -36.03 -23.58 -10.73
C ILE F 297 -34.59 -23.16 -10.92
N PHE F 298 -33.68 -24.11 -11.11
CA PHE F 298 -32.29 -23.78 -11.41
C PHE F 298 -32.12 -23.28 -12.84
N LYS F 299 -33.13 -23.44 -13.68
CA LYS F 299 -33.07 -22.91 -15.04
C LYS F 299 -32.98 -21.39 -15.06
N PHE F 300 -33.22 -20.72 -13.94
CA PHE F 300 -32.99 -19.29 -13.85
C PHE F 300 -31.50 -18.95 -13.86
N SER F 301 -30.61 -19.94 -13.93
CA SER F 301 -29.19 -19.66 -14.01
C SER F 301 -28.86 -18.86 -15.26
N ARG F 302 -29.61 -19.05 -16.33
CA ARG F 302 -29.36 -18.32 -17.57
C ARG F 302 -29.75 -16.86 -17.47
N HIS F 303 -30.57 -16.49 -16.48
CA HIS F 303 -31.17 -15.17 -16.43
C HIS F 303 -30.51 -14.23 -15.43
N SER F 304 -29.97 -14.76 -14.33
CA SER F 304 -29.35 -13.94 -13.30
C SER F 304 -27.87 -14.26 -13.21
N GLN F 305 -27.03 -13.24 -13.40
CA GLN F 305 -25.59 -13.41 -13.31
C GLN F 305 -25.15 -13.77 -11.90
N GLY F 306 -25.86 -13.29 -10.89
CA GLY F 306 -25.52 -13.62 -9.51
C GLY F 306 -25.65 -15.09 -9.22
N LEU F 307 -26.66 -15.74 -9.79
CA LEU F 307 -26.83 -17.17 -9.57
C LEU F 307 -25.75 -17.99 -10.25
N ARG F 308 -25.07 -17.41 -11.25
CA ARG F 308 -23.94 -18.09 -11.86
C ARG F 308 -22.66 -17.84 -11.07
N ILE F 309 -22.48 -16.61 -10.60
CA ILE F 309 -21.34 -16.30 -9.73
C ILE F 309 -21.40 -17.12 -8.45
N LEU F 310 -22.60 -17.42 -7.96
CA LEU F 310 -22.72 -18.27 -6.78
C LEU F 310 -22.18 -19.66 -7.06
N GLY F 311 -22.51 -20.24 -8.21
CA GLY F 311 -21.93 -21.53 -8.55
C GLY F 311 -20.44 -21.46 -8.77
N TYR F 312 -19.97 -20.38 -9.40
CA TYR F 312 -18.53 -20.23 -9.64
C TYR F 312 -17.76 -20.16 -8.34
N THR F 313 -18.30 -19.44 -7.34
CA THR F 313 -17.62 -19.34 -6.06
C THR F 313 -17.80 -20.57 -5.20
N LEU F 314 -18.91 -21.30 -5.34
CA LEU F 314 -19.03 -22.57 -4.64
C LEU F 314 -18.04 -23.59 -5.19
N LYS F 315 -17.73 -23.51 -6.49
CA LYS F 315 -16.74 -24.42 -7.06
C LYS F 315 -15.32 -23.95 -6.82
N SER F 316 -15.12 -22.64 -6.68
CA SER F 316 -13.76 -22.13 -6.48
C SER F 316 -13.22 -22.46 -5.10
N CYS F 317 -14.09 -22.59 -4.10
CA CYS F 317 -13.67 -22.83 -2.73
C CYS F 317 -14.28 -24.12 -2.18
N ALA F 318 -14.23 -25.19 -2.98
CA ALA F 318 -14.71 -26.48 -2.50
C ALA F 318 -13.78 -27.10 -1.46
N SER F 319 -12.49 -26.75 -1.47
CA SER F 319 -11.57 -27.25 -0.46
C SER F 319 -11.95 -26.78 0.93
N GLU F 320 -12.63 -25.64 1.04
CA GLU F 320 -13.12 -25.15 2.33
C GLU F 320 -14.43 -25.81 2.73
N LEU F 321 -15.32 -26.07 1.78
CA LEU F 321 -16.58 -26.75 2.10
C LEU F 321 -16.34 -28.20 2.51
N GLY F 322 -15.32 -28.85 1.94
CA GLY F 322 -14.99 -30.18 2.39
C GLY F 322 -14.60 -30.22 3.86
N PHE F 323 -13.70 -29.32 4.25
CA PHE F 323 -13.32 -29.24 5.66
C PHE F 323 -14.48 -28.80 6.54
N LEU F 324 -15.36 -27.94 6.01
CA LEU F 324 -16.55 -27.58 6.77
C LEU F 324 -17.36 -28.81 7.10
N LEU F 325 -17.70 -29.61 6.08
CA LEU F 325 -18.48 -30.82 6.30
C LEU F 325 -17.76 -31.76 7.27
N PHE F 326 -16.45 -31.92 7.11
CA PHE F 326 -15.72 -32.87 7.94
C PHE F 326 -15.69 -32.43 9.40
N SER F 327 -15.26 -31.20 9.66
CA SER F 327 -15.21 -30.71 11.03
C SER F 327 -16.60 -30.66 11.65
N LEU F 328 -17.61 -30.35 10.85
CA LEU F 328 -18.97 -30.30 11.36
C LEU F 328 -19.44 -31.66 11.82
N THR F 329 -19.27 -32.69 10.98
CA THR F 329 -19.70 -34.02 11.38
C THR F 329 -18.87 -34.56 12.53
N MET F 330 -17.59 -34.19 12.59
CA MET F 330 -16.75 -34.60 13.72
C MET F 330 -17.27 -34.01 15.02
N ALA F 331 -17.50 -32.69 15.05
CA ALA F 331 -18.02 -32.06 16.26
C ALA F 331 -19.39 -32.59 16.62
N ILE F 332 -20.22 -32.90 15.61
CA ILE F 332 -21.54 -33.45 15.87
C ILE F 332 -21.43 -34.78 16.58
N ILE F 333 -20.54 -35.66 16.09
CA ILE F 333 -20.39 -36.96 16.73
C ILE F 333 -19.89 -36.81 18.16
N ILE F 334 -18.90 -35.95 18.36
CA ILE F 334 -18.34 -35.76 19.71
C ILE F 334 -19.43 -35.29 20.67
N PHE F 335 -20.11 -34.21 20.32
CA PHE F 335 -21.07 -33.63 21.25
C PHE F 335 -22.31 -34.49 21.40
N ALA F 336 -22.68 -35.26 20.37
CA ALA F 336 -23.82 -36.15 20.51
C ALA F 336 -23.49 -37.31 21.43
N THR F 337 -22.28 -37.84 21.36
CA THR F 337 -21.86 -38.85 22.31
C THR F 337 -21.92 -38.33 23.74
N VAL F 338 -21.29 -37.17 23.97
CA VAL F 338 -21.26 -36.62 25.33
C VAL F 338 -22.66 -36.33 25.84
N MET F 339 -23.51 -35.72 25.00
CA MET F 339 -24.85 -35.37 25.45
C MET F 339 -25.71 -36.60 25.69
N PHE F 340 -25.55 -37.64 24.86
CA PHE F 340 -26.33 -38.86 25.07
C PHE F 340 -25.96 -39.51 26.38
N TYR F 341 -24.66 -39.63 26.67
CA TYR F 341 -24.27 -40.31 27.89
C TYR F 341 -24.56 -39.46 29.13
N ALA F 342 -24.55 -38.14 29.00
CA ALA F 342 -24.91 -37.29 30.12
C ALA F 342 -26.41 -37.20 30.33
N GLU F 343 -27.21 -37.49 29.31
CA GLU F 343 -28.65 -37.28 29.39
C GLU F 343 -29.43 -38.58 29.24
N LYS F 344 -28.72 -39.72 29.22
CA LYS F 344 -29.36 -40.99 28.90
C LYS F 344 -30.45 -41.34 29.89
N GLY F 345 -30.14 -41.30 31.18
CA GLY F 345 -31.10 -41.66 32.19
C GLY F 345 -31.88 -40.50 32.75
N SER F 346 -33.14 -40.36 32.31
CA SER F 346 -33.99 -39.27 32.78
C SER F 346 -35.44 -39.74 32.70
N SER F 347 -36.35 -38.86 33.13
CA SER F 347 -37.75 -39.23 33.26
C SER F 347 -38.36 -39.68 31.94
N ALA F 348 -38.46 -38.76 30.98
CA ALA F 348 -38.97 -39.05 29.65
C ALA F 348 -37.95 -38.67 28.60
N SER F 349 -36.69 -39.03 28.85
CA SER F 349 -35.58 -38.59 28.02
C SER F 349 -35.82 -38.89 26.56
N LYS F 350 -35.67 -37.87 25.72
CA LYS F 350 -35.73 -38.02 24.28
C LYS F 350 -34.35 -38.26 23.68
N PHE F 351 -33.32 -38.30 24.52
CA PHE F 351 -31.98 -38.70 24.09
C PHE F 351 -31.86 -40.23 24.16
N THR F 352 -32.63 -40.90 23.31
CA THR F 352 -32.69 -42.36 23.35
C THR F 352 -31.50 -43.02 22.67
N SER F 353 -30.71 -42.29 21.89
CA SER F 353 -29.64 -42.90 21.13
C SER F 353 -28.68 -41.81 20.67
N ILE F 354 -27.49 -42.23 20.27
CA ILE F 354 -26.48 -41.28 19.81
C ILE F 354 -26.89 -40.71 18.45
N PRO F 355 -27.43 -41.50 17.52
CA PRO F 355 -28.06 -40.87 16.35
C PRO F 355 -29.20 -39.95 16.72
N ALA F 356 -30.06 -40.35 17.65
CA ALA F 356 -31.15 -39.49 18.09
C ALA F 356 -30.67 -38.22 18.77
N SER F 357 -29.39 -38.17 19.16
CA SER F 357 -28.81 -36.98 19.74
C SER F 357 -28.13 -36.10 18.71
N PHE F 358 -28.06 -36.56 17.45
CA PHE F 358 -27.58 -35.69 16.39
C PHE F 358 -28.49 -34.49 16.22
N TRP F 359 -29.80 -34.74 16.18
CA TRP F 359 -30.78 -33.67 16.01
C TRP F 359 -30.49 -32.52 16.97
N TYR F 360 -30.60 -32.77 18.27
CA TYR F 360 -30.28 -31.75 19.26
C TYR F 360 -29.00 -31.00 18.90
N THR F 361 -27.94 -31.75 18.63
CA THR F 361 -26.65 -31.09 18.43
C THR F 361 -26.68 -30.18 17.21
N ILE F 362 -27.29 -30.63 16.11
CA ILE F 362 -27.28 -29.77 14.94
C ILE F 362 -28.24 -28.60 15.13
N VAL F 363 -29.21 -28.75 16.03
CA VAL F 363 -30.08 -27.63 16.34
C VAL F 363 -29.37 -26.65 17.27
N THR F 364 -28.33 -27.10 17.97
CA THR F 364 -27.64 -26.25 18.92
C THR F 364 -26.41 -25.60 18.31
N MET F 365 -25.70 -26.30 17.42
CA MET F 365 -24.51 -25.71 16.82
C MET F 365 -24.85 -24.58 15.87
N THR F 366 -26.01 -24.63 15.24
CA THR F 366 -26.45 -23.58 14.32
C THR F 366 -27.16 -22.44 15.03
N THR F 367 -27.20 -22.46 16.36
CA THR F 367 -27.92 -21.45 17.16
C THR F 367 -29.39 -21.37 16.74
N LEU F 368 -29.95 -22.51 16.38
CA LEU F 368 -31.37 -22.57 16.03
C LEU F 368 -32.23 -22.68 17.28
N GLY F 369 -32.09 -23.77 18.02
CA GLY F 369 -32.79 -23.92 19.27
C GLY F 369 -34.30 -24.00 19.13
N TYR F 370 -34.79 -25.09 18.55
CA TYR F 370 -36.24 -25.29 18.47
C TYR F 370 -36.84 -25.45 19.86
N GLY F 371 -36.23 -26.28 20.69
CA GLY F 371 -36.69 -26.48 22.04
C GLY F 371 -37.46 -27.75 22.29
N ASP F 372 -37.59 -28.62 21.29
CA ASP F 372 -38.26 -29.90 21.48
C ASP F 372 -37.36 -30.92 22.17
N MET F 373 -36.05 -30.67 22.19
CA MET F 373 -35.09 -31.49 22.94
C MET F 373 -34.20 -30.54 23.72
N VAL F 374 -34.34 -30.53 25.05
CA VAL F 374 -33.46 -29.72 25.90
C VAL F 374 -32.91 -30.61 27.00
N PRO F 375 -31.66 -30.44 27.41
CA PRO F 375 -31.14 -31.21 28.54
C PRO F 375 -31.83 -30.85 29.83
N LYS F 376 -31.74 -31.77 30.80
CA LYS F 376 -32.31 -31.57 32.12
C LYS F 376 -31.34 -31.87 33.25
N THR F 377 -30.10 -32.24 32.94
CA THR F 377 -29.09 -32.53 33.93
C THR F 377 -27.97 -31.49 33.85
N ILE F 378 -27.21 -31.37 34.94
CA ILE F 378 -26.15 -30.36 34.99
C ILE F 378 -25.12 -30.60 33.90
N ALA F 379 -24.73 -31.86 33.68
CA ALA F 379 -23.76 -32.15 32.63
C ALA F 379 -24.33 -31.88 31.25
N GLY F 380 -25.60 -32.23 31.04
CA GLY F 380 -26.24 -31.91 29.77
C GLY F 380 -26.26 -30.43 29.49
N LYS F 381 -26.59 -29.62 30.49
CA LYS F 381 -26.62 -28.18 30.30
C LYS F 381 -25.22 -27.63 30.02
N ILE F 382 -24.23 -28.07 30.78
CA ILE F 382 -22.86 -27.60 30.55
C ILE F 382 -22.41 -27.93 29.13
N PHE F 383 -22.69 -29.15 28.67
CA PHE F 383 -22.16 -29.54 27.38
C PHE F 383 -22.97 -29.00 26.22
N GLY F 384 -24.26 -28.73 26.40
CA GLY F 384 -24.99 -27.99 25.39
C GLY F 384 -24.48 -26.57 25.27
N SER F 385 -24.16 -25.97 26.41
CA SER F 385 -23.62 -24.61 26.40
C SER F 385 -22.26 -24.55 25.73
N ILE F 386 -21.47 -25.62 25.82
CA ILE F 386 -20.21 -25.63 25.09
C ILE F 386 -20.44 -25.97 23.61
N CYS F 387 -21.43 -26.81 23.32
CA CYS F 387 -21.72 -27.19 21.94
C CYS F 387 -22.15 -25.99 21.10
N SER F 388 -22.93 -25.09 21.69
CA SER F 388 -23.39 -23.92 20.94
C SER F 388 -22.21 -23.06 20.47
N LEU F 389 -21.32 -22.71 21.39
CA LEU F 389 -20.15 -21.91 21.02
C LEU F 389 -19.24 -22.65 20.06
N SER F 390 -19.07 -23.96 20.26
CA SER F 390 -18.22 -24.72 19.34
C SER F 390 -18.79 -24.71 17.94
N GLY F 391 -20.10 -24.86 17.81
CA GLY F 391 -20.71 -24.78 16.49
C GLY F 391 -20.54 -23.42 15.87
N VAL F 392 -20.73 -22.36 16.66
CA VAL F 392 -20.53 -21.02 16.13
C VAL F 392 -19.12 -20.88 15.54
N LEU F 393 -18.11 -21.31 16.30
CA LEU F 393 -16.75 -21.09 15.84
C LEU F 393 -16.36 -22.01 14.69
N VAL F 394 -16.96 -23.20 14.58
CA VAL F 394 -16.60 -24.06 13.46
C VAL F 394 -17.40 -23.76 12.21
N ILE F 395 -18.53 -23.04 12.33
CA ILE F 395 -19.21 -22.56 11.14
C ILE F 395 -18.72 -21.18 10.71
N ALA F 396 -18.09 -20.44 11.61
CA ALA F 396 -17.55 -19.13 11.25
C ALA F 396 -16.28 -19.21 10.41
N LEU F 397 -15.78 -20.40 10.11
CA LEU F 397 -14.53 -20.51 9.34
C LEU F 397 -14.73 -20.34 7.84
N PRO F 398 -15.70 -21.04 7.20
CA PRO F 398 -15.82 -20.92 5.74
C PRO F 398 -16.53 -19.66 5.27
N VAL F 399 -17.27 -18.98 6.14
CA VAL F 399 -18.09 -17.85 5.69
C VAL F 399 -17.25 -16.70 5.16
N PRO F 400 -16.18 -16.26 5.85
CA PRO F 400 -15.37 -15.18 5.26
C PRO F 400 -14.79 -15.55 3.91
N VAL F 401 -14.31 -16.78 3.77
CA VAL F 401 -13.75 -17.22 2.49
C VAL F 401 -14.81 -17.15 1.40
N ILE F 402 -16.01 -17.65 1.70
CA ILE F 402 -17.07 -17.69 0.68
C ILE F 402 -17.46 -16.28 0.27
N VAL F 403 -17.67 -15.39 1.23
CA VAL F 403 -18.13 -14.06 0.86
C VAL F 403 -17.03 -13.27 0.17
N SER F 404 -15.76 -13.48 0.57
CA SER F 404 -14.66 -12.79 -0.10
C SER F 404 -14.52 -13.27 -1.53
N ASN F 405 -14.62 -14.59 -1.75
CA ASN F 405 -14.57 -15.11 -3.12
C ASN F 405 -15.71 -14.57 -3.95
N PHE F 406 -16.92 -14.49 -3.37
CA PHE F 406 -18.06 -13.97 -4.11
C PHE F 406 -17.82 -12.53 -4.55
N SER F 407 -17.44 -11.66 -3.61
CA SER F 407 -17.21 -10.26 -3.97
C SER F 407 -16.05 -10.13 -4.96
N ARG F 408 -15.02 -10.95 -4.79
CA ARG F 408 -13.88 -10.90 -5.69
C ARG F 408 -14.28 -11.26 -7.12
N ILE F 409 -15.05 -12.33 -7.28
CA ILE F 409 -15.48 -12.74 -8.62
C ILE F 409 -16.41 -11.71 -9.23
N TYR F 410 -17.28 -11.10 -8.42
CA TYR F 410 -18.17 -10.08 -8.95
C TYR F 410 -17.39 -8.88 -9.47
N HIS F 411 -16.49 -8.34 -8.65
CA HIS F 411 -15.69 -7.20 -9.07
C HIS F 411 -14.69 -7.57 -10.15
N GLN F 412 -14.40 -8.86 -10.32
CA GLN F 412 -13.58 -9.31 -11.43
C GLN F 412 -14.35 -9.25 -12.74
N ASN F 413 -15.59 -9.76 -12.74
CA ASN F 413 -16.41 -9.70 -13.94
C ASN F 413 -16.69 -8.26 -14.34
N GLN F 414 -16.92 -7.39 -13.36
CA GLN F 414 -17.13 -5.97 -13.67
C GLN F 414 -15.98 -5.40 -14.48
N ARG F 415 -14.77 -5.51 -13.95
CA ARG F 415 -13.61 -4.96 -14.64
C ARG F 415 -13.36 -5.67 -15.97
N ALA F 416 -13.68 -6.96 -16.06
CA ALA F 416 -13.49 -7.67 -17.32
C ALA F 416 -14.35 -7.06 -18.42
N ASP F 417 -15.64 -6.85 -18.13
CA ASP F 417 -16.50 -6.26 -19.15
C ASP F 417 -16.09 -4.83 -19.46
N LYS F 418 -15.65 -4.06 -18.45
CA LYS F 418 -15.28 -2.68 -18.73
C LYS F 418 -14.03 -2.59 -19.61
N ARG F 419 -13.05 -3.46 -19.37
CA ARG F 419 -11.86 -3.49 -20.21
C ARG F 419 -12.20 -3.96 -21.62
N ARG F 420 -13.09 -4.95 -21.73
CA ARG F 420 -13.53 -5.37 -23.07
C ARG F 420 -14.25 -4.24 -23.78
N ALA F 421 -14.86 -3.33 -23.03
CA ALA F 421 -15.44 -2.14 -23.66
C ALA F 421 -14.37 -1.21 -24.20
N GLN F 422 -13.38 -0.87 -23.38
CA GLN F 422 -12.38 0.11 -23.82
C GLN F 422 -11.43 -0.44 -24.90
N LYS F 423 -11.32 -1.76 -25.01
CA LYS F 423 -10.51 -2.33 -26.08
C LYS F 423 -11.04 -1.91 -27.46
N LYS F 424 -12.36 -1.91 -27.64
CA LYS F 424 -12.93 -1.45 -28.89
C LYS F 424 -12.61 0.01 -29.14
N ALA F 425 -12.56 0.82 -28.08
CA ALA F 425 -12.22 2.22 -28.23
C ALA F 425 -10.81 2.39 -28.77
N ARG F 426 -9.86 1.63 -28.24
CA ARG F 426 -8.50 1.81 -28.75
C ARG F 426 -8.32 1.21 -30.14
N LEU F 427 -9.07 0.15 -30.47
CA LEU F 427 -9.05 -0.34 -31.85
C LEU F 427 -9.61 0.70 -32.81
N ALA F 428 -10.69 1.38 -32.40
CA ALA F 428 -11.20 2.50 -33.18
C ALA F 428 -10.13 3.55 -33.38
N ARG F 429 -9.41 3.88 -32.31
CA ARG F 429 -8.31 4.85 -32.40
C ARG F 429 -7.31 4.44 -33.47
N ILE F 430 -6.89 3.17 -33.45
CA ILE F 430 -5.79 2.78 -34.34
C ILE F 430 -6.24 2.77 -35.80
N ARG F 431 -7.45 2.27 -36.09
CA ARG F 431 -7.80 2.27 -37.51
C ARG F 431 -8.23 3.65 -37.99
N VAL F 432 -8.65 4.53 -37.07
CA VAL F 432 -8.80 5.93 -37.43
C VAL F 432 -7.46 6.52 -37.84
N ALA F 433 -6.40 6.22 -37.08
CA ALA F 433 -5.08 6.74 -37.43
C ALA F 433 -4.62 6.22 -38.79
N LYS F 434 -4.87 4.93 -39.07
CA LYS F 434 -4.41 4.39 -40.35
C LYS F 434 -5.22 4.97 -41.51
N THR F 435 -6.52 5.20 -41.29
CA THR F 435 -7.33 5.89 -42.30
C THR F 435 -6.79 7.29 -42.55
N GLY F 436 -6.38 7.97 -41.48
CA GLY F 436 -5.80 9.30 -41.65
C GLY F 436 -4.50 9.27 -42.44
N SER F 437 -3.68 8.24 -42.24
CA SER F 437 -2.46 8.12 -43.02
C SER F 437 -2.77 7.87 -44.50
N SER F 438 -3.75 7.01 -44.78
CA SER F 438 -4.11 6.77 -46.17
C SER F 438 -4.68 8.03 -46.82
N ASN F 439 -5.46 8.80 -46.07
CA ASN F 439 -5.98 10.05 -46.60
C ASN F 439 -4.85 11.06 -46.82
N ALA F 440 -3.83 11.04 -45.97
CA ALA F 440 -2.67 11.90 -46.18
C ALA F 440 -1.94 11.51 -47.46
N TYR F 441 -1.85 10.20 -47.74
CA TYR F 441 -1.26 9.77 -49.02
C TYR F 441 -2.08 10.27 -50.19
N LEU F 442 -3.40 10.06 -50.16
CA LEU F 442 -4.24 10.51 -51.26
C LEU F 442 -4.18 12.03 -51.42
N HIS F 443 -3.99 12.75 -50.31
CA HIS F 443 -3.84 14.20 -50.37
C HIS F 443 -2.54 14.59 -51.05
N SER F 444 -1.42 13.95 -50.66
CA SER F 444 -0.15 14.24 -51.30
C SER F 444 -0.16 13.84 -52.76
N LYS F 445 -0.99 12.87 -53.15
CA LYS F 445 -1.12 12.54 -54.56
C LYS F 445 -1.80 13.65 -55.34
N ARG F 446 -2.72 14.38 -54.69
CA ARG F 446 -3.34 15.55 -55.31
C ARG F 446 -2.48 16.79 -55.19
N ASN F 447 -1.20 16.64 -54.89
CA ASN F 447 -0.24 17.74 -54.84
C ASN F 447 -0.68 18.86 -53.91
N SER F 470 7.14 15.46 -45.43
CA SER F 470 7.73 15.77 -44.13
C SER F 470 8.94 14.89 -43.84
N LEU F 471 9.83 14.81 -44.84
CA LEU F 471 11.19 14.25 -44.74
C LEU F 471 11.23 12.76 -44.46
N ILE F 472 10.08 12.15 -44.17
CA ILE F 472 10.00 10.71 -43.98
C ILE F 472 8.90 10.17 -44.88
N GLU F 473 7.71 10.76 -44.78
CA GLU F 473 6.58 10.32 -45.59
C GLU F 473 6.86 10.44 -47.07
N SER F 474 7.88 11.22 -47.44
CA SER F 474 8.28 11.30 -48.85
C SER F 474 8.64 9.91 -49.38
N GLN F 475 9.52 9.20 -48.66
CA GLN F 475 9.95 7.89 -49.12
C GLN F 475 8.83 6.86 -49.04
N HIS F 476 7.99 6.94 -48.02
CA HIS F 476 6.86 6.02 -47.92
C HIS F 476 5.88 6.22 -49.08
N HIS F 477 5.51 7.47 -49.33
CA HIS F 477 4.66 7.78 -50.46
C HIS F 477 5.30 7.37 -51.78
N HIS F 478 6.63 7.51 -51.89
CA HIS F 478 7.30 7.08 -53.11
C HIS F 478 7.24 5.57 -53.26
N LEU F 479 7.32 4.84 -52.15
CA LEU F 479 7.16 3.39 -52.20
C LEU F 479 5.77 3.02 -52.68
N LEU F 480 4.75 3.70 -52.16
CA LEU F 480 3.39 3.45 -52.60
C LEU F 480 3.22 3.80 -54.09
N HIS F 481 3.83 4.90 -54.52
CA HIS F 481 3.75 5.29 -55.92
C HIS F 481 4.40 4.25 -56.82
N CYS F 482 5.58 3.76 -56.42
CA CYS F 482 6.20 2.67 -57.14
C CYS F 482 5.31 1.44 -57.19
N LEU F 483 4.56 1.19 -56.11
CA LEU F 483 3.59 0.11 -56.13
C LEU F 483 2.47 0.37 -57.13
N GLU F 484 2.09 1.64 -57.31
CA GLU F 484 0.98 1.98 -58.22
C GLU F 484 1.22 1.51 -59.65
N LYS F 485 2.40 0.97 -59.96
CA LYS F 485 2.58 0.22 -61.19
C LYS F 485 1.45 -0.76 -61.41
N THR F 486 1.04 -1.48 -60.37
CA THR F 486 -0.13 -2.34 -60.46
C THR F 486 -1.36 -1.49 -60.78
N THR F 487 -2.21 -2.01 -61.65
CA THR F 487 -3.34 -1.23 -62.13
C THR F 487 -4.51 -2.12 -62.50
N GLY G 92 28.84 -10.86 -34.16
CA GLY G 92 29.82 -9.83 -33.87
C GLY G 92 29.79 -8.68 -34.84
N LEU G 93 30.25 -7.51 -34.40
CA LEU G 93 30.24 -6.35 -35.27
C LEU G 93 31.30 -6.43 -36.35
N GLU G 94 32.41 -7.12 -36.09
CA GLU G 94 33.51 -7.16 -37.06
C GLU G 94 33.25 -8.19 -38.15
N GLN G 95 32.75 -9.37 -37.76
CA GLN G 95 32.40 -10.36 -38.77
C GLN G 95 31.29 -9.84 -39.67
N LEU G 96 30.39 -9.01 -39.15
CA LEU G 96 29.39 -8.38 -40.00
C LEU G 96 29.99 -7.22 -40.80
N GLN G 97 31.02 -6.57 -40.26
CA GLN G 97 31.75 -5.58 -41.03
C GLN G 97 32.38 -6.18 -42.27
N GLU G 98 32.83 -7.43 -42.17
CA GLU G 98 33.52 -8.06 -43.30
C GLU G 98 32.58 -8.86 -44.21
N GLN G 99 31.54 -9.48 -43.66
CA GLN G 99 30.62 -10.26 -44.49
C GLN G 99 29.78 -9.40 -45.41
N THR G 100 29.45 -8.18 -45.01
CA THR G 100 28.50 -7.35 -45.74
C THR G 100 29.20 -6.10 -46.25
N LYS G 101 28.64 -5.50 -47.30
CA LYS G 101 29.21 -4.31 -47.89
C LYS G 101 28.91 -3.05 -47.10
N PHE G 102 28.43 -3.18 -45.86
CA PHE G 102 28.04 -2.02 -45.08
C PHE G 102 29.22 -1.49 -44.27
N THR G 103 29.12 -0.21 -43.91
CA THR G 103 30.09 0.39 -43.01
C THR G 103 29.65 0.15 -41.57
N ARG G 104 30.45 0.63 -40.62
CA ARG G 104 30.18 0.32 -39.22
C ARG G 104 29.02 1.14 -38.69
N LYS G 105 28.97 2.42 -39.02
CA LYS G 105 27.87 3.26 -38.55
C LYS G 105 26.55 2.84 -39.16
N GLU G 106 26.56 2.44 -40.44
CA GLU G 106 25.35 1.91 -41.05
C GLU G 106 24.93 0.59 -40.44
N LEU G 107 25.86 -0.15 -39.85
CA LEU G 107 25.48 -1.37 -39.13
C LEU G 107 24.89 -1.02 -37.77
N GLN G 108 25.45 -0.02 -37.09
CA GLN G 108 24.93 0.37 -35.78
C GLN G 108 23.52 0.93 -35.90
N VAL G 109 23.27 1.76 -36.92
CA VAL G 109 21.94 2.33 -37.09
C VAL G 109 20.91 1.24 -37.34
N LEU G 110 21.17 0.35 -38.30
CA LEU G 110 20.31 -0.78 -38.57
C LEU G 110 20.10 -1.66 -37.36
N TYR G 111 21.14 -1.92 -36.57
CA TYR G 111 20.96 -2.79 -35.42
C TYR G 111 20.11 -2.13 -34.36
N ARG G 112 20.33 -0.84 -34.08
CA ARG G 112 19.53 -0.21 -33.04
C ARG G 112 18.07 -0.19 -33.46
N GLY G 113 17.81 0.08 -34.74
CA GLY G 113 16.43 0.05 -35.21
C GLY G 113 15.81 -1.33 -35.15
N PHE G 114 16.53 -2.34 -35.65
CA PHE G 114 16.04 -3.72 -35.61
C PHE G 114 15.71 -4.16 -34.20
N LYS G 115 16.67 -4.01 -33.28
CA LYS G 115 16.43 -4.46 -31.91
C LYS G 115 15.39 -3.61 -31.20
N ASN G 116 15.29 -2.33 -31.55
CA ASN G 116 14.22 -1.51 -31.00
C ASN G 116 12.85 -2.01 -31.42
N GLU G 117 12.73 -2.54 -32.63
CA GLU G 117 11.44 -3.05 -33.07
C GLU G 117 11.15 -4.48 -32.63
N CYS G 118 12.17 -5.25 -32.28
CA CYS G 118 11.98 -6.63 -31.85
C CYS G 118 13.18 -7.13 -31.05
N PRO G 119 13.25 -6.82 -29.75
CA PRO G 119 14.46 -7.10 -28.97
C PRO G 119 14.65 -8.58 -28.66
N SER G 120 15.54 -9.22 -29.41
CA SER G 120 16.13 -10.51 -29.07
C SER G 120 15.12 -11.65 -29.09
N GLY G 121 13.85 -11.33 -29.21
CA GLY G 121 12.86 -12.27 -29.68
C GLY G 121 12.79 -12.02 -31.17
N ILE G 122 13.83 -12.45 -31.88
CA ILE G 122 14.33 -11.73 -33.05
C ILE G 122 13.24 -11.38 -34.04
N VAL G 123 12.64 -12.38 -34.69
CA VAL G 123 11.34 -12.26 -35.38
C VAL G 123 10.81 -13.65 -35.68
N ASN G 124 9.52 -13.85 -35.45
CA ASN G 124 8.81 -15.00 -35.97
C ASN G 124 7.98 -14.54 -37.16
N GLU G 125 7.53 -15.51 -37.95
CA GLU G 125 6.87 -15.19 -39.20
C GLU G 125 5.59 -14.37 -39.00
N GLU G 126 5.12 -14.24 -37.75
CA GLU G 126 3.92 -13.47 -37.51
C GLU G 126 4.21 -12.01 -37.21
N ASN G 127 5.35 -11.72 -36.57
CA ASN G 127 5.74 -10.33 -36.31
C ASN G 127 6.26 -9.64 -37.55
N PHE G 128 6.88 -10.40 -38.46
CA PHE G 128 7.31 -9.88 -39.75
C PHE G 128 6.15 -9.21 -40.48
N LYS G 129 5.04 -9.94 -40.60
CA LYS G 129 3.88 -9.40 -41.31
C LYS G 129 3.28 -8.21 -40.58
N GLN G 130 3.30 -8.24 -39.25
CA GLN G 130 2.80 -7.09 -38.49
C GLN G 130 3.69 -5.88 -38.68
N ILE G 131 4.98 -6.10 -38.97
CA ILE G 131 5.89 -4.99 -39.25
C ILE G 131 5.61 -4.41 -40.62
N TYR G 132 5.39 -5.27 -41.62
CA TYR G 132 4.98 -4.76 -42.93
C TYR G 132 3.66 -4.00 -42.86
N SER G 133 2.73 -4.49 -42.04
CA SER G 133 1.39 -3.91 -42.03
C SER G 133 1.40 -2.41 -41.77
N GLN G 134 2.50 -1.87 -41.25
CA GLN G 134 2.59 -0.45 -41.01
C GLN G 134 2.81 0.35 -42.28
N PHE G 135 3.45 -0.23 -43.28
CA PHE G 135 3.82 0.50 -44.49
C PHE G 135 2.76 0.44 -45.58
N PHE G 136 1.87 -0.55 -45.53
CA PHE G 136 0.86 -0.75 -46.57
C PHE G 136 -0.53 -0.66 -45.96
N PRO G 137 -1.02 0.56 -45.68
CA PRO G 137 -2.46 0.70 -45.44
C PRO G 137 -3.23 0.45 -46.72
N GLN G 138 -4.54 0.58 -46.69
CA GLN G 138 -5.44 0.46 -47.84
C GLN G 138 -5.30 -0.89 -48.55
N GLY G 139 -4.61 -1.86 -47.97
CA GLY G 139 -4.38 -3.12 -48.65
C GLY G 139 -4.11 -4.25 -47.68
N ASP G 140 -3.78 -5.40 -48.25
CA ASP G 140 -3.43 -6.61 -47.50
C ASP G 140 -2.08 -7.12 -47.97
N SER G 141 -1.11 -7.18 -47.06
CA SER G 141 0.26 -7.51 -47.39
C SER G 141 0.73 -8.84 -46.82
N SER G 142 -0.12 -9.55 -46.08
CA SER G 142 0.34 -10.69 -45.28
C SER G 142 0.92 -11.80 -46.14
N THR G 143 0.28 -12.09 -47.28
CA THR G 143 0.73 -13.22 -48.09
C THR G 143 2.09 -12.92 -48.74
N TYR G 144 2.30 -11.71 -49.23
CA TYR G 144 3.60 -11.39 -49.82
C TYR G 144 4.67 -11.33 -48.74
N ALA G 145 4.33 -10.80 -47.57
CA ALA G 145 5.24 -10.85 -46.43
C ALA G 145 5.67 -12.27 -46.15
N THR G 146 4.72 -13.21 -46.11
CA THR G 146 5.06 -14.62 -45.92
C THR G 146 5.93 -15.13 -47.07
N PHE G 147 5.70 -14.64 -48.28
CA PHE G 147 6.46 -15.10 -49.43
C PHE G 147 7.94 -14.75 -49.29
N LEU G 148 8.23 -13.52 -48.87
CA LEU G 148 9.65 -13.16 -48.82
C LEU G 148 10.27 -13.38 -47.45
N PHE G 149 9.47 -13.68 -46.41
CA PHE G 149 10.04 -14.09 -45.14
C PHE G 149 10.88 -15.34 -45.29
N ASN G 150 10.44 -16.26 -46.16
CA ASN G 150 11.22 -17.46 -46.42
C ASN G 150 12.39 -17.20 -47.36
N ALA G 151 12.34 -16.11 -48.13
CA ALA G 151 13.51 -15.73 -48.91
C ALA G 151 14.60 -15.18 -48.01
N PHE G 152 14.23 -14.41 -46.98
CA PHE G 152 15.23 -13.87 -46.07
C PHE G 152 15.74 -14.92 -45.11
N ASP G 153 14.95 -15.95 -44.82
CA ASP G 153 15.35 -17.03 -43.93
C ASP G 153 16.28 -17.97 -44.69
N THR G 154 17.58 -17.66 -44.66
CA THR G 154 18.57 -18.43 -45.41
C THR G 154 18.58 -19.89 -44.96
N ASN G 155 18.91 -20.15 -43.71
CA ASN G 155 18.58 -21.45 -43.13
C ASN G 155 17.07 -21.52 -42.91
N HIS G 156 16.56 -22.73 -42.77
CA HIS G 156 15.12 -22.87 -42.74
C HIS G 156 14.60 -22.93 -41.31
N ASP G 157 15.24 -22.19 -40.42
CA ASP G 157 14.78 -22.07 -39.05
C ASP G 157 13.41 -21.40 -39.02
N GLY G 158 12.82 -21.35 -37.83
CA GLY G 158 11.56 -20.64 -37.69
C GLY G 158 11.68 -19.15 -37.50
N SER G 159 12.88 -18.59 -37.49
CA SER G 159 13.08 -17.19 -37.16
C SER G 159 14.14 -16.57 -38.06
N VAL G 160 14.12 -15.24 -38.13
CA VAL G 160 15.11 -14.46 -38.85
C VAL G 160 15.96 -13.71 -37.84
N SER G 161 17.27 -13.92 -37.89
CA SER G 161 18.18 -13.25 -36.98
C SER G 161 18.62 -11.92 -37.56
N PHE G 162 19.63 -11.31 -36.94
CA PHE G 162 20.12 -10.04 -37.48
C PHE G 162 21.07 -10.26 -38.65
N GLU G 163 21.84 -11.34 -38.63
CA GLU G 163 22.67 -11.62 -39.79
C GLU G 163 21.84 -12.05 -41.00
N ASP G 164 20.76 -12.80 -40.77
CA ASP G 164 19.83 -13.08 -41.86
C ASP G 164 19.27 -11.80 -42.45
N PHE G 165 18.88 -10.87 -41.59
CA PHE G 165 18.33 -9.59 -42.01
C PHE G 165 19.35 -8.79 -42.83
N VAL G 166 20.56 -8.65 -42.31
CA VAL G 166 21.53 -7.71 -42.86
C VAL G 166 22.22 -8.29 -44.09
N ALA G 167 22.41 -9.61 -44.15
CA ALA G 167 22.96 -10.20 -45.36
C ALA G 167 22.01 -10.05 -46.52
N GLY G 168 20.72 -10.30 -46.29
CA GLY G 168 19.71 -10.04 -47.30
C GLY G 168 19.60 -8.60 -47.71
N LEU G 169 19.72 -7.67 -46.76
CA LEU G 169 19.72 -6.26 -47.14
C LEU G 169 20.96 -5.90 -47.96
N SER G 170 22.12 -6.50 -47.68
CA SER G 170 23.33 -6.15 -48.42
C SER G 170 23.30 -6.73 -49.82
N VAL G 171 22.77 -7.94 -49.97
CA VAL G 171 22.73 -8.56 -51.30
C VAL G 171 21.73 -7.85 -52.20
N ILE G 172 20.89 -6.99 -51.62
CA ILE G 172 19.91 -6.25 -52.41
C ILE G 172 20.37 -4.82 -52.65
N LEU G 173 20.82 -4.14 -51.60
CA LEU G 173 21.14 -2.71 -51.67
C LEU G 173 22.56 -2.43 -52.13
N ARG G 174 23.47 -3.38 -51.99
CA ARG G 174 24.86 -3.16 -52.33
C ARG G 174 25.41 -4.11 -53.37
N GLY G 175 24.73 -5.23 -53.63
CA GLY G 175 25.22 -6.18 -54.60
C GLY G 175 25.12 -5.68 -56.03
N THR G 176 25.46 -6.55 -56.96
CA THR G 176 25.39 -6.23 -58.37
C THR G 176 23.97 -6.44 -58.89
N VAL G 177 23.75 -6.06 -60.15
CA VAL G 177 22.45 -6.26 -60.78
C VAL G 177 22.16 -7.75 -60.92
N ASP G 178 23.19 -8.55 -61.25
CA ASP G 178 23.00 -9.99 -61.32
C ASP G 178 22.61 -10.59 -59.99
N ASP G 179 23.20 -10.09 -58.88
CA ASP G 179 22.84 -10.60 -57.57
C ASP G 179 21.41 -10.26 -57.20
N ARG G 180 20.98 -9.02 -57.49
CA ARG G 180 19.59 -8.66 -57.27
C ARG G 180 18.65 -9.53 -58.08
N LEU G 181 19.03 -9.83 -59.33
CA LEU G 181 18.18 -10.65 -60.18
C LEU G 181 18.12 -12.09 -59.67
N ASN G 182 19.23 -12.61 -59.18
CA ASN G 182 19.22 -13.95 -58.58
C ASN G 182 18.31 -13.98 -57.36
N TRP G 183 18.38 -12.95 -56.52
CA TRP G 183 17.49 -12.86 -55.37
C TRP G 183 16.02 -12.83 -55.81
N ALA G 184 15.72 -12.03 -56.83
CA ALA G 184 14.36 -11.94 -57.33
C ALA G 184 13.87 -13.28 -57.84
N PHE G 185 14.66 -13.93 -58.68
CA PHE G 185 14.27 -15.23 -59.22
C PHE G 185 14.06 -16.25 -58.11
N ASN G 186 14.97 -16.30 -57.14
CA ASN G 186 14.82 -17.25 -56.04
C ASN G 186 13.59 -16.93 -55.20
N LEU G 187 13.18 -15.66 -55.17
CA LEU G 187 11.90 -15.34 -54.54
C LEU G 187 10.74 -15.88 -55.37
N TYR G 188 10.79 -15.70 -56.69
CA TYR G 188 9.70 -16.13 -57.55
C TYR G 188 9.57 -17.65 -57.57
N ASP G 189 10.68 -18.35 -57.79
CA ASP G 189 10.66 -19.80 -57.74
C ASP G 189 10.36 -20.27 -56.32
N LEU G 190 9.28 -21.02 -56.16
CA LEU G 190 8.82 -21.41 -54.84
C LEU G 190 9.55 -22.64 -54.31
N ASN G 191 9.49 -23.74 -55.04
CA ASN G 191 10.13 -24.98 -54.59
C ASN G 191 11.64 -24.97 -54.76
N LYS G 192 12.22 -23.87 -55.23
CA LYS G 192 13.66 -23.73 -55.39
C LYS G 192 14.25 -24.82 -56.28
N ASP G 193 13.52 -25.19 -57.33
CA ASP G 193 13.99 -26.21 -58.25
C ASP G 193 14.85 -25.65 -59.38
N GLY G 194 14.69 -24.37 -59.71
CA GLY G 194 15.38 -23.76 -60.83
C GLY G 194 14.48 -23.35 -61.98
N CYS G 195 13.17 -23.55 -61.85
CA CYS G 195 12.23 -23.26 -62.92
C CYS G 195 10.91 -22.81 -62.34
N ILE G 196 10.28 -21.84 -62.98
CA ILE G 196 9.00 -21.28 -62.52
C ILE G 196 7.90 -21.75 -63.46
N THR G 197 6.89 -22.38 -62.91
CA THR G 197 5.69 -22.74 -63.64
C THR G 197 4.63 -21.66 -63.46
N LYS G 198 3.56 -21.75 -64.26
CA LYS G 198 2.60 -20.66 -64.31
C LYS G 198 1.88 -20.47 -62.99
N GLU G 199 1.61 -21.55 -62.27
CA GLU G 199 0.92 -21.44 -60.98
C GLU G 199 1.83 -20.84 -59.91
N GLU G 200 3.12 -21.19 -59.94
CA GLU G 200 4.05 -20.66 -58.95
C GLU G 200 4.11 -19.14 -58.99
N MET G 201 4.26 -18.57 -60.19
CA MET G 201 4.29 -17.13 -60.30
C MET G 201 2.89 -16.52 -60.23
N LEU G 202 1.87 -17.27 -60.60
CA LEU G 202 0.50 -16.82 -60.39
C LEU G 202 0.24 -16.52 -58.93
N ASP G 203 0.75 -17.37 -58.02
CA ASP G 203 0.56 -17.13 -56.60
C ASP G 203 1.17 -15.81 -56.17
N ILE G 204 2.38 -15.53 -56.63
CA ILE G 204 3.06 -14.29 -56.25
C ILE G 204 2.37 -13.08 -56.87
N MET G 205 1.85 -13.22 -58.08
CA MET G 205 1.14 -12.10 -58.71
C MET G 205 -0.15 -11.79 -57.97
N LYS G 206 -0.89 -12.83 -57.58
CA LYS G 206 -2.06 -12.59 -56.74
C LYS G 206 -1.67 -11.97 -55.41
N SER G 207 -0.52 -12.37 -54.87
CA SER G 207 -0.06 -11.82 -53.60
C SER G 207 0.21 -10.33 -53.70
N ILE G 208 0.92 -9.91 -54.76
CA ILE G 208 1.21 -8.49 -54.92
C ILE G 208 -0.07 -7.73 -55.23
N TYR G 209 -1.00 -8.34 -55.97
CA TYR G 209 -2.25 -7.67 -56.28
C TYR G 209 -3.08 -7.44 -55.02
N ASP G 210 -3.07 -8.41 -54.10
CA ASP G 210 -3.81 -8.25 -52.84
C ASP G 210 -3.38 -7.00 -52.09
N MET G 211 -2.15 -6.53 -52.32
CA MET G 211 -1.64 -5.39 -51.57
C MET G 211 -2.29 -4.09 -51.99
N MET G 212 -2.88 -4.03 -53.18
CA MET G 212 -3.50 -2.79 -53.63
C MET G 212 -4.77 -2.51 -52.84
N GLY G 213 -5.50 -3.55 -52.49
CA GLY G 213 -6.51 -3.45 -51.46
C GLY G 213 -7.90 -3.69 -51.99
N LYS G 214 -8.85 -2.99 -51.37
CA LYS G 214 -10.26 -3.18 -51.71
C LYS G 214 -10.58 -2.60 -53.08
N TYR G 215 -10.39 -1.29 -53.25
CA TYR G 215 -10.80 -0.62 -54.46
C TYR G 215 -9.58 -0.16 -55.25
N THR G 216 -9.54 -0.59 -56.50
CA THR G 216 -8.60 -0.05 -57.48
C THR G 216 -9.38 0.90 -58.37
N TYR G 217 -8.74 1.98 -58.77
CA TYR G 217 -9.43 3.04 -59.50
C TYR G 217 -9.93 2.53 -60.86
N PRO G 218 -9.14 1.73 -61.60
CA PRO G 218 -9.75 0.95 -62.69
C PRO G 218 -10.29 -0.38 -62.20
N ALA G 219 -10.75 -1.21 -63.14
CA ALA G 219 -11.44 -2.44 -62.79
C ALA G 219 -10.52 -3.41 -62.07
N LEU G 220 -11.13 -4.45 -61.48
CA LEU G 220 -10.43 -5.48 -60.75
C LEU G 220 -10.91 -6.85 -61.21
N ARG G 221 -9.98 -7.68 -61.69
CA ARG G 221 -10.32 -8.95 -62.30
C ARG G 221 -9.41 -10.04 -61.76
N GLU G 222 -9.59 -11.26 -62.28
CA GLU G 222 -8.70 -12.38 -61.98
C GLU G 222 -7.94 -12.82 -63.23
N GLU G 223 -8.65 -12.92 -64.36
CA GLU G 223 -7.98 -13.18 -65.61
C GLU G 223 -7.10 -12.01 -66.02
N ALA G 224 -7.26 -10.85 -65.38
CA ALA G 224 -6.30 -9.77 -65.62
C ALA G 224 -4.96 -10.02 -64.93
N PRO G 225 -4.89 -10.46 -63.68
CA PRO G 225 -3.65 -11.04 -63.18
C PRO G 225 -3.14 -12.22 -64.01
N ARG G 226 -4.04 -13.03 -64.57
CA ARG G 226 -3.58 -14.07 -65.49
C ARG G 226 -2.90 -13.45 -66.71
N GLU G 227 -3.46 -12.35 -67.23
CA GLU G 227 -2.86 -11.64 -68.35
C GLU G 227 -1.52 -11.03 -67.97
N HIS G 228 -1.37 -10.58 -66.72
CA HIS G 228 -0.08 -10.04 -66.30
C HIS G 228 0.96 -11.15 -66.22
N VAL G 229 0.61 -12.29 -65.63
CA VAL G 229 1.49 -13.45 -65.65
C VAL G 229 1.86 -13.83 -67.08
N GLU G 230 0.88 -13.76 -67.99
CA GLU G 230 1.13 -14.15 -69.37
C GLU G 230 2.05 -13.17 -70.07
N SER G 231 1.86 -11.88 -69.84
CA SER G 231 2.77 -10.87 -70.40
C SER G 231 4.17 -11.06 -69.86
N PHE G 232 4.31 -11.44 -68.59
CA PHE G 232 5.63 -11.73 -68.04
C PHE G 232 6.27 -12.90 -68.76
N PHE G 233 5.56 -14.02 -68.86
CA PHE G 233 6.10 -15.19 -69.54
C PHE G 233 6.39 -14.88 -71.01
N GLN G 234 5.63 -13.95 -71.60
CA GLN G 234 5.93 -13.47 -72.95
C GLN G 234 7.27 -12.75 -73.00
N LYS G 235 7.47 -11.80 -72.09
CA LYS G 235 8.67 -10.95 -72.14
C LYS G 235 9.93 -11.70 -71.73
N MET G 236 9.82 -12.72 -70.89
CA MET G 236 11.02 -13.28 -70.26
C MET G 236 11.18 -14.78 -70.47
N ASP G 237 10.86 -15.32 -71.64
CA ASP G 237 11.01 -16.75 -71.90
C ASP G 237 11.42 -16.98 -73.35
N ARG G 238 12.48 -17.76 -73.55
CA ARG G 238 12.79 -18.32 -74.86
C ARG G 238 12.50 -19.81 -74.94
N ASN G 239 12.40 -20.49 -73.80
CA ASN G 239 12.02 -21.90 -73.78
C ASN G 239 10.72 -22.17 -74.52
N LYS G 240 9.76 -21.24 -74.45
CA LYS G 240 8.44 -21.39 -75.05
C LYS G 240 7.73 -22.65 -74.57
N ASP G 241 8.22 -23.25 -73.48
CA ASP G 241 7.58 -24.40 -72.86
C ASP G 241 6.76 -24.01 -71.65
N GLY G 242 6.33 -22.75 -71.56
CA GLY G 242 5.64 -22.26 -70.39
C GLY G 242 6.44 -22.31 -69.12
N VAL G 243 7.77 -22.36 -69.22
CA VAL G 243 8.66 -22.47 -68.06
C VAL G 243 9.82 -21.51 -68.25
N VAL G 244 10.10 -20.71 -67.23
CA VAL G 244 11.27 -19.83 -67.20
C VAL G 244 12.26 -20.37 -66.19
N THR G 245 13.54 -20.29 -66.52
CA THR G 245 14.62 -20.83 -65.71
C THR G 245 15.55 -19.70 -65.27
N ILE G 246 16.63 -20.08 -64.58
CA ILE G 246 17.52 -19.10 -63.99
C ILE G 246 18.23 -18.28 -65.06
N GLU G 247 18.85 -18.96 -66.03
CA GLU G 247 19.48 -18.24 -67.14
C GLU G 247 18.42 -17.63 -68.05
N GLU G 248 17.28 -18.31 -68.21
CA GLU G 248 16.16 -17.76 -68.95
C GLU G 248 15.76 -16.39 -68.41
N PHE G 249 15.64 -16.27 -67.09
CA PHE G 249 15.26 -15.01 -66.48
C PHE G 249 16.41 -14.01 -66.48
N ILE G 250 17.64 -14.49 -66.29
CA ILE G 250 18.78 -13.59 -66.18
C ILE G 250 19.04 -12.88 -67.50
N GLU G 251 19.23 -13.66 -68.58
CA GLU G 251 19.55 -13.07 -69.87
C GLU G 251 18.38 -12.32 -70.48
N SER G 252 17.15 -12.71 -70.18
CA SER G 252 15.99 -12.02 -70.73
C SER G 252 15.66 -10.75 -69.96
N CYS G 253 15.94 -10.72 -68.66
CA CYS G 253 15.65 -9.56 -67.83
C CYS G 253 16.71 -8.48 -67.96
N GLN G 254 17.86 -8.80 -68.55
CA GLN G 254 18.93 -7.81 -68.71
C GLN G 254 18.70 -6.91 -69.92
N LYS G 255 18.14 -7.47 -71.00
CA LYS G 255 18.07 -6.74 -72.27
C LYS G 255 17.14 -5.54 -72.17
N ASP G 256 16.19 -5.56 -71.24
CA ASP G 256 15.22 -4.49 -71.15
C ASP G 256 15.88 -3.17 -70.77
N GLU G 257 15.11 -2.09 -70.83
CA GLU G 257 15.62 -0.75 -70.57
C GLU G 257 15.01 -0.13 -69.32
N ASN G 258 13.67 -0.07 -69.26
CA ASN G 258 13.02 0.62 -68.14
C ASN G 258 13.23 -0.12 -66.83
N ILE G 259 13.23 -1.45 -66.85
CA ILE G 259 13.43 -2.19 -65.62
C ILE G 259 14.90 -2.13 -65.18
N MET G 260 15.81 -1.92 -66.11
CA MET G 260 17.21 -1.75 -65.74
C MET G 260 17.44 -0.37 -65.14
N ARG G 261 16.69 0.64 -65.62
CA ARG G 261 16.70 1.93 -64.95
C ARG G 261 15.99 1.87 -63.62
N SER G 262 15.06 0.92 -63.45
CA SER G 262 14.39 0.75 -62.17
C SER G 262 15.32 0.09 -61.15
N MET G 263 15.97 -1.00 -61.52
CA MET G 263 16.76 -1.78 -60.58
C MET G 263 18.04 -1.06 -60.16
N GLN G 264 18.24 0.19 -60.56
CA GLN G 264 19.25 1.04 -59.97
C GLN G 264 18.66 2.04 -59.00
N LEU G 265 17.40 1.85 -58.61
CA LEU G 265 16.81 2.66 -57.55
C LEU G 265 17.43 2.34 -56.20
N PHE G 266 17.81 1.08 -56.00
CA PHE G 266 18.28 0.57 -54.72
C PHE G 266 19.70 0.99 -54.38
N ASP G 267 20.31 1.88 -55.14
CA ASP G 267 21.68 2.31 -54.90
C ASP G 267 21.77 3.73 -54.38
N ASN G 268 20.73 4.53 -54.54
CA ASN G 268 20.80 5.96 -54.24
C ASN G 268 20.66 6.23 -52.75
N VAL G 269 19.54 5.86 -52.16
CA VAL G 269 19.22 6.18 -50.77
C VAL G 269 19.36 4.92 -49.94
N ILE G 270 20.27 4.96 -48.97
CA ILE G 270 20.51 3.83 -48.08
C ILE G 270 21.05 4.29 -46.74
N GLY H 4 6.25 6.06 -36.17
CA GLY H 4 6.72 5.10 -35.21
C GLY H 4 7.66 4.07 -35.82
N VAL H 5 7.18 3.41 -36.87
CA VAL H 5 7.98 2.43 -37.60
C VAL H 5 8.67 3.17 -38.72
N ALA H 6 9.95 3.50 -38.52
CA ALA H 6 10.74 4.20 -39.51
C ALA H 6 12.12 3.60 -39.72
N ALA H 7 12.52 2.62 -38.92
CA ALA H 7 13.82 2.00 -39.09
C ALA H 7 13.78 0.75 -39.96
N TRP H 8 12.60 0.30 -40.34
CA TRP H 8 12.43 -0.79 -41.31
C TRP H 8 12.08 -0.28 -42.69
N LEU H 9 12.06 1.04 -42.88
CA LEU H 9 11.71 1.61 -44.17
C LEU H 9 12.76 1.26 -45.21
N PRO H 10 14.07 1.31 -44.88
CA PRO H 10 15.05 0.70 -45.80
C PRO H 10 14.73 -0.73 -46.13
N PHE H 11 14.22 -1.50 -45.17
CA PHE H 11 13.88 -2.89 -45.44
C PHE H 11 12.71 -2.99 -46.40
N ALA H 12 11.72 -2.10 -46.27
CA ALA H 12 10.59 -2.12 -47.20
C ALA H 12 11.03 -1.73 -48.61
N ARG H 13 11.88 -0.70 -48.72
CA ARG H 13 12.41 -0.33 -50.02
C ARG H 13 13.18 -1.48 -50.64
N ALA H 14 13.98 -2.20 -49.84
CA ALA H 14 14.69 -3.36 -50.38
C ALA H 14 13.74 -4.48 -50.75
N ALA H 15 12.64 -4.63 -50.01
CA ALA H 15 11.66 -5.66 -50.33
C ALA H 15 10.92 -5.34 -51.60
N ALA H 16 10.86 -4.06 -51.97
CA ALA H 16 10.18 -3.63 -53.19
C ALA H 16 10.88 -4.15 -54.44
N ILE H 17 11.93 -4.96 -54.27
CA ILE H 17 12.63 -5.51 -55.43
C ILE H 17 11.76 -6.53 -56.15
N GLY H 18 10.82 -7.15 -55.46
CA GLY H 18 9.99 -8.16 -56.10
C GLY H 18 9.08 -7.61 -57.18
N TRP H 19 8.82 -6.30 -57.18
CA TRP H 19 7.91 -5.71 -58.14
C TRP H 19 8.61 -5.24 -59.41
N MET H 20 9.89 -4.88 -59.32
CA MET H 20 10.56 -4.29 -60.46
C MET H 20 10.62 -5.20 -61.69
N PRO H 21 10.89 -6.49 -61.58
CA PRO H 21 10.84 -7.32 -62.80
C PRO H 21 9.44 -7.50 -63.33
N VAL H 22 8.43 -7.52 -62.46
CA VAL H 22 7.05 -7.72 -62.90
C VAL H 22 6.45 -6.35 -63.21
N ALA H 23 7.25 -5.30 -63.12
CA ALA H 23 6.81 -3.95 -63.44
C ALA H 23 7.04 -3.69 -64.94
N ASN H 24 6.40 -4.54 -65.74
CA ASN H 24 6.42 -4.32 -67.19
C ASN H 24 5.64 -3.08 -67.59
N CYS H 25 4.85 -2.51 -66.68
CA CYS H 25 4.40 -1.14 -66.85
C CYS H 25 5.61 -0.24 -67.07
N PRO H 26 5.59 0.62 -68.08
CA PRO H 26 6.83 1.27 -68.54
C PRO H 26 7.61 2.02 -67.48
N MET H 27 7.00 3.00 -66.82
CA MET H 27 7.79 3.90 -66.02
C MET H 27 7.68 3.59 -64.54
N PRO H 28 8.80 3.40 -63.84
CA PRO H 28 8.80 3.49 -62.38
C PRO H 28 9.10 4.92 -61.94
N LEU H 29 8.45 5.29 -60.84
CA LEU H 29 8.50 6.69 -60.41
C LEU H 29 9.91 7.08 -60.01
N ALA H 30 10.29 8.30 -60.35
CA ALA H 30 11.60 8.80 -59.97
C ALA H 30 11.72 8.85 -58.45
N PRO H 31 12.91 8.57 -57.90
CA PRO H 31 13.05 8.55 -56.43
C PRO H 31 12.79 9.93 -55.84
N ALA H 32 12.41 9.92 -54.56
CA ALA H 32 12.06 11.14 -53.83
C ALA H 32 13.24 11.65 -53.01
N ASP H 33 14.45 11.52 -53.53
CA ASP H 33 15.64 11.91 -52.79
C ASP H 33 15.64 13.40 -52.47
N LYS H 34 15.92 13.72 -51.21
CA LYS H 34 16.01 15.09 -50.74
C LYS H 34 17.24 15.20 -49.84
N ASN H 35 17.48 16.40 -49.34
CA ASN H 35 18.57 16.61 -48.39
C ASN H 35 18.25 15.92 -47.06
N LYS H 36 19.12 15.00 -46.65
CA LYS H 36 18.94 14.25 -45.41
C LYS H 36 20.19 14.37 -44.56
N ARG H 37 20.00 14.63 -43.28
CA ARG H 37 21.11 14.75 -42.34
C ARG H 37 20.95 13.69 -41.26
N GLN H 38 22.09 13.24 -40.73
CA GLN H 38 22.12 12.10 -39.83
C GLN H 38 21.37 12.39 -38.54
N ASP H 39 21.07 11.33 -37.80
CA ASP H 39 20.66 11.49 -36.41
C ASP H 39 21.78 12.08 -35.59
N GLU H 40 21.41 12.93 -34.65
CA GLU H 40 22.34 13.45 -33.66
C GLU H 40 21.69 13.33 -32.29
N LEU H 41 22.53 13.32 -31.27
CA LEU H 41 22.03 13.36 -29.90
C LEU H 41 21.63 14.79 -29.58
N ILE H 42 20.38 14.99 -29.23
CA ILE H 42 19.94 16.27 -28.70
C ILE H 42 19.82 16.17 -27.20
N VAL H 43 20.07 17.29 -26.54
CA VAL H 43 20.22 17.38 -25.09
C VAL H 43 19.04 18.15 -24.54
N LEU H 44 18.19 17.50 -23.77
CA LEU H 44 17.11 18.16 -23.08
C LEU H 44 17.56 18.46 -21.66
N ASN H 45 17.64 19.74 -21.31
CA ASN H 45 18.13 20.13 -19.99
C ASN H 45 16.93 20.49 -19.14
N VAL H 46 16.36 19.51 -18.45
CA VAL H 46 15.15 19.70 -17.68
C VAL H 46 15.54 19.96 -16.24
N SER H 47 15.47 21.22 -15.82
CA SER H 47 15.69 21.61 -14.44
C SER H 47 17.09 21.22 -13.96
N GLY H 48 18.06 21.32 -14.84
CA GLY H 48 19.42 20.93 -14.53
C GLY H 48 19.74 19.49 -14.82
N ARG H 49 18.75 18.61 -14.84
CA ARG H 49 18.99 17.21 -15.16
C ARG H 49 19.03 17.03 -16.66
N ARG H 50 20.09 16.42 -17.16
CA ARG H 50 20.33 16.34 -18.59
C ARG H 50 19.84 15.00 -19.13
N PHE H 51 18.79 15.03 -19.93
CA PHE H 51 18.37 13.89 -20.73
C PHE H 51 18.94 14.04 -22.12
N GLN H 52 18.96 12.93 -22.85
CA GLN H 52 19.65 12.91 -24.12
C GLN H 52 18.99 11.86 -24.99
N THR H 53 18.80 12.18 -26.27
CA THR H 53 18.11 11.22 -27.13
C THR H 53 18.33 11.60 -28.58
N TRP H 54 18.15 10.61 -29.46
CA TRP H 54 18.15 10.90 -30.89
C TRP H 54 16.93 11.73 -31.23
N ARG H 55 17.10 12.69 -32.14
CA ARG H 55 15.95 13.53 -32.50
C ARG H 55 14.92 12.78 -33.31
N THR H 56 15.33 11.71 -34.01
CA THR H 56 14.37 10.85 -34.67
C THR H 56 13.46 10.16 -33.68
N THR H 57 13.89 10.04 -32.42
CA THR H 57 13.00 9.53 -31.39
C THR H 57 11.87 10.52 -31.09
N LEU H 58 12.20 11.80 -31.06
CA LEU H 58 11.19 12.80 -30.73
C LEU H 58 10.29 13.13 -31.90
N GLU H 59 10.76 12.93 -33.13
CA GLU H 59 9.89 13.23 -34.26
C GLU H 59 8.88 12.13 -34.57
N ARG H 60 8.62 11.22 -33.61
CA ARG H 60 7.65 10.15 -33.83
C ARG H 60 6.22 10.60 -33.57
N TYR H 61 6.00 11.67 -32.82
CA TYR H 61 4.67 12.17 -32.52
C TYR H 61 4.68 13.68 -32.73
N PRO H 62 4.33 14.12 -33.93
CA PRO H 62 4.50 15.55 -34.26
C PRO H 62 3.30 16.40 -33.89
N ASP H 63 2.40 15.89 -33.05
CA ASP H 63 1.28 16.68 -32.55
C ASP H 63 1.43 17.03 -31.09
N THR H 64 2.65 17.02 -30.57
CA THR H 64 2.94 17.31 -29.17
C THR H 64 4.03 18.39 -29.10
N LEU H 65 4.43 18.74 -27.89
CA LEU H 65 5.39 19.83 -27.73
C LEU H 65 6.78 19.43 -28.22
N LEU H 66 7.18 18.19 -27.98
CA LEU H 66 8.55 17.80 -28.31
C LEU H 66 8.69 17.35 -29.75
N GLY H 67 7.64 16.78 -30.33
CA GLY H 67 7.69 16.42 -31.74
C GLY H 67 7.44 17.56 -32.70
N SER H 68 6.99 18.70 -32.19
CA SER H 68 6.67 19.86 -33.03
C SER H 68 7.87 20.81 -33.10
N THR H 69 7.65 21.97 -33.71
CA THR H 69 8.61 23.06 -33.66
C THR H 69 8.36 24.01 -32.50
N GLU H 70 7.36 23.72 -31.68
CA GLU H 70 7.11 24.53 -30.50
C GLU H 70 8.31 24.52 -29.56
N LYS H 71 9.04 23.40 -29.50
CA LYS H 71 10.15 23.31 -28.56
C LYS H 71 11.27 24.28 -28.93
N GLU H 72 11.23 24.86 -30.12
CA GLU H 72 12.22 25.87 -30.46
C GLU H 72 12.06 27.13 -29.65
N PHE H 73 10.95 27.28 -28.92
CA PHE H 73 10.82 28.38 -27.98
C PHE H 73 11.67 28.17 -26.74
N PHE H 74 12.22 26.97 -26.54
CA PHE H 74 12.98 26.65 -25.34
C PHE H 74 14.45 26.39 -25.66
N PHE H 75 14.90 26.71 -26.86
CA PHE H 75 16.26 26.41 -27.30
C PHE H 75 17.18 27.59 -27.02
N ASN H 76 18.42 27.30 -26.65
CA ASN H 76 19.45 28.30 -26.49
C ASN H 76 20.60 27.98 -27.47
N GLU H 77 20.84 28.89 -28.41
CA GLU H 77 21.91 28.66 -29.37
C GLU H 77 23.29 28.76 -28.75
N ASP H 78 23.45 29.50 -27.66
CA ASP H 78 24.75 29.62 -27.05
C ASP H 78 25.14 28.38 -26.27
N THR H 79 24.17 27.65 -25.72
CA THR H 79 24.45 26.41 -25.00
C THR H 79 24.07 25.17 -25.77
N LYS H 80 23.39 25.29 -26.91
CA LYS H 80 23.01 24.16 -27.76
C LYS H 80 22.01 23.21 -27.10
N GLU H 81 21.34 23.64 -26.04
CA GLU H 81 20.46 22.77 -25.28
C GLU H 81 19.07 23.36 -25.17
N TYR H 82 18.08 22.49 -25.09
CA TYR H 82 16.73 22.89 -24.72
C TYR H 82 16.63 22.90 -23.21
N PHE H 83 16.17 24.01 -22.64
CA PHE H 83 16.00 24.11 -21.20
C PHE H 83 14.52 24.22 -20.87
N PHE H 84 14.02 23.27 -20.09
CA PHE H 84 12.67 23.31 -19.56
C PHE H 84 12.76 23.49 -18.05
N ASP H 85 12.11 24.53 -17.54
CA ASP H 85 12.08 24.78 -16.11
C ASP H 85 10.94 24.01 -15.47
N ARG H 86 10.92 22.70 -15.65
CA ARG H 86 9.83 21.84 -15.20
C ARG H 86 10.37 20.76 -14.27
N ASP H 87 9.47 19.97 -13.75
CA ASP H 87 9.84 18.88 -12.86
C ASP H 87 10.59 17.80 -13.62
N PRO H 88 11.78 17.39 -13.16
CA PRO H 88 12.57 16.40 -13.91
C PRO H 88 12.19 14.96 -13.67
N GLU H 89 11.23 14.67 -12.78
CA GLU H 89 10.86 13.29 -12.51
C GLU H 89 9.68 12.79 -13.32
N VAL H 90 8.82 13.68 -13.79
CA VAL H 90 7.73 13.28 -14.66
C VAL H 90 8.12 13.38 -16.14
N PHE H 91 9.12 14.20 -16.45
CA PHE H 91 9.61 14.26 -17.83
C PHE H 91 10.15 12.92 -18.28
N ARG H 92 10.63 12.10 -17.35
CA ARG H 92 11.15 10.79 -17.72
C ARG H 92 10.06 9.90 -18.31
N CYS H 93 8.85 9.97 -17.76
CA CYS H 93 7.74 9.20 -18.31
C CYS H 93 7.38 9.67 -19.71
N VAL H 94 7.44 10.98 -19.96
CA VAL H 94 7.17 11.51 -21.29
C VAL H 94 8.22 11.02 -22.28
N LEU H 95 9.49 11.08 -21.89
CA LEU H 95 10.53 10.61 -22.78
C LEU H 95 10.39 9.12 -23.07
N ASN H 96 10.03 8.33 -22.06
CA ASN H 96 9.85 6.90 -22.29
C ASN H 96 8.59 6.60 -23.08
N PHE H 97 7.62 7.51 -23.10
CA PHE H 97 6.51 7.37 -24.04
C PHE H 97 6.99 7.59 -25.46
N TYR H 98 7.85 8.59 -25.65
CA TYR H 98 8.38 8.82 -26.99
C TYR H 98 9.24 7.66 -27.47
N ARG H 99 9.92 6.97 -26.55
CA ARG H 99 10.82 5.89 -26.95
C ARG H 99 10.04 4.63 -27.31
N THR H 100 9.31 4.08 -26.34
CA THR H 100 8.60 2.83 -26.59
C THR H 100 7.31 3.08 -27.36
N GLY H 101 6.38 3.82 -26.79
CA GLY H 101 5.12 4.06 -27.44
C GLY H 101 3.97 3.98 -26.47
N LYS H 102 4.24 3.53 -25.25
CA LYS H 102 3.25 3.45 -24.20
C LYS H 102 3.64 4.38 -23.06
N LEU H 103 2.66 5.09 -22.54
CA LEU H 103 2.86 6.05 -21.46
C LEU H 103 2.49 5.39 -20.13
N HIS H 104 3.42 5.39 -19.20
CA HIS H 104 3.22 4.75 -17.91
C HIS H 104 2.85 5.78 -16.86
N TYR H 105 2.49 5.28 -15.68
CA TYR H 105 2.12 6.13 -14.55
C TYR H 105 2.88 5.69 -13.32
N PRO H 106 3.76 6.51 -12.75
CA PRO H 106 4.47 6.13 -11.53
C PRO H 106 3.55 6.16 -10.32
N ARG H 107 3.36 5.00 -9.68
CA ARG H 107 2.40 4.88 -8.59
C ARG H 107 2.69 5.82 -7.43
N TYR H 108 3.92 6.29 -7.28
CA TYR H 108 4.29 7.13 -6.16
C TYR H 108 4.08 8.61 -6.43
N GLU H 109 3.60 8.97 -7.61
CA GLU H 109 3.51 10.37 -8.02
C GLU H 109 2.12 10.91 -7.73
N CYS H 110 2.08 12.18 -7.30
CA CYS H 110 0.81 12.86 -7.13
C CYS H 110 0.09 12.97 -8.46
N ILE H 111 -1.21 12.68 -8.47
CA ILE H 111 -1.94 12.66 -9.73
C ILE H 111 -2.07 14.05 -10.32
N SER H 112 -2.09 15.08 -9.49
CA SER H 112 -2.27 16.43 -10.00
C SER H 112 -1.02 16.94 -10.68
N ALA H 113 0.16 16.65 -10.12
CA ALA H 113 1.40 17.01 -10.79
C ALA H 113 1.55 16.28 -12.12
N TYR H 114 1.19 15.00 -12.14
CA TYR H 114 1.23 14.23 -13.37
C TYR H 114 0.32 14.84 -14.44
N ASP H 115 -0.91 15.18 -14.07
CA ASP H 115 -1.82 15.79 -15.03
C ASP H 115 -1.29 17.14 -15.50
N ASP H 116 -0.69 17.93 -14.62
CA ASP H 116 -0.14 19.22 -15.00
C ASP H 116 0.98 19.06 -16.03
N GLU H 117 1.89 18.11 -15.80
CA GLU H 117 2.97 17.92 -16.75
C GLU H 117 2.45 17.40 -18.09
N LEU H 118 1.52 16.44 -18.05
CA LEU H 118 0.95 15.95 -19.31
C LEU H 118 0.28 17.07 -20.08
N ALA H 119 -0.41 17.97 -19.37
CA ALA H 119 -1.03 19.10 -20.05
C ALA H 119 0.02 20.03 -20.64
N PHE H 120 1.13 20.22 -19.94
CA PHE H 120 2.16 21.11 -20.46
C PHE H 120 2.76 20.55 -21.74
N TYR H 121 3.05 19.26 -21.78
CA TYR H 121 3.78 18.70 -22.91
C TYR H 121 2.90 18.35 -24.10
N GLY H 122 1.58 18.44 -23.96
CA GLY H 122 0.69 18.13 -25.05
C GLY H 122 0.23 16.70 -25.13
N ILE H 123 0.60 15.88 -24.18
CA ILE H 123 0.17 14.49 -24.15
C ILE H 123 -1.23 14.45 -23.56
N LEU H 124 -2.00 13.45 -23.96
CA LEU H 124 -3.34 13.34 -23.42
C LEU H 124 -3.47 12.10 -22.55
N PRO H 125 -4.15 12.20 -21.42
CA PRO H 125 -4.22 11.06 -20.50
C PRO H 125 -4.96 9.86 -21.06
N GLU H 126 -5.54 9.99 -22.25
CA GLU H 126 -6.24 8.87 -22.86
C GLU H 126 -5.32 7.81 -23.44
N ILE H 127 -4.06 8.15 -23.68
CA ILE H 127 -3.14 7.22 -24.31
C ILE H 127 -2.26 6.51 -23.26
N ILE H 128 -2.65 6.54 -22.00
CA ILE H 128 -1.93 5.78 -20.98
C ILE H 128 -2.08 4.30 -21.25
N GLY H 129 -0.96 3.58 -21.21
CA GLY H 129 -1.00 2.16 -21.54
C GLY H 129 -1.90 1.39 -20.60
N ASP H 130 -2.41 0.26 -21.10
CA ASP H 130 -3.32 -0.56 -20.31
C ASP H 130 -2.62 -1.21 -19.14
N CYS H 131 -1.30 -1.36 -19.21
CA CYS H 131 -0.54 -1.94 -18.11
C CYS H 131 -0.84 -1.23 -16.80
N CYS H 132 -0.75 0.09 -16.81
CA CYS H 132 -1.06 0.92 -15.65
C CYS H 132 -2.01 2.02 -16.11
N TYR H 133 -3.28 1.66 -16.23
CA TYR H 133 -4.34 2.62 -16.52
C TYR H 133 -5.53 2.50 -15.58
N GLU H 134 -5.77 1.34 -14.98
CA GLU H 134 -6.81 1.25 -13.97
C GLU H 134 -6.42 2.06 -12.73
N GLU H 135 -5.14 2.03 -12.36
CA GLU H 135 -4.72 2.75 -11.17
C GLU H 135 -4.67 4.25 -11.42
N TYR H 136 -4.37 4.67 -12.64
CA TYR H 136 -4.51 6.09 -12.99
C TYR H 136 -5.94 6.55 -12.77
N LYS H 137 -6.91 5.79 -13.29
CA LYS H 137 -8.31 6.15 -13.12
C LYS H 137 -8.71 6.13 -11.64
N ASP H 138 -8.21 5.15 -10.89
CA ASP H 138 -8.47 5.09 -9.46
C ASP H 138 -8.02 6.37 -8.77
N ARG H 139 -6.75 6.73 -8.95
CA ARG H 139 -6.21 7.90 -8.27
C ARG H 139 -6.90 9.17 -8.72
N LYS H 140 -7.25 9.26 -10.01
CA LYS H 140 -7.89 10.47 -10.50
C LYS H 140 -9.30 10.61 -9.97
N ARG H 141 -10.03 9.50 -9.91
CA ARG H 141 -11.34 9.49 -9.27
C ARG H 141 -11.26 9.95 -7.83
N GLU H 142 -10.31 9.38 -7.08
CA GLU H 142 -10.18 9.75 -5.67
C GLU H 142 -9.80 11.22 -5.52
N ASN H 143 -8.90 11.71 -6.37
CA ASN H 143 -8.52 13.11 -6.32
C ASN H 143 -9.69 14.02 -6.62
N ALA H 144 -10.47 13.69 -7.66
CA ALA H 144 -11.64 14.49 -7.99
C ALA H 144 -12.61 14.54 -6.81
N GLU H 145 -13.02 13.37 -6.31
CA GLU H 145 -13.97 13.36 -5.21
C GLU H 145 -13.40 14.00 -3.93
N ARG H 146 -12.09 14.03 -3.79
CA ARG H 146 -11.49 14.71 -2.64
C ARG H 146 -11.49 16.22 -2.82
N LEU H 147 -11.32 16.70 -4.05
CA LEU H 147 -11.36 18.14 -4.29
C LEU H 147 -12.72 18.62 -4.77
N MET H 148 -13.75 17.78 -4.68
CA MET H 148 -15.11 18.21 -5.02
C MET H 148 -16.09 17.80 -3.93
N LEU H 163 -35.97 37.31 -0.86
CA LEU H 163 -34.92 36.46 -0.32
C LEU H 163 -34.79 36.66 1.19
N SER H 164 -35.26 37.82 1.66
CA SER H 164 -35.22 38.13 3.08
C SER H 164 -36.41 37.56 3.83
N PHE H 165 -37.34 36.92 3.13
CA PHE H 165 -38.50 36.32 3.78
C PHE H 165 -38.66 34.86 3.37
N ARG H 166 -38.40 34.56 2.09
CA ARG H 166 -38.57 33.20 1.57
C ARG H 166 -37.25 32.45 1.53
N GLN H 167 -36.24 33.02 0.88
CA GLN H 167 -34.96 32.33 0.82
C GLN H 167 -34.23 32.34 2.15
N THR H 168 -34.56 33.28 3.05
CA THR H 168 -33.97 33.22 4.38
C THR H 168 -34.50 32.03 5.16
N MET H 169 -35.79 31.70 5.03
CA MET H 169 -36.30 30.53 5.72
C MET H 169 -35.94 29.25 4.98
N TRP H 170 -35.67 29.34 3.68
CA TRP H 170 -35.10 28.18 2.99
C TRP H 170 -33.64 27.95 3.39
N ARG H 171 -32.94 29.01 3.79
CA ARG H 171 -31.60 28.83 4.37
C ARG H 171 -31.68 28.34 5.80
N ALA H 172 -32.74 28.70 6.52
CA ALA H 172 -32.93 28.24 7.89
C ALA H 172 -33.32 26.77 7.94
N PHE H 173 -34.21 26.34 7.03
CA PHE H 173 -34.71 24.97 7.06
C PHE H 173 -33.60 23.98 6.74
N GLU H 174 -33.00 24.10 5.56
CA GLU H 174 -31.94 23.18 5.15
C GLU H 174 -30.61 23.47 5.82
N ASN H 175 -30.60 24.29 6.87
CA ASN H 175 -29.45 24.37 7.79
C ASN H 175 -29.99 24.81 9.14
N PRO H 176 -30.49 23.86 9.94
CA PRO H 176 -31.10 24.23 11.24
C PRO H 176 -30.13 24.91 12.20
N HIS H 177 -28.83 24.88 11.93
CA HIS H 177 -27.84 25.52 12.79
C HIS H 177 -27.50 26.94 12.33
N THR H 178 -28.40 27.59 11.59
CA THR H 178 -28.15 28.96 11.16
C THR H 178 -28.33 29.96 12.30
N SER H 179 -29.53 30.01 12.87
CA SER H 179 -29.84 30.89 13.99
C SER H 179 -30.47 30.10 15.12
N THR H 180 -30.43 30.68 16.32
CA THR H 180 -31.08 30.03 17.46
C THR H 180 -32.59 29.96 17.28
N LEU H 181 -33.15 30.83 16.45
CA LEU H 181 -34.56 30.68 16.09
C LEU H 181 -34.77 29.40 15.30
N ALA H 182 -33.87 29.11 14.36
CA ALA H 182 -33.94 27.86 13.63
C ALA H 182 -33.72 26.66 14.55
N LEU H 183 -32.78 26.78 15.49
CA LEU H 183 -32.56 25.70 16.45
C LEU H 183 -33.81 25.44 17.27
N VAL H 184 -34.48 26.49 17.74
CA VAL H 184 -35.68 26.29 18.53
C VAL H 184 -36.80 25.69 17.69
N PHE H 185 -36.98 26.18 16.46
CA PHE H 185 -38.01 25.61 15.59
C PHE H 185 -37.75 24.13 15.31
N TYR H 186 -36.48 23.78 15.10
CA TYR H 186 -36.13 22.39 14.82
C TYR H 186 -36.35 21.52 16.05
N TYR H 187 -35.97 22.00 17.22
CA TYR H 187 -36.16 21.25 18.45
C TYR H 187 -37.62 21.20 18.90
N VAL H 188 -38.50 22.03 18.36
CA VAL H 188 -39.91 21.92 18.68
C VAL H 188 -40.68 21.14 17.61
N THR H 189 -40.18 21.08 16.37
CA THR H 189 -40.76 20.14 15.43
C THR H 189 -40.27 18.73 15.66
N GLY H 190 -39.14 18.57 16.36
CA GLY H 190 -38.69 17.26 16.78
C GLY H 190 -39.21 16.88 18.16
N PHE H 191 -40.36 17.44 18.52
CA PHE H 191 -41.04 17.13 19.76
C PHE H 191 -42.47 16.67 19.55
N PHE H 192 -43.17 17.24 18.58
CA PHE H 192 -44.52 16.77 18.29
C PHE H 192 -44.49 15.43 17.55
N ILE H 193 -43.45 15.18 16.76
CA ILE H 193 -43.23 13.84 16.23
C ILE H 193 -43.16 12.85 17.38
N ALA H 194 -42.33 13.15 18.38
CA ALA H 194 -42.15 12.23 19.50
C ALA H 194 -43.45 12.04 20.27
N VAL H 195 -44.17 13.12 20.54
CA VAL H 195 -45.39 12.97 21.35
C VAL H 195 -46.45 12.23 20.55
N SER H 196 -46.50 12.41 19.23
CA SER H 196 -47.47 11.67 18.43
C SER H 196 -47.13 10.19 18.38
N VAL H 197 -45.84 9.86 18.26
CA VAL H 197 -45.44 8.46 18.30
C VAL H 197 -45.83 7.83 19.63
N ILE H 198 -45.50 8.51 20.73
CA ILE H 198 -45.76 7.95 22.05
C ILE H 198 -47.27 7.78 22.27
N THR H 199 -48.08 8.73 21.80
CA THR H 199 -49.50 8.61 22.04
C THR H 199 -50.12 7.54 21.14
N ASN H 200 -49.65 7.39 19.91
CA ASN H 200 -50.14 6.31 19.06
C ASN H 200 -49.77 4.95 19.62
N VAL H 201 -48.63 4.85 20.31
CA VAL H 201 -48.28 3.62 20.99
C VAL H 201 -49.20 3.37 22.17
N VAL H 202 -49.35 4.39 23.03
CA VAL H 202 -49.97 4.16 24.34
C VAL H 202 -51.49 4.08 24.21
N GLU H 203 -52.08 4.53 23.11
CA GLU H 203 -53.53 4.46 22.99
C GLU H 203 -54.05 3.03 22.95
N THR H 204 -53.20 2.03 22.77
CA THR H 204 -53.62 0.65 22.71
C THR H 204 -53.46 -0.09 24.03
N VAL H 205 -52.82 0.53 25.02
CA VAL H 205 -52.55 -0.10 26.31
C VAL H 205 -53.86 -0.34 27.04
N PRO H 206 -54.32 -1.59 27.19
CA PRO H 206 -55.56 -1.81 27.92
C PRO H 206 -55.37 -1.57 29.41
N CYS H 207 -55.88 -0.44 29.89
CA CYS H 207 -55.64 -0.03 31.26
C CYS H 207 -56.93 0.53 31.85
N GLY H 208 -57.09 0.33 33.16
CA GLY H 208 -58.27 0.76 33.86
C GLY H 208 -59.27 -0.37 33.98
N THR H 209 -59.36 -0.96 35.17
CA THR H 209 -60.26 -2.11 35.35
C THR H 209 -61.71 -1.70 35.14
N VAL H 210 -62.08 -0.51 35.58
CA VAL H 210 -63.44 0.03 35.46
C VAL H 210 -64.44 -1.03 35.91
N PRO H 211 -64.53 -1.32 37.22
CA PRO H 211 -65.36 -2.43 37.69
C PRO H 211 -66.84 -2.31 37.35
N GLY H 212 -67.22 -1.21 36.69
CA GLY H 212 -68.61 -1.01 36.32
C GLY H 212 -68.94 -1.40 34.90
N SER H 213 -67.98 -1.31 33.99
CA SER H 213 -68.25 -1.51 32.57
C SER H 213 -67.15 -2.36 31.96
N LYS H 214 -67.19 -2.48 30.63
CA LYS H 214 -66.28 -3.32 29.88
C LYS H 214 -64.84 -2.83 30.02
N GLU H 215 -63.90 -3.77 29.97
CA GLU H 215 -62.49 -3.42 29.99
C GLU H 215 -62.05 -2.93 28.61
N LEU H 216 -61.51 -1.72 28.55
CA LEU H 216 -61.21 -1.07 27.29
C LEU H 216 -59.81 -0.49 27.31
N PRO H 217 -59.20 -0.31 26.14
CA PRO H 217 -57.90 0.37 26.10
C PRO H 217 -58.05 1.84 26.43
N CYS H 218 -56.93 2.45 26.84
CA CYS H 218 -56.92 3.86 27.17
C CYS H 218 -57.31 4.73 25.98
N GLY H 219 -57.10 4.26 24.76
CA GLY H 219 -57.33 5.10 23.60
C GLY H 219 -58.79 5.36 23.31
N GLU H 220 -59.66 4.38 23.58
CA GLU H 220 -61.08 4.56 23.35
C GLU H 220 -61.85 4.90 24.61
N ARG H 221 -61.22 4.78 25.78
CA ARG H 221 -61.82 5.27 27.01
C ARG H 221 -61.76 6.79 27.06
N TYR H 222 -60.56 7.36 26.93
CA TYR H 222 -60.37 8.80 26.87
C TYR H 222 -60.26 9.26 25.42
N SER H 223 -61.36 9.07 24.68
CA SER H 223 -61.32 9.30 23.23
C SER H 223 -60.93 10.73 22.90
N VAL H 224 -61.63 11.72 23.48
CA VAL H 224 -61.36 13.11 23.14
C VAL H 224 -59.99 13.54 23.64
N ALA H 225 -59.51 12.94 24.73
CA ALA H 225 -58.19 13.30 25.24
C ALA H 225 -57.09 12.99 24.22
N PHE H 226 -57.29 11.93 23.42
CA PHE H 226 -56.35 11.61 22.36
C PHE H 226 -56.68 12.31 21.05
N PHE H 227 -57.95 12.62 20.82
CA PHE H 227 -58.32 13.44 19.68
C PHE H 227 -57.62 14.79 19.76
N CYS H 228 -57.62 15.41 20.94
CA CYS H 228 -56.91 16.67 21.12
C CYS H 228 -55.43 16.53 20.74
N LEU H 229 -54.76 15.51 21.27
CA LEU H 229 -53.33 15.35 21.06
C LEU H 229 -53.01 15.14 19.59
N ASP H 230 -53.66 14.16 18.95
CA ASP H 230 -53.28 13.87 17.57
C ASP H 230 -53.76 14.94 16.60
N THR H 231 -54.84 15.65 16.92
CA THR H 231 -55.23 16.78 16.08
C THR H 231 -54.22 17.91 16.17
N ALA H 232 -53.76 18.24 17.38
CA ALA H 232 -52.69 19.22 17.52
C ALA H 232 -51.46 18.80 16.72
N CYS H 233 -51.08 17.53 16.84
CA CYS H 233 -49.89 17.05 16.16
C CYS H 233 -50.02 17.14 14.65
N VAL H 234 -51.16 16.71 14.11
CA VAL H 234 -51.31 16.73 12.65
C VAL H 234 -51.47 18.16 12.14
N MET H 235 -52.06 19.07 12.92
CA MET H 235 -52.12 20.46 12.50
C MET H 235 -50.71 21.05 12.42
N ILE H 236 -49.89 20.79 13.44
CA ILE H 236 -48.51 21.29 13.39
C ILE H 236 -47.77 20.68 12.21
N PHE H 237 -47.96 19.40 11.95
CA PHE H 237 -47.29 18.74 10.84
C PHE H 237 -47.69 19.38 9.51
N THR H 238 -48.99 19.60 9.31
CA THR H 238 -49.44 20.11 8.03
C THR H 238 -49.06 21.57 7.84
N VAL H 239 -49.05 22.38 8.92
CA VAL H 239 -48.66 23.77 8.77
C VAL H 239 -47.16 23.88 8.50
N GLU H 240 -46.36 23.02 9.13
CA GLU H 240 -44.94 23.06 8.85
C GLU H 240 -44.65 22.54 7.44
N TYR H 241 -45.45 21.60 6.95
CA TYR H 241 -45.30 21.16 5.57
C TYR H 241 -45.65 22.28 4.60
N LEU H 242 -46.74 23.01 4.87
CA LEU H 242 -47.09 24.14 4.01
C LEU H 242 -45.99 25.21 4.04
N LEU H 243 -45.37 25.42 5.20
CA LEU H 243 -44.25 26.35 5.26
C LEU H 243 -43.06 25.86 4.45
N ARG H 244 -42.80 24.55 4.49
CA ARG H 244 -41.77 23.98 3.61
C ARG H 244 -42.10 24.24 2.15
N LEU H 245 -43.39 24.17 1.81
CA LEU H 245 -43.81 24.42 0.43
C LEU H 245 -43.62 25.88 0.04
N PHE H 246 -43.95 26.79 0.94
CA PHE H 246 -43.88 28.22 0.62
C PHE H 246 -42.45 28.70 0.48
N ALA H 247 -41.50 28.00 1.09
CA ALA H 247 -40.09 28.36 0.98
C ALA H 247 -39.37 27.59 -0.12
N ALA H 248 -40.05 26.65 -0.76
CA ALA H 248 -39.40 25.83 -1.78
C ALA H 248 -39.13 26.65 -3.03
N PRO H 249 -37.87 26.86 -3.43
CA PRO H 249 -37.60 27.59 -4.66
C PRO H 249 -38.23 26.92 -5.87
N SER H 250 -37.88 25.66 -6.09
CA SER H 250 -38.45 24.86 -7.18
C SER H 250 -39.56 24.00 -6.56
N ARG H 251 -40.78 24.55 -6.55
CA ARG H 251 -41.89 23.86 -5.90
C ARG H 251 -42.33 22.60 -6.62
N TYR H 252 -41.66 22.19 -7.68
CA TYR H 252 -41.90 20.87 -8.26
C TYR H 252 -40.79 19.88 -7.96
N ARG H 253 -39.55 20.34 -7.82
CA ARG H 253 -38.50 19.45 -7.34
C ARG H 253 -38.76 19.01 -5.91
N PHE H 254 -39.38 19.88 -5.10
CA PHE H 254 -39.67 19.56 -3.72
C PHE H 254 -40.71 18.45 -3.61
N ILE H 255 -41.80 18.56 -4.39
CA ILE H 255 -42.87 17.56 -4.34
C ILE H 255 -42.35 16.18 -4.73
N ARG H 256 -41.41 16.12 -5.67
CA ARG H 256 -40.87 14.84 -6.11
C ARG H 256 -39.91 14.22 -5.11
N SER H 257 -39.50 14.96 -4.08
CA SER H 257 -38.57 14.43 -3.10
C SER H 257 -39.22 13.36 -2.23
N VAL H 258 -38.40 12.61 -1.51
CA VAL H 258 -38.90 11.49 -0.72
C VAL H 258 -39.52 11.98 0.59
N MET H 259 -38.88 12.94 1.26
CA MET H 259 -39.42 13.45 2.51
C MET H 259 -40.79 14.07 2.32
N SER H 260 -41.03 14.70 1.17
CA SER H 260 -42.36 15.23 0.87
C SER H 260 -43.39 14.12 0.82
N ILE H 261 -43.06 13.01 0.16
CA ILE H 261 -43.96 11.86 0.12
C ILE H 261 -44.22 11.33 1.52
N ILE H 262 -43.16 11.25 2.34
CA ILE H 262 -43.30 10.77 3.71
C ILE H 262 -44.27 11.66 4.48
N ASP H 263 -44.11 12.98 4.36
CA ASP H 263 -44.97 13.90 5.10
C ASP H 263 -46.41 13.78 4.63
N VAL H 264 -46.62 13.69 3.31
CA VAL H 264 -47.98 13.56 2.78
C VAL H 264 -48.63 12.30 3.34
N VAL H 265 -47.93 11.17 3.26
CA VAL H 265 -48.51 9.89 3.69
C VAL H 265 -48.54 9.74 5.20
N ALA H 266 -47.90 10.64 5.94
CA ALA H 266 -48.04 10.66 7.39
C ALA H 266 -49.17 11.56 7.85
N ILE H 267 -49.50 12.60 7.07
CA ILE H 267 -50.56 13.51 7.51
C ILE H 267 -51.92 13.04 7.00
N MET H 268 -51.99 12.52 5.77
CA MET H 268 -53.29 12.21 5.20
C MET H 268 -54.06 11.06 5.87
N PRO H 269 -53.42 10.07 6.56
CA PRO H 269 -54.24 9.04 7.23
C PRO H 269 -55.20 9.58 8.27
N TYR H 270 -55.07 10.86 8.63
CA TYR H 270 -56.01 11.51 9.53
C TYR H 270 -57.11 12.24 8.78
N TYR H 271 -56.76 12.94 7.70
CA TYR H 271 -57.76 13.60 6.88
C TYR H 271 -58.71 12.56 6.26
N ILE H 272 -58.15 11.63 5.48
CA ILE H 272 -58.91 10.55 4.89
C ILE H 272 -59.70 9.81 5.98
N GLY H 273 -59.18 9.85 7.20
CA GLY H 273 -59.82 9.18 8.31
C GLY H 273 -61.09 9.87 8.76
N LEU H 274 -61.02 11.18 9.01
CA LEU H 274 -62.19 11.86 9.55
C LEU H 274 -63.19 12.25 8.48
N VAL H 275 -62.79 12.27 7.19
CA VAL H 275 -63.78 12.51 6.15
C VAL H 275 -64.79 11.37 6.09
N MET H 276 -64.32 10.13 6.21
CA MET H 276 -65.15 8.93 6.16
C MET H 276 -65.37 8.32 7.54
N THR H 277 -65.65 9.16 8.54
CA THR H 277 -65.79 8.72 9.93
C THR H 277 -66.95 7.73 10.06
N ASN H 278 -67.19 7.21 11.27
CA ASN H 278 -68.07 6.08 11.51
C ASN H 278 -69.50 6.31 11.06
N ASN H 279 -69.80 7.49 10.51
CA ASN H 279 -71.03 7.66 9.74
C ASN H 279 -71.16 6.57 8.68
N GLU H 280 -70.03 6.15 8.12
CA GLU H 280 -69.95 4.98 7.25
C GLU H 280 -68.68 4.22 7.62
N ASP H 281 -68.83 3.12 8.34
CA ASP H 281 -67.66 2.40 8.85
C ASP H 281 -67.91 0.89 8.87
N VAL H 282 -66.91 0.16 8.41
CA VAL H 282 -66.81 -1.29 8.63
C VAL H 282 -65.42 -1.54 9.21
N SER H 283 -65.35 -2.40 10.23
CA SER H 283 -64.13 -2.50 11.03
C SER H 283 -62.91 -2.95 10.23
N GLY H 284 -63.10 -3.48 9.03
CA GLY H 284 -62.00 -3.98 8.24
C GLY H 284 -61.23 -2.95 7.44
N ALA H 285 -61.41 -1.66 7.70
CA ALA H 285 -60.77 -0.62 6.89
C ALA H 285 -60.11 0.49 7.68
N PHE H 286 -60.34 0.62 8.99
CA PHE H 286 -59.71 1.68 9.76
C PHE H 286 -58.39 1.26 10.37
N VAL H 287 -58.15 -0.04 10.55
CA VAL H 287 -56.86 -0.50 11.05
C VAL H 287 -55.76 -0.18 10.05
N THR H 288 -56.11 -0.12 8.75
CA THR H 288 -55.15 0.31 7.75
C THR H 288 -54.81 1.79 7.91
N LEU H 289 -55.78 2.60 8.34
CA LEU H 289 -55.51 4.01 8.59
C LEU H 289 -54.68 4.21 9.84
N ARG H 290 -54.77 3.29 10.81
CA ARG H 290 -53.97 3.40 12.02
C ARG H 290 -52.56 2.82 11.83
N VAL H 291 -52.40 1.83 10.96
CA VAL H 291 -51.06 1.33 10.68
C VAL H 291 -50.24 2.39 9.98
N PHE H 292 -50.83 3.09 9.01
CA PHE H 292 -50.10 4.14 8.30
C PHE H 292 -49.71 5.28 9.22
N ARG H 293 -50.38 5.40 10.37
CA ARG H 293 -50.06 6.46 11.31
C ARG H 293 -48.68 6.28 11.95
N VAL H 294 -48.05 5.13 11.78
CA VAL H 294 -46.70 4.93 12.31
C VAL H 294 -45.63 5.43 11.35
N PHE H 295 -45.97 5.62 10.08
CA PHE H 295 -44.97 6.07 9.12
C PHE H 295 -44.51 7.50 9.37
N ARG H 296 -45.14 8.21 10.31
CA ARG H 296 -44.63 9.51 10.70
C ARG H 296 -43.39 9.42 11.57
N ILE H 297 -43.00 8.20 11.99
CA ILE H 297 -41.74 8.05 12.70
C ILE H 297 -40.56 8.23 11.76
N PHE H 298 -40.78 8.15 10.45
CA PHE H 298 -39.73 8.42 9.49
C PHE H 298 -39.40 9.91 9.40
N LYS H 299 -40.25 10.77 9.96
CA LYS H 299 -39.95 12.20 9.98
C LYS H 299 -38.71 12.52 10.78
N PHE H 300 -38.20 11.59 11.57
CA PHE H 300 -36.91 11.78 12.23
C PHE H 300 -35.75 11.75 11.25
N SER H 301 -36.02 11.56 9.96
CA SER H 301 -34.94 11.61 8.98
C SER H 301 -34.26 12.97 8.96
N ARG H 302 -35.00 14.03 9.26
CA ARG H 302 -34.43 15.37 9.25
C ARG H 302 -33.51 15.61 10.44
N HIS H 303 -33.59 14.79 11.48
CA HIS H 303 -32.92 15.06 12.74
C HIS H 303 -31.64 14.25 12.94
N SER H 304 -31.60 13.01 12.46
CA SER H 304 -30.43 12.15 12.65
C SER H 304 -29.79 11.87 11.30
N GLN H 305 -28.50 12.20 11.19
CA GLN H 305 -27.77 11.97 9.95
C GLN H 305 -27.60 10.49 9.65
N GLY H 306 -27.52 9.65 10.68
CA GLY H 306 -27.40 8.22 10.46
C GLY H 306 -28.59 7.64 9.74
N LEU H 307 -29.79 8.12 10.06
CA LEU H 307 -30.98 7.60 9.40
C LEU H 307 -31.06 8.04 7.94
N ARG H 308 -30.32 9.07 7.57
CA ARG H 308 -30.23 9.45 6.16
C ARG H 308 -29.15 8.66 5.45
N ILE H 309 -28.01 8.44 6.11
CA ILE H 309 -26.98 7.58 5.55
C ILE H 309 -27.49 6.17 5.34
N LEU H 310 -28.40 5.69 6.20
CA LEU H 310 -28.99 4.39 6.01
C LEU H 310 -29.79 4.32 4.72
N GLY H 311 -30.58 5.34 4.43
CA GLY H 311 -31.29 5.38 3.16
C GLY H 311 -30.34 5.50 1.98
N TYR H 312 -29.29 6.30 2.13
CA TYR H 312 -28.33 6.48 1.04
C TYR H 312 -27.64 5.17 0.71
N THR H 313 -27.29 4.38 1.73
CA THR H 313 -26.63 3.11 1.49
C THR H 313 -27.60 2.02 1.06
N LEU H 314 -28.87 2.09 1.49
CA LEU H 314 -29.84 1.15 0.96
C LEU H 314 -30.12 1.41 -0.52
N LYS H 315 -30.02 2.66 -0.95
CA LYS H 315 -30.21 2.97 -2.36
C LYS H 315 -28.94 2.74 -3.16
N SER H 316 -27.76 2.84 -2.54
CA SER H 316 -26.53 2.67 -3.27
C SER H 316 -26.28 1.22 -3.65
N CYS H 317 -26.78 0.27 -2.85
CA CYS H 317 -26.54 -1.15 -3.07
C CYS H 317 -27.86 -1.91 -3.25
N ALA H 318 -28.76 -1.36 -4.06
CA ALA H 318 -30.01 -2.06 -4.35
C ALA H 318 -29.80 -3.27 -5.26
N SER H 319 -28.74 -3.27 -6.07
CA SER H 319 -28.44 -4.43 -6.90
C SER H 319 -28.12 -5.67 -6.07
N GLU H 320 -27.64 -5.49 -4.84
CA GLU H 320 -27.40 -6.60 -3.94
C GLU H 320 -28.67 -7.04 -3.22
N LEU H 321 -29.53 -6.11 -2.84
CA LEU H 321 -30.79 -6.47 -2.19
C LEU H 321 -31.72 -7.20 -3.16
N GLY H 322 -31.68 -6.85 -4.43
CA GLY H 322 -32.47 -7.59 -5.41
C GLY H 322 -32.07 -9.05 -5.46
N PHE H 323 -30.77 -9.32 -5.58
CA PHE H 323 -30.31 -10.69 -5.58
C PHE H 323 -30.56 -11.37 -4.26
N LEU H 324 -30.49 -10.63 -3.15
CA LEU H 324 -30.84 -11.20 -1.86
C LEU H 324 -32.27 -11.72 -1.88
N LEU H 325 -33.21 -10.88 -2.25
CA LEU H 325 -34.61 -11.30 -2.31
C LEU H 325 -34.79 -12.48 -3.25
N PHE H 326 -34.13 -12.45 -4.40
CA PHE H 326 -34.33 -13.51 -5.39
C PHE H 326 -33.79 -14.85 -4.89
N SER H 327 -32.53 -14.87 -4.46
CA SER H 327 -31.94 -16.11 -3.96
C SER H 327 -32.68 -16.61 -2.72
N LEU H 328 -33.14 -15.69 -1.89
CA LEU H 328 -33.87 -16.08 -0.69
C LEU H 328 -35.17 -16.78 -1.05
N THR H 329 -35.97 -16.19 -1.93
CA THR H 329 -37.24 -16.81 -2.29
C THR H 329 -37.00 -18.12 -3.05
N MET H 330 -35.93 -18.19 -3.85
CA MET H 330 -35.60 -19.43 -4.53
C MET H 330 -35.31 -20.55 -3.55
N ALA H 331 -34.42 -20.28 -2.59
CA ALA H 331 -34.08 -21.29 -1.58
C ALA H 331 -35.30 -21.65 -0.75
N ILE H 332 -36.16 -20.68 -0.46
CA ILE H 332 -37.36 -20.95 0.31
C ILE H 332 -38.26 -21.93 -0.44
N ILE H 333 -38.45 -21.70 -1.73
CA ILE H 333 -39.30 -22.61 -2.50
C ILE H 333 -38.70 -24.00 -2.55
N ILE H 334 -37.39 -24.09 -2.79
CA ILE H 334 -36.74 -25.40 -2.87
C ILE H 334 -36.92 -26.17 -1.57
N PHE H 335 -36.53 -25.56 -0.46
CA PHE H 335 -36.54 -26.27 0.81
C PHE H 335 -37.97 -26.50 1.31
N ALA H 336 -38.91 -25.64 0.98
CA ALA H 336 -40.28 -25.88 1.38
C ALA H 336 -40.89 -27.04 0.62
N THR H 337 -40.56 -27.17 -0.68
CA THR H 337 -40.98 -28.34 -1.43
C THR H 337 -40.43 -29.61 -0.81
N VAL H 338 -39.11 -29.65 -0.59
CA VAL H 338 -38.49 -30.86 -0.05
C VAL H 338 -39.08 -31.19 1.32
N MET H 339 -39.22 -30.20 2.19
CA MET H 339 -39.71 -30.46 3.54
C MET H 339 -41.17 -30.88 3.54
N PHE H 340 -41.98 -30.32 2.66
CA PHE H 340 -43.38 -30.72 2.59
C PHE H 340 -43.51 -32.16 2.15
N TYR H 341 -42.78 -32.55 1.10
CA TYR H 341 -42.91 -33.92 0.62
C TYR H 341 -42.28 -34.91 1.58
N ALA H 342 -41.25 -34.51 2.33
CA ALA H 342 -40.66 -35.41 3.30
C ALA H 342 -41.47 -35.50 4.59
N GLU H 343 -42.31 -34.51 4.87
CA GLU H 343 -43.01 -34.44 6.15
C GLU H 343 -44.52 -34.50 5.97
N LYS H 344 -44.99 -34.78 4.75
CA LYS H 344 -46.42 -34.68 4.45
C LYS H 344 -47.23 -35.65 5.29
N GLY H 345 -46.85 -36.93 5.32
CA GLY H 345 -47.61 -37.92 6.05
C GLY H 345 -47.09 -38.16 7.44
N SER H 346 -47.80 -37.64 8.45
CA SER H 346 -47.41 -37.81 9.83
C SER H 346 -48.65 -37.72 10.70
N SER H 347 -48.46 -37.89 12.00
CA SER H 347 -49.57 -37.99 12.95
C SER H 347 -50.47 -36.76 12.90
N ALA H 348 -49.94 -35.62 13.30
CA ALA H 348 -50.66 -34.35 13.27
C ALA H 348 -49.86 -33.32 12.51
N SER H 349 -49.35 -33.72 11.34
CA SER H 349 -48.43 -32.90 10.58
C SER H 349 -49.00 -31.51 10.33
N LYS H 350 -48.20 -30.49 10.66
CA LYS H 350 -48.54 -29.11 10.35
C LYS H 350 -47.95 -28.68 9.02
N PHE H 351 -47.26 -29.58 8.33
CA PHE H 351 -46.82 -29.34 6.96
C PHE H 351 -47.94 -29.74 6.00
N THR H 352 -49.03 -29.00 6.05
CA THR H 352 -50.21 -29.33 5.26
C THR H 352 -50.10 -28.88 3.81
N SER H 353 -49.12 -28.04 3.47
CA SER H 353 -49.04 -27.50 2.13
C SER H 353 -47.67 -26.89 1.92
N ILE H 354 -47.31 -26.67 0.66
CA ILE H 354 -46.00 -26.10 0.33
C ILE H 354 -45.97 -24.63 0.74
N PRO H 355 -47.04 -23.85 0.55
CA PRO H 355 -47.07 -22.53 1.21
C PRO H 355 -47.00 -22.62 2.72
N ALA H 356 -47.71 -23.57 3.33
CA ALA H 356 -47.65 -23.72 4.78
C ALA H 356 -46.28 -24.14 5.27
N SER H 357 -45.41 -24.62 4.39
CA SER H 357 -44.05 -24.95 4.74
C SER H 357 -43.08 -23.81 4.48
N PHE H 358 -43.56 -22.70 3.93
CA PHE H 358 -42.72 -21.51 3.86
C PHE H 358 -42.37 -21.02 5.25
N TRP H 359 -43.36 -20.94 6.14
CA TRP H 359 -43.13 -20.49 7.51
C TRP H 359 -41.94 -21.20 8.13
N TYR H 360 -42.04 -22.52 8.29
CA TYR H 360 -40.93 -23.30 8.81
C TYR H 360 -39.61 -22.88 8.18
N THR H 361 -39.57 -22.84 6.85
CA THR H 361 -38.30 -22.59 6.19
C THR H 361 -37.76 -21.22 6.53
N ILE H 362 -38.61 -20.19 6.54
CA ILE H 362 -38.08 -18.87 6.83
C ILE H 362 -37.73 -18.75 8.31
N VAL H 363 -38.32 -19.60 9.15
CA VAL H 363 -37.93 -19.60 10.55
C VAL H 363 -36.63 -20.36 10.73
N THR H 364 -36.27 -21.22 9.78
CA THR H 364 -35.06 -22.01 9.91
C THR H 364 -33.87 -21.37 9.20
N MET H 365 -34.10 -20.69 8.08
CA MET H 365 -32.99 -20.08 7.36
C MET H 365 -32.43 -18.87 8.11
N THR H 366 -33.26 -18.19 8.89
CA THR H 366 -32.82 -17.05 9.67
C THR H 366 -32.27 -17.44 11.03
N THR H 367 -32.13 -18.74 11.30
CA THR H 367 -31.70 -19.26 12.60
C THR H 367 -32.58 -18.73 13.73
N LEU H 368 -33.86 -18.58 13.44
CA LEU H 368 -34.81 -18.15 14.47
C LEU H 368 -35.27 -19.33 15.31
N GLY H 369 -35.94 -20.29 14.70
CA GLY H 369 -36.32 -21.50 15.40
C GLY H 369 -37.32 -21.27 16.51
N TYR H 370 -38.56 -20.91 16.16
CA TYR H 370 -39.59 -20.78 17.17
C TYR H 370 -39.92 -22.12 17.81
N GLY H 371 -40.09 -23.15 16.98
CA GLY H 371 -40.36 -24.48 17.47
C GLY H 371 -41.80 -24.93 17.39
N ASP H 372 -42.68 -24.11 16.82
CA ASP H 372 -44.06 -24.52 16.62
C ASP H 372 -44.22 -25.46 15.43
N MET H 373 -43.23 -25.54 14.55
CA MET H 373 -43.19 -26.50 13.46
C MET H 373 -41.81 -27.12 13.44
N VAL H 374 -41.72 -28.40 13.82
CA VAL H 374 -40.45 -29.12 13.74
C VAL H 374 -40.69 -30.42 12.98
N PRO H 375 -39.72 -30.88 12.18
CA PRO H 375 -39.88 -32.17 11.52
C PRO H 375 -39.85 -33.32 12.51
N LYS H 376 -40.40 -34.45 12.07
CA LYS H 376 -40.43 -35.66 12.88
C LYS H 376 -39.94 -36.89 12.14
N THR H 377 -39.51 -36.75 10.88
CA THR H 377 -38.99 -37.86 10.09
C THR H 377 -37.52 -37.64 9.80
N ILE H 378 -36.82 -38.72 9.48
CA ILE H 378 -35.38 -38.64 9.24
C ILE H 378 -35.07 -37.70 8.09
N ALA H 379 -35.84 -37.78 7.01
CA ALA H 379 -35.61 -36.89 5.87
C ALA H 379 -35.92 -35.44 6.22
N GLY H 380 -36.99 -35.22 6.99
CA GLY H 380 -37.28 -33.88 7.45
C GLY H 380 -36.17 -33.29 8.29
N LYS H 381 -35.62 -34.08 9.20
CA LYS H 381 -34.53 -33.59 10.03
C LYS H 381 -33.28 -33.29 9.21
N ILE H 382 -32.93 -34.20 8.30
CA ILE H 382 -31.75 -33.97 7.46
C ILE H 382 -31.91 -32.69 6.64
N PHE H 383 -33.09 -32.48 6.06
CA PHE H 383 -33.24 -31.33 5.18
C PHE H 383 -33.46 -30.02 5.93
N GLY H 384 -34.01 -30.06 7.13
CA GLY H 384 -34.01 -28.87 7.97
C GLY H 384 -32.59 -28.49 8.36
N SER H 385 -31.78 -29.51 8.67
CA SER H 385 -30.40 -29.25 9.03
C SER H 385 -29.60 -28.66 7.88
N ILE H 386 -29.94 -29.05 6.65
CA ILE H 386 -29.27 -28.41 5.52
C ILE H 386 -29.85 -27.03 5.23
N CYS H 387 -31.16 -26.84 5.47
CA CYS H 387 -31.80 -25.56 5.23
C CYS H 387 -31.23 -24.48 6.11
N SER H 388 -30.92 -24.81 7.37
CA SER H 388 -30.38 -23.79 8.28
C SER H 388 -29.06 -23.23 7.76
N LEU H 389 -28.12 -24.12 7.42
CA LEU H 389 -26.83 -23.67 6.92
C LEU H 389 -26.97 -22.95 5.59
N SER H 390 -27.87 -23.44 4.72
CA SER H 390 -28.06 -22.78 3.44
C SER H 390 -28.57 -21.35 3.63
N GLY H 391 -29.51 -21.17 4.55
CA GLY H 391 -29.99 -19.83 4.85
C GLY H 391 -28.89 -18.94 5.39
N VAL H 392 -28.07 -19.48 6.31
CA VAL H 392 -26.96 -18.69 6.84
C VAL H 392 -26.08 -18.20 5.71
N LEU H 393 -25.71 -19.09 4.79
CA LEU H 393 -24.76 -18.68 3.76
C LEU H 393 -25.39 -17.77 2.71
N VAL H 394 -26.70 -17.90 2.45
CA VAL H 394 -27.30 -17.01 1.46
C VAL H 394 -27.69 -15.66 2.05
N ILE H 395 -27.80 -15.54 3.38
CA ILE H 395 -28.00 -14.23 3.98
C ILE H 395 -26.67 -13.57 4.32
N ALA H 396 -25.58 -14.34 4.42
CA ALA H 396 -24.27 -13.75 4.70
C ALA H 396 -23.66 -13.03 3.50
N LEU H 397 -24.33 -13.01 2.34
CA LEU H 397 -23.75 -12.38 1.16
C LEU H 397 -23.93 -10.87 1.14
N PRO H 398 -25.13 -10.32 1.38
CA PRO H 398 -25.30 -8.86 1.28
C PRO H 398 -24.82 -8.08 2.49
N VAL H 399 -24.64 -8.74 3.65
CA VAL H 399 -24.31 -8.01 4.87
C VAL H 399 -22.95 -7.32 4.79
N PRO H 400 -21.88 -7.97 4.33
CA PRO H 400 -20.60 -7.24 4.21
C PRO H 400 -20.71 -6.03 3.29
N VAL H 401 -21.40 -6.18 2.15
CA VAL H 401 -21.55 -5.06 1.23
C VAL H 401 -22.28 -3.91 1.91
N ILE H 402 -23.37 -4.22 2.63
CA ILE H 402 -24.16 -3.17 3.24
C ILE H 402 -23.36 -2.43 4.31
N VAL H 403 -22.68 -3.18 5.19
CA VAL H 403 -21.95 -2.50 6.25
C VAL H 403 -20.75 -1.74 5.70
N SER H 404 -20.10 -2.27 4.66
CA SER H 404 -18.98 -1.56 4.07
C SER H 404 -19.43 -0.27 3.42
N ASN H 405 -20.54 -0.31 2.69
CA ASN H 405 -21.09 0.90 2.09
C ASN H 405 -21.47 1.92 3.16
N PHE H 406 -22.07 1.44 4.26
CA PHE H 406 -22.45 2.36 5.33
C PHE H 406 -21.24 3.08 5.91
N SER H 407 -20.21 2.31 6.30
CA SER H 407 -19.02 2.93 6.86
C SER H 407 -18.33 3.84 5.86
N ARG H 408 -18.32 3.44 4.58
CA ARG H 408 -17.69 4.24 3.55
C ARG H 408 -18.40 5.59 3.39
N ILE H 409 -19.73 5.57 3.34
CA ILE H 409 -20.47 6.83 3.19
C ILE H 409 -20.31 7.70 4.43
N TYR H 410 -20.27 7.09 5.62
CA TYR H 410 -20.08 7.89 6.82
C TYR H 410 -18.72 8.60 6.82
N HIS H 411 -17.65 7.85 6.57
CA HIS H 411 -16.32 8.45 6.52
C HIS H 411 -16.14 9.36 5.32
N GLN H 412 -16.99 9.22 4.30
CA GLN H 412 -16.97 10.16 3.19
C GLN H 412 -17.56 11.50 3.60
N ASN H 413 -18.72 11.48 4.28
CA ASN H 413 -19.32 12.72 4.74
C ASN H 413 -18.42 13.44 5.73
N GLN H 414 -17.75 12.69 6.61
CA GLN H 414 -16.81 13.29 7.55
C GLN H 414 -15.76 14.12 6.82
N ARG H 415 -15.05 13.50 5.89
CA ARG H 415 -13.99 14.20 5.17
C ARG H 415 -14.56 15.33 4.32
N ALA H 416 -15.78 15.17 3.80
CA ALA H 416 -16.37 16.24 3.01
C ALA H 416 -16.56 17.50 3.85
N ASP H 417 -17.14 17.35 5.04
CA ASP H 417 -17.32 18.53 5.88
C ASP H 417 -15.98 19.11 6.34
N LYS H 418 -14.99 18.26 6.62
CA LYS H 418 -13.71 18.78 7.08
C LYS H 418 -13.00 19.57 5.97
N ARG H 419 -13.05 19.08 4.74
CA ARG H 419 -12.45 19.81 3.63
C ARG H 419 -13.21 21.11 3.37
N ARG H 420 -14.53 21.08 3.47
CA ARG H 420 -15.29 22.33 3.33
C ARG H 420 -14.93 23.31 4.44
N ALA H 421 -14.48 22.80 5.58
CA ALA H 421 -13.98 23.69 6.63
C ALA H 421 -12.68 24.35 6.21
N GLN H 422 -11.70 23.55 5.77
CA GLN H 422 -10.38 24.13 5.47
C GLN H 422 -10.38 25.00 4.22
N LYS H 423 -11.38 24.83 3.33
CA LYS H 423 -11.47 25.69 2.17
C LYS H 423 -11.63 27.16 2.58
N LYS H 424 -12.47 27.42 3.58
CA LYS H 424 -12.61 28.78 4.09
C LYS H 424 -11.30 29.31 4.64
N ALA H 425 -10.50 28.44 5.26
CA ALA H 425 -9.21 28.87 5.80
C ALA H 425 -8.29 29.33 4.68
N ARG H 426 -8.23 28.59 3.58
CA ARG H 426 -7.32 29.02 2.52
C ARG H 426 -7.86 30.24 1.77
N LEU H 427 -9.18 30.38 1.66
CA LEU H 427 -9.73 31.61 1.11
C LEU H 427 -9.38 32.81 1.99
N ALA H 428 -9.47 32.64 3.31
CA ALA H 428 -9.02 33.68 4.23
C ALA H 428 -7.56 34.02 3.97
N ARG H 429 -6.72 32.99 3.82
CA ARG H 429 -5.31 33.22 3.52
C ARG H 429 -5.14 34.09 2.28
N ILE H 430 -5.86 33.78 1.21
CA ILE H 430 -5.59 34.49 -0.05
C ILE H 430 -6.07 35.94 0.02
N ARG H 431 -7.24 36.20 0.60
CA ARG H 431 -7.64 37.61 0.60
C ARG H 431 -6.90 38.39 1.68
N VAL H 432 -6.37 37.72 2.71
CA VAL H 432 -5.41 38.37 3.60
C VAL H 432 -4.17 38.82 2.82
N ALA H 433 -3.65 37.93 1.97
CA ALA H 433 -2.47 38.29 1.18
C ALA H 433 -2.77 39.47 0.25
N LYS H 434 -3.94 39.48 -0.38
CA LYS H 434 -4.24 40.59 -1.29
C LYS H 434 -4.44 41.90 -0.53
N THR H 435 -5.03 41.82 0.67
CA THR H 435 -5.11 43.00 1.52
C THR H 435 -3.71 43.50 1.88
N GLY H 436 -2.79 42.58 2.16
CA GLY H 436 -1.43 42.97 2.46
C GLY H 436 -0.75 43.65 1.28
N SER H 437 -1.03 43.19 0.06
CA SER H 437 -0.46 43.83 -1.12
C SER H 437 -1.02 45.24 -1.30
N SER H 438 -2.34 45.41 -1.08
CA SER H 438 -2.92 46.74 -1.20
C SER H 438 -2.36 47.68 -0.13
N ASN H 439 -2.14 47.16 1.09
CA ASN H 439 -1.55 47.98 2.13
C ASN H 439 -0.10 48.32 1.79
N ALA H 440 0.62 47.41 1.13
CA ALA H 440 1.97 47.73 0.68
C ALA H 440 1.95 48.84 -0.37
N TYR H 441 0.94 48.83 -1.24
CA TYR H 441 0.81 49.94 -2.19
C TYR H 441 0.55 51.26 -1.47
N LEU H 442 -0.41 51.27 -0.55
CA LEU H 442 -0.70 52.50 0.18
C LEU H 442 0.51 52.96 0.99
N HIS H 443 1.32 52.02 1.47
CA HIS H 443 2.54 52.38 2.18
C HIS H 443 3.55 53.02 1.25
N SER H 444 3.78 52.43 0.08
CA SER H 444 4.70 53.03 -0.88
C SER H 444 4.21 54.38 -1.37
N LYS H 445 2.88 54.60 -1.35
CA LYS H 445 2.37 55.92 -1.70
C LYS H 445 2.72 56.96 -0.64
N ARG H 446 2.82 56.55 0.61
CA ARG H 446 3.28 57.44 1.68
C ARG H 446 4.80 57.53 1.75
N ASN H 447 5.50 57.10 0.70
CA ASN H 447 6.95 57.22 0.59
C ASN H 447 7.67 56.56 1.77
N SER H 470 10.85 47.06 -4.86
CA SER H 470 11.61 45.82 -4.90
C SER H 470 11.68 45.27 -6.32
N LEU H 471 12.04 46.15 -7.26
CA LEU H 471 12.45 45.84 -8.63
C LEU H 471 11.33 45.25 -9.48
N ILE H 472 10.19 44.92 -8.87
CA ILE H 472 9.03 44.44 -9.62
C ILE H 472 7.83 45.28 -9.24
N GLU H 473 7.58 45.39 -7.93
CA GLU H 473 6.45 46.15 -7.44
C GLU H 473 6.53 47.62 -7.88
N SER H 474 7.71 48.07 -8.28
CA SER H 474 7.84 49.43 -8.80
C SER H 474 6.91 49.63 -10.00
N GLN H 475 6.96 48.72 -10.96
CA GLN H 475 6.15 48.86 -12.17
C GLN H 475 4.67 48.65 -11.88
N HIS H 476 4.34 47.74 -10.97
CA HIS H 476 2.94 47.53 -10.60
C HIS H 476 2.37 48.77 -9.92
N HIS H 477 3.09 49.29 -8.93
CA HIS H 477 2.67 50.53 -8.29
C HIS H 477 2.58 51.68 -9.27
N HIS H 478 3.49 51.72 -10.25
CA HIS H 478 3.41 52.77 -11.26
C HIS H 478 2.17 52.60 -12.13
N LEU H 479 1.79 51.36 -12.41
CA LEU H 479 0.56 51.11 -13.16
C LEU H 479 -0.64 51.63 -12.37
N LEU H 480 -0.67 51.34 -11.07
CA LEU H 480 -1.77 51.83 -10.24
C LEU H 480 -1.77 53.35 -10.18
N HIS H 481 -0.59 53.96 -10.07
CA HIS H 481 -0.50 55.42 -10.04
C HIS H 481 -1.00 56.02 -11.34
N CYS H 482 -0.64 55.42 -12.48
CA CYS H 482 -1.18 55.84 -13.75
C CYS H 482 -2.70 55.69 -13.77
N LEU H 483 -3.22 54.63 -13.15
CA LEU H 483 -4.66 54.48 -13.04
C LEU H 483 -5.30 55.60 -12.23
N GLU H 484 -4.57 56.13 -11.25
CA GLU H 484 -5.11 57.18 -10.39
C GLU H 484 -5.54 58.43 -11.16
N LYS H 485 -5.32 58.48 -12.48
CA LYS H 485 -5.94 59.51 -13.30
C LYS H 485 -7.43 59.61 -13.04
N THR H 486 -8.10 58.48 -12.80
CA THR H 486 -9.48 58.52 -12.36
C THR H 486 -9.55 59.09 -10.95
N THR H 487 -10.55 59.93 -10.72
CA THR H 487 -10.63 60.61 -9.44
C THR H 487 -12.08 60.95 -9.10
#